data_4DBV
#
_entry.id   4DBV
#
_cell.length_a   134.140
_cell.length_b   123.950
_cell.length_c   96.730
_cell.angle_alpha   90.00
_cell.angle_beta   90.00
_cell.angle_gamma   90.00
#
_symmetry.space_group_name_H-M   'P 21 21 2'
#
loop_
_entity.id
_entity.type
_entity.pdbx_description
1 polymer 'GLYCERALDEHYDE-3-PHOSPHATE DEHYDROGENASE'
2 non-polymer 'SULFATE ION'
3 non-polymer 'NADPH DIHYDRO-NICOTINAMIDE-ADENINE-DINUCLEOTIDE PHOSPHATE'
4 water water
#
_entity_poly.entity_id   1
_entity_poly.type   'polypeptide(L)'
_entity_poly.pdbx_seq_one_letter_code
;AVKVGINGFGRIGRNVFRAALKNPDIEVVAVNDTGGANTLAHLLKYDSVHGRLDAEVSVNGNNLVVNGKEIIVKAERDPE
NLAWGEIGVDIVVESTGRFTKREDAAKHLEAGAKKVIISAPAKNEDITIVMGVNQDKYDPKAHHVISNASCTTNCLAPFA
KVLHEQFGIVRGMMTTVHSYTNDQRILDASHKDLRRARAAAESIIPTTTGAAKAVALVLPELKGKLNGMAMRVPTPNVSV
VDLVAELEKEVTVEEVNAALKAAAEGELKGILAYSEEPLVSRDYNGSTVSSTIDALSTMVIDGKMVKVVSWYDNETGYSH
RVVDLAAYIASKGL
;
_entity_poly.pdbx_strand_id   O,P,Q,R
#
loop_
_chem_comp.id
_chem_comp.type
_chem_comp.name
_chem_comp.formula
NDP non-polymer 'NADPH DIHYDRO-NICOTINAMIDE-ADENINE-DINUCLEOTIDE PHOSPHATE' 'C21 H30 N7 O17 P3'
SO4 non-polymer 'SULFATE ION' 'O4 S -2'
#
# COMPACT_ATOMS: atom_id res chain seq x y z
N ALA A 1 7.55 8.11 -40.38
CA ALA A 1 8.25 7.65 -41.62
C ALA A 1 8.64 6.18 -41.50
N VAL A 2 9.56 5.89 -40.57
CA VAL A 2 10.01 4.53 -40.34
C VAL A 2 8.91 3.77 -39.64
N LYS A 3 8.59 2.59 -40.17
CA LYS A 3 7.55 1.75 -39.60
C LYS A 3 8.17 0.85 -38.53
N VAL A 4 7.51 0.78 -37.38
CA VAL A 4 7.98 0.01 -36.23
C VAL A 4 6.93 -1.00 -35.86
N GLY A 5 7.37 -2.10 -35.26
CA GLY A 5 6.46 -3.13 -34.79
C GLY A 5 6.85 -3.42 -33.34
N ILE A 6 5.87 -3.62 -32.47
CA ILE A 6 6.15 -3.88 -31.06
C ILE A 6 5.82 -5.30 -30.71
N ASN A 7 6.79 -6.02 -30.14
CA ASN A 7 6.54 -7.40 -29.75
C ASN A 7 6.45 -7.46 -28.22
N GLY A 8 5.26 -7.78 -27.73
CA GLY A 8 5.03 -7.80 -26.30
C GLY A 8 4.46 -6.44 -25.93
N PHE A 9 3.12 -6.36 -25.90
CA PHE A 9 2.42 -5.12 -25.59
C PHE A 9 2.12 -4.97 -24.09
N GLY A 10 3.15 -5.07 -23.26
CA GLY A 10 2.97 -4.96 -21.82
C GLY A 10 3.22 -3.55 -21.27
N ARG A 11 3.82 -3.46 -20.09
CA ARG A 11 4.11 -2.17 -19.50
C ARG A 11 5.01 -1.31 -20.38
N ILE A 12 6.06 -1.91 -20.93
CA ILE A 12 6.98 -1.18 -21.78
C ILE A 12 6.48 -1.05 -23.22
N GLY A 13 5.81 -2.08 -23.73
CA GLY A 13 5.28 -2.02 -25.08
C GLY A 13 4.26 -0.90 -25.22
N ARG A 14 3.30 -0.83 -24.29
CA ARG A 14 2.25 0.20 -24.34
C ARG A 14 2.78 1.61 -24.10
N ASN A 15 3.80 1.73 -23.25
CA ASN A 15 4.41 3.02 -22.98
C ASN A 15 5.33 3.43 -24.10
N VAL A 16 5.86 2.45 -24.84
CA VAL A 16 6.68 2.79 -25.98
C VAL A 16 5.68 3.33 -27.00
N PHE A 17 4.53 2.67 -27.11
CA PHE A 17 3.47 3.09 -28.02
C PHE A 17 3.02 4.53 -27.71
N ARG A 18 2.84 4.84 -26.42
CA ARG A 18 2.43 6.19 -25.98
C ARG A 18 3.50 7.23 -26.30
N ALA A 19 4.76 6.83 -26.21
CA ALA A 19 5.86 7.73 -26.48
C ALA A 19 5.98 8.04 -27.96
N ALA A 20 5.71 7.04 -28.80
CA ALA A 20 5.78 7.14 -30.26
C ALA A 20 4.76 8.12 -30.81
N LEU A 21 3.61 8.22 -30.15
CA LEU A 21 2.54 9.14 -30.58
C LEU A 21 3.04 10.57 -30.62
N LYS A 22 4.03 10.88 -29.79
CA LYS A 22 4.60 12.21 -29.75
C LYS A 22 5.93 12.25 -30.51
N ASN A 23 6.05 11.48 -31.59
CA ASN A 23 7.26 11.47 -32.41
C ASN A 23 6.88 11.26 -33.88
N PRO A 24 7.03 12.30 -34.71
CA PRO A 24 6.69 12.25 -36.14
C PRO A 24 7.58 11.36 -37.03
N ASP A 25 8.76 10.96 -36.53
CA ASP A 25 9.65 10.14 -37.32
C ASP A 25 9.32 8.68 -37.33
N ILE A 26 8.84 8.16 -36.21
CA ILE A 26 8.52 6.76 -36.16
C ILE A 26 7.03 6.55 -36.33
N GLU A 27 6.66 5.37 -36.81
CA GLU A 27 5.28 5.05 -37.08
C GLU A 27 5.07 3.60 -36.65
N VAL A 28 4.28 3.39 -35.60
CA VAL A 28 3.97 2.04 -35.11
C VAL A 28 2.84 1.48 -35.99
N VAL A 29 3.10 0.40 -36.70
CA VAL A 29 2.09 -0.16 -37.61
C VAL A 29 1.44 -1.47 -37.17
N ALA A 30 2.12 -2.22 -36.31
CA ALA A 30 1.58 -3.48 -35.83
C ALA A 30 2.18 -3.85 -34.47
N VAL A 31 1.42 -4.63 -33.69
CA VAL A 31 1.86 -5.11 -32.39
C VAL A 31 1.51 -6.58 -32.29
N ASN A 32 2.27 -7.30 -31.50
CA ASN A 32 2.06 -8.71 -31.32
C ASN A 32 2.08 -8.91 -29.83
N ASP A 33 1.10 -9.65 -29.32
CA ASP A 33 0.97 -9.91 -27.90
C ASP A 33 0.02 -11.10 -27.80
N THR A 34 0.06 -11.81 -26.67
CA THR A 34 -0.80 -12.94 -26.47
C THR A 34 -2.24 -12.49 -26.27
N GLY A 35 -2.44 -11.28 -25.77
CA GLY A 35 -3.77 -10.77 -25.55
C GLY A 35 -4.55 -10.46 -26.82
N GLY A 36 -5.87 -10.35 -26.67
CA GLY A 36 -6.74 -10.05 -27.79
C GLY A 36 -6.87 -8.54 -27.98
N ALA A 37 -7.28 -8.13 -29.18
CA ALA A 37 -7.44 -6.71 -29.51
C ALA A 37 -8.28 -5.91 -28.50
N ASN A 38 -9.40 -6.46 -28.06
CA ASN A 38 -10.25 -5.76 -27.12
C ASN A 38 -9.57 -5.54 -25.79
N THR A 39 -8.87 -6.56 -25.32
CA THR A 39 -8.15 -6.45 -24.07
C THR A 39 -7.06 -5.40 -24.22
N LEU A 40 -6.33 -5.50 -25.31
CA LEU A 40 -5.24 -4.57 -25.59
C LEU A 40 -5.71 -3.13 -25.75
N ALA A 41 -6.90 -2.94 -26.33
CA ALA A 41 -7.45 -1.60 -26.52
C ALA A 41 -7.75 -1.04 -25.14
N HIS A 42 -8.47 -1.80 -24.33
CA HIS A 42 -8.80 -1.33 -22.99
C HIS A 42 -7.56 -0.92 -22.19
N LEU A 43 -6.58 -1.82 -22.13
CA LEU A 43 -5.35 -1.57 -21.38
C LEU A 43 -4.51 -0.42 -21.90
N LEU A 44 -4.67 -0.08 -23.17
CA LEU A 44 -3.94 1.02 -23.79
C LEU A 44 -4.61 2.35 -23.46
N LYS A 45 -5.95 2.30 -23.43
CA LYS A 45 -6.78 3.45 -23.13
C LYS A 45 -6.66 3.86 -21.65
N TYR A 46 -6.98 2.95 -20.74
CA TYR A 46 -6.90 3.24 -19.30
C TYR A 46 -5.68 2.62 -18.64
N ASP A 47 -4.87 3.46 -18.02
CA ASP A 47 -3.65 3.05 -17.33
C ASP A 47 -3.64 3.55 -15.86
N SER A 48 -3.52 2.62 -14.91
CA SER A 48 -3.52 2.92 -13.47
C SER A 48 -2.40 3.84 -12.97
N VAL A 49 -1.30 3.93 -13.71
CA VAL A 49 -0.14 4.73 -13.32
C VAL A 49 -0.05 6.00 -14.16
N HIS A 50 -0.49 5.91 -15.41
CA HIS A 50 -0.35 7.06 -16.29
C HIS A 50 -1.64 7.72 -16.72
N GLY A 51 -2.78 7.18 -16.32
CA GLY A 51 -4.02 7.79 -16.70
C GLY A 51 -4.51 7.42 -18.08
N ARG A 52 -5.43 8.22 -18.58
CA ARG A 52 -6.03 7.99 -19.88
C ARG A 52 -5.16 8.40 -21.02
N LEU A 53 -5.16 7.58 -22.07
CA LEU A 53 -4.39 7.88 -23.28
C LEU A 53 -5.18 8.98 -23.99
N ASP A 54 -4.50 10.08 -24.33
CA ASP A 54 -5.16 11.17 -25.03
C ASP A 54 -5.04 10.90 -26.52
N ALA A 55 -5.93 10.05 -27.00
CA ALA A 55 -6.03 9.62 -28.40
C ALA A 55 -7.29 8.77 -28.46
N GLU A 56 -7.86 8.62 -29.66
CA GLU A 56 -9.06 7.79 -29.80
C GLU A 56 -8.59 6.37 -30.03
N VAL A 57 -9.03 5.44 -29.20
CA VAL A 57 -8.66 4.04 -29.34
C VAL A 57 -9.94 3.25 -29.53
N SER A 58 -9.95 2.37 -30.52
CA SER A 58 -11.12 1.53 -30.78
C SER A 58 -10.66 0.26 -31.45
N VAL A 59 -11.59 -0.63 -31.72
CA VAL A 59 -11.28 -1.92 -32.34
C VAL A 59 -12.00 -2.11 -33.66
N ASN A 60 -11.26 -2.50 -34.69
CA ASN A 60 -11.85 -2.75 -36.00
C ASN A 60 -11.42 -4.14 -36.42
N GLY A 61 -12.35 -5.07 -36.32
CA GLY A 61 -12.06 -6.46 -36.65
C GLY A 61 -11.32 -7.04 -35.48
N ASN A 62 -10.08 -7.45 -35.70
CA ASN A 62 -9.25 -7.95 -34.61
C ASN A 62 -8.00 -7.09 -34.61
N ASN A 63 -8.16 -5.87 -35.12
CA ASN A 63 -7.11 -4.87 -35.23
C ASN A 63 -7.46 -3.68 -34.36
N LEU A 64 -6.44 -2.93 -33.95
CA LEU A 64 -6.67 -1.74 -33.11
C LEU A 64 -6.83 -0.56 -34.05
N VAL A 65 -7.57 0.44 -33.63
CA VAL A 65 -7.70 1.65 -34.44
C VAL A 65 -7.41 2.78 -33.49
N VAL A 66 -6.28 3.44 -33.70
CA VAL A 66 -5.86 4.57 -32.86
C VAL A 66 -5.78 5.84 -33.71
N ASN A 67 -6.59 6.84 -33.35
CA ASN A 67 -6.64 8.13 -34.07
C ASN A 67 -6.83 7.93 -35.56
N GLY A 68 -7.72 7.01 -35.93
CA GLY A 68 -7.95 6.75 -37.35
C GLY A 68 -7.02 5.72 -37.99
N LYS A 69 -5.81 5.56 -37.47
CA LYS A 69 -4.84 4.59 -37.99
C LYS A 69 -5.18 3.18 -37.54
N GLU A 70 -5.24 2.26 -38.49
CA GLU A 70 -5.50 0.87 -38.13
C GLU A 70 -4.11 0.28 -37.76
N ILE A 71 -4.01 -0.39 -36.62
CA ILE A 71 -2.75 -0.98 -36.20
C ILE A 71 -2.98 -2.49 -36.29
N ILE A 72 -2.18 -3.19 -37.07
CA ILE A 72 -2.36 -4.62 -37.20
C ILE A 72 -1.99 -5.29 -35.88
N VAL A 73 -2.87 -6.15 -35.41
CA VAL A 73 -2.65 -6.86 -34.16
C VAL A 73 -2.39 -8.32 -34.47
N LYS A 74 -1.21 -8.80 -34.13
CA LYS A 74 -0.85 -10.20 -34.36
C LYS A 74 -0.88 -10.99 -33.04
N ALA A 75 -0.77 -12.31 -33.13
CA ALA A 75 -0.77 -13.15 -31.95
C ALA A 75 0.06 -14.40 -32.15
N GLU A 76 1.33 -14.21 -32.53
CA GLU A 76 2.26 -15.29 -32.77
C GLU A 76 3.22 -15.38 -31.61
N ARG A 77 3.25 -16.53 -30.95
CA ARG A 77 4.15 -16.71 -29.82
C ARG A 77 5.57 -16.92 -30.31
N ASP A 78 5.73 -17.28 -31.58
CA ASP A 78 7.04 -17.52 -32.15
C ASP A 78 7.34 -16.38 -33.10
N PRO A 79 8.33 -15.53 -32.75
CA PRO A 79 8.73 -14.38 -33.57
C PRO A 79 9.02 -14.65 -35.04
N GLU A 80 9.38 -15.89 -35.36
CA GLU A 80 9.69 -16.29 -36.73
C GLU A 80 8.51 -16.23 -37.69
N ASN A 81 7.29 -16.26 -37.17
CA ASN A 81 6.06 -16.21 -37.98
C ASN A 81 5.34 -14.84 -37.99
N LEU A 82 6.01 -13.77 -37.61
CA LEU A 82 5.35 -12.48 -37.58
C LEU A 82 5.27 -11.74 -38.91
N ALA A 83 6.07 -12.20 -39.86
CA ALA A 83 6.08 -11.60 -41.19
C ALA A 83 6.14 -10.07 -41.17
N TRP A 84 7.12 -9.53 -40.47
CA TRP A 84 7.26 -8.08 -40.38
C TRP A 84 7.55 -7.52 -41.77
N GLY A 85 8.38 -8.21 -42.52
CA GLY A 85 8.75 -7.75 -43.84
C GLY A 85 7.58 -7.50 -44.78
N GLU A 86 6.54 -8.31 -44.68
CA GLU A 86 5.36 -8.17 -45.56
C GLU A 86 4.60 -6.87 -45.36
N ILE A 87 4.58 -6.37 -44.13
CA ILE A 87 3.88 -5.13 -43.82
C ILE A 87 4.82 -3.94 -43.74
N GLY A 88 6.05 -4.14 -44.22
CA GLY A 88 7.02 -3.09 -44.24
C GLY A 88 7.64 -2.64 -42.94
N VAL A 89 7.62 -3.50 -41.92
CA VAL A 89 8.21 -3.16 -40.62
C VAL A 89 9.75 -3.28 -40.64
N ASP A 90 10.44 -2.16 -40.45
CA ASP A 90 11.90 -2.10 -40.44
C ASP A 90 12.52 -2.29 -39.07
N ILE A 91 11.90 -1.70 -38.06
CA ILE A 91 12.41 -1.81 -36.70
C ILE A 91 11.38 -2.50 -35.82
N VAL A 92 11.88 -3.40 -34.99
CA VAL A 92 11.04 -4.16 -34.07
C VAL A 92 11.53 -3.91 -32.66
N VAL A 93 10.60 -3.58 -31.76
CA VAL A 93 10.92 -3.38 -30.36
C VAL A 93 10.59 -4.73 -29.70
N GLU A 94 11.59 -5.39 -29.15
CA GLU A 94 11.39 -6.68 -28.51
C GLU A 94 11.20 -6.41 -27.01
N SER A 95 9.96 -6.51 -26.54
CA SER A 95 9.65 -6.25 -25.15
C SER A 95 8.76 -7.26 -24.46
N THR A 96 8.90 -8.54 -24.82
CA THR A 96 8.13 -9.59 -24.19
C THR A 96 8.87 -10.05 -22.94
N GLY A 97 10.19 -9.83 -22.94
CA GLY A 97 11.06 -10.24 -21.86
C GLY A 97 11.52 -11.68 -22.04
N ARG A 98 11.14 -12.30 -23.14
CA ARG A 98 11.47 -13.69 -23.40
C ARG A 98 12.52 -13.95 -24.47
N PHE A 99 12.78 -12.96 -25.32
CA PHE A 99 13.72 -13.12 -26.40
C PHE A 99 14.90 -12.18 -26.25
N THR A 100 15.57 -12.28 -25.11
CA THR A 100 16.74 -11.47 -24.80
C THR A 100 18.07 -12.02 -25.29
N LYS A 101 18.08 -13.25 -25.80
CA LYS A 101 19.32 -13.87 -26.32
C LYS A 101 19.40 -13.50 -27.80
N ARG A 102 20.57 -13.12 -28.32
CA ARG A 102 20.64 -12.73 -29.72
C ARG A 102 19.99 -13.70 -30.67
N GLU A 103 20.18 -14.99 -30.41
CA GLU A 103 19.64 -16.08 -31.23
C GLU A 103 18.14 -15.98 -31.43
N ASP A 104 17.39 -15.72 -30.36
CA ASP A 104 15.92 -15.59 -30.38
C ASP A 104 15.45 -14.28 -31.02
N ALA A 105 16.00 -13.16 -30.55
CA ALA A 105 15.66 -11.84 -31.06
C ALA A 105 15.88 -11.78 -32.57
N ALA A 106 16.92 -12.48 -33.03
CA ALA A 106 17.29 -12.54 -34.44
C ALA A 106 16.17 -13.13 -35.31
N LYS A 107 15.27 -13.90 -34.71
CA LYS A 107 14.15 -14.48 -35.46
C LYS A 107 13.28 -13.42 -36.10
N HIS A 108 13.35 -12.19 -35.59
CA HIS A 108 12.58 -11.06 -36.12
C HIS A 108 13.14 -10.65 -37.46
N LEU A 109 14.46 -10.70 -37.56
CA LEU A 109 15.14 -10.33 -38.79
C LEU A 109 14.76 -11.38 -39.84
N GLU A 110 14.54 -12.60 -39.37
CA GLU A 110 14.14 -13.68 -40.26
C GLU A 110 12.72 -13.41 -40.72
N ALA A 111 11.89 -12.91 -39.82
CA ALA A 111 10.50 -12.59 -40.15
C ALA A 111 10.47 -11.38 -41.07
N GLY A 112 11.64 -10.82 -41.39
CA GLY A 112 11.69 -9.69 -42.30
C GLY A 112 12.10 -8.30 -41.80
N ALA A 113 12.26 -8.10 -40.51
CA ALA A 113 12.64 -6.79 -40.01
C ALA A 113 14.13 -6.53 -40.27
N LYS A 114 14.55 -5.27 -40.22
CA LYS A 114 15.95 -4.93 -40.44
C LYS A 114 16.79 -4.76 -39.18
N LYS A 115 16.14 -4.36 -38.08
CA LYS A 115 16.82 -4.14 -36.81
C LYS A 115 15.85 -4.56 -35.72
N VAL A 116 16.39 -5.04 -34.60
CA VAL A 116 15.57 -5.43 -33.44
C VAL A 116 16.18 -4.66 -32.28
N ILE A 117 15.33 -4.09 -31.43
CA ILE A 117 15.78 -3.36 -30.24
C ILE A 117 15.22 -4.13 -29.04
N ILE A 118 16.11 -4.72 -28.24
CA ILE A 118 15.70 -5.47 -27.05
C ILE A 118 15.60 -4.47 -25.90
N SER A 119 14.42 -4.39 -25.29
CA SER A 119 14.14 -3.46 -24.19
C SER A 119 14.60 -4.04 -22.85
N ALA A 120 15.82 -4.56 -22.82
CA ALA A 120 16.32 -5.17 -21.61
C ALA A 120 17.73 -5.63 -21.87
N PRO A 121 18.49 -5.93 -20.81
CA PRO A 121 19.86 -6.40 -21.03
C PRO A 121 19.70 -7.69 -21.88
N ALA A 122 20.63 -7.93 -22.78
CA ALA A 122 20.56 -9.10 -23.64
C ALA A 122 21.78 -9.97 -23.49
N LYS A 123 21.73 -11.17 -24.07
CA LYS A 123 22.87 -12.07 -24.08
C LYS A 123 23.29 -12.14 -25.52
N ASN A 124 24.54 -11.78 -25.77
CA ASN A 124 25.12 -11.83 -27.11
C ASN A 124 24.77 -10.79 -28.14
N GLU A 125 24.08 -9.74 -27.72
CA GLU A 125 23.67 -8.65 -28.60
C GLU A 125 24.87 -8.07 -29.39
N ASP A 126 24.60 -7.49 -30.54
CA ASP A 126 25.67 -6.91 -31.36
C ASP A 126 26.27 -5.69 -30.66
N ILE A 127 25.45 -5.00 -29.87
CA ILE A 127 25.89 -3.84 -29.09
C ILE A 127 24.77 -3.41 -28.10
N THR A 128 25.19 -2.80 -26.99
CA THR A 128 24.27 -2.32 -25.98
C THR A 128 24.47 -0.80 -25.95
N ILE A 129 23.38 -0.07 -26.14
CA ILE A 129 23.44 1.37 -26.17
C ILE A 129 22.62 2.08 -25.11
N VAL A 130 23.21 3.14 -24.56
CA VAL A 130 22.51 3.99 -23.62
C VAL A 130 22.59 5.34 -24.30
N MET A 131 21.45 5.83 -24.76
CA MET A 131 21.37 7.12 -25.43
C MET A 131 22.00 8.24 -24.58
N GLY A 132 22.81 9.06 -25.24
CA GLY A 132 23.53 10.13 -24.57
C GLY A 132 24.92 9.69 -24.11
N VAL A 133 25.13 8.38 -24.05
CA VAL A 133 26.41 7.83 -23.60
C VAL A 133 27.23 7.22 -24.72
N ASN A 134 26.67 6.29 -25.50
CA ASN A 134 27.45 5.67 -26.58
C ASN A 134 26.73 5.42 -27.90
N GLN A 135 25.66 6.15 -28.19
CA GLN A 135 24.94 5.91 -29.44
C GLN A 135 25.85 6.06 -30.65
N ASP A 136 26.92 6.85 -30.48
CA ASP A 136 27.92 7.09 -31.54
C ASP A 136 28.76 5.86 -31.91
N LYS A 137 28.59 4.78 -31.17
CA LYS A 137 29.33 3.55 -31.41
C LYS A 137 28.44 2.61 -32.22
N TYR A 138 27.26 3.07 -32.58
CA TYR A 138 26.36 2.24 -33.36
C TYR A 138 26.88 2.16 -34.80
N ASP A 139 26.97 0.96 -35.35
CA ASP A 139 27.43 0.77 -36.71
C ASP A 139 26.29 0.08 -37.49
N PRO A 140 25.73 0.76 -38.51
CA PRO A 140 24.62 0.26 -39.35
C PRO A 140 24.80 -1.09 -40.05
N LYS A 141 26.04 -1.44 -40.37
CA LYS A 141 26.35 -2.69 -41.05
C LYS A 141 26.49 -3.84 -40.05
N ALA A 142 27.25 -3.59 -39.00
CA ALA A 142 27.51 -4.61 -38.00
C ALA A 142 26.49 -4.83 -36.88
N HIS A 143 25.66 -3.85 -36.60
CA HIS A 143 24.73 -3.98 -35.49
C HIS A 143 23.28 -4.06 -35.93
N HIS A 144 22.68 -5.25 -35.76
CA HIS A 144 21.28 -5.47 -36.13
C HIS A 144 20.44 -5.74 -34.89
N VAL A 145 21.05 -6.39 -33.91
CA VAL A 145 20.34 -6.73 -32.68
C VAL A 145 20.99 -5.90 -31.61
N ILE A 146 20.28 -4.86 -31.18
CA ILE A 146 20.75 -3.91 -30.18
C ILE A 146 19.98 -4.02 -28.85
N SER A 147 20.68 -3.86 -27.75
CA SER A 147 20.02 -3.87 -26.45
C SER A 147 19.99 -2.43 -25.94
N ASN A 148 18.88 -2.00 -25.36
CA ASN A 148 18.79 -0.64 -24.84
C ASN A 148 19.14 -0.62 -23.34
N ALA A 149 19.65 -1.75 -22.83
CA ALA A 149 20.06 -1.90 -21.44
C ALA A 149 18.84 -1.82 -20.52
N SER A 150 19.05 -1.85 -19.20
CA SER A 150 17.93 -1.78 -18.27
C SER A 150 17.59 -0.34 -17.94
N CYS A 151 16.43 -0.13 -17.33
CA CYS A 151 16.02 1.21 -16.94
C CYS A 151 17.06 1.77 -15.93
N THR A 152 17.60 0.89 -15.10
CA THR A 152 18.60 1.29 -14.11
C THR A 152 19.94 1.76 -14.70
N THR A 153 20.44 1.07 -15.72
CA THR A 153 21.70 1.47 -16.35
C THR A 153 21.52 2.82 -17.05
N ASN A 154 20.34 3.03 -17.64
CA ASN A 154 20.04 4.28 -18.32
C ASN A 154 20.07 5.47 -17.38
N CYS A 155 19.74 5.25 -16.11
CA CYS A 155 19.78 6.32 -15.11
C CYS A 155 21.20 6.59 -14.61
N LEU A 156 21.92 5.51 -14.33
CA LEU A 156 23.30 5.54 -13.81
C LEU A 156 24.37 6.00 -14.77
N ALA A 157 24.40 5.40 -15.95
CA ALA A 157 25.42 5.71 -16.94
C ALA A 157 25.64 7.18 -17.29
N PRO A 158 24.58 7.95 -17.53
CA PRO A 158 24.74 9.37 -17.87
C PRO A 158 25.52 10.18 -16.83
N PHE A 159 25.23 10.01 -15.54
CA PHE A 159 25.95 10.79 -14.55
C PHE A 159 27.25 10.13 -14.12
N ALA A 160 27.34 8.82 -14.27
CA ALA A 160 28.58 8.12 -13.92
C ALA A 160 29.64 8.57 -14.95
N LYS A 161 29.19 8.83 -16.17
CA LYS A 161 30.05 9.31 -17.25
C LYS A 161 30.64 10.66 -16.84
N VAL A 162 29.77 11.54 -16.34
CA VAL A 162 30.15 12.87 -15.89
C VAL A 162 31.10 12.79 -14.70
N LEU A 163 30.71 12.06 -13.66
CA LEU A 163 31.55 11.91 -12.49
C LEU A 163 32.92 11.40 -12.90
N HIS A 164 32.93 10.45 -13.81
CA HIS A 164 34.18 9.89 -14.26
C HIS A 164 35.03 10.87 -15.02
N GLU A 165 34.51 11.43 -16.11
CA GLU A 165 35.27 12.37 -16.90
C GLU A 165 35.76 13.59 -16.11
N GLN A 166 35.00 13.99 -15.10
CA GLN A 166 35.35 15.15 -14.31
C GLN A 166 36.31 14.98 -13.12
N PHE A 167 36.15 13.88 -12.36
CA PHE A 167 36.95 13.64 -11.17
C PHE A 167 37.62 12.28 -11.10
N GLY A 168 37.17 11.37 -11.97
CA GLY A 168 37.72 10.03 -11.98
C GLY A 168 37.09 9.18 -10.90
N ILE A 169 36.56 8.03 -11.28
CA ILE A 169 35.93 7.08 -10.35
C ILE A 169 36.91 5.95 -10.14
N VAL A 170 37.24 5.67 -8.89
CA VAL A 170 38.15 4.59 -8.54
C VAL A 170 37.32 3.30 -8.42
N ARG A 171 36.26 3.39 -7.64
CA ARG A 171 35.32 2.29 -7.43
C ARG A 171 34.06 2.87 -6.82
N GLY A 172 32.94 2.19 -7.01
CA GLY A 172 31.68 2.66 -6.47
C GLY A 172 30.67 1.53 -6.35
N MET A 173 29.68 1.70 -5.49
CA MET A 173 28.64 0.69 -5.29
C MET A 173 27.32 1.42 -5.36
N MET A 174 26.30 0.76 -5.90
CA MET A 174 25.00 1.42 -5.97
C MET A 174 23.90 0.56 -5.43
N THR A 175 22.77 1.19 -5.18
CA THR A 175 21.57 0.50 -4.74
C THR A 175 20.46 1.29 -5.39
N THR A 176 19.55 0.58 -6.03
CA THR A 176 18.39 1.25 -6.63
C THR A 176 17.22 0.80 -5.76
N VAL A 177 16.46 1.77 -5.28
CA VAL A 177 15.27 1.50 -4.46
C VAL A 177 14.31 1.66 -5.62
N HIS A 178 13.72 0.53 -6.00
CA HIS A 178 12.90 0.41 -7.19
C HIS A 178 11.46 -0.01 -6.96
N SER A 179 10.56 0.53 -7.79
CA SER A 179 9.15 0.17 -7.75
C SER A 179 9.03 -1.27 -8.22
N TYR A 180 7.98 -1.97 -7.81
CA TYR A 180 7.80 -3.36 -8.25
C TYR A 180 7.39 -3.42 -9.71
N THR A 181 7.66 -4.55 -10.35
CA THR A 181 7.33 -4.74 -11.76
C THR A 181 6.47 -6.00 -11.93
N ASN A 182 5.99 -6.24 -13.16
CA ASN A 182 5.18 -7.43 -13.42
C ASN A 182 5.95 -8.76 -13.20
N ASP A 183 7.24 -8.67 -12.93
CA ASP A 183 8.07 -9.84 -12.69
C ASP A 183 7.96 -10.38 -11.25
N GLN A 184 7.23 -9.67 -10.39
CA GLN A 184 7.12 -10.12 -9.02
C GLN A 184 5.76 -10.74 -8.83
N ARG A 185 5.43 -11.10 -7.59
CA ARG A 185 4.17 -11.76 -7.26
C ARG A 185 3.32 -10.87 -6.37
N ILE A 186 1.98 -10.92 -6.48
CA ILE A 186 1.12 -10.09 -5.59
C ILE A 186 1.18 -10.74 -4.21
N LEU A 187 1.01 -12.06 -4.18
CA LEU A 187 1.06 -12.82 -2.94
C LEU A 187 2.14 -13.87 -3.11
N ASP A 188 2.69 -14.34 -2.01
CA ASP A 188 3.76 -15.34 -2.05
C ASP A 188 3.45 -16.46 -3.02
N ALA A 189 4.36 -16.67 -3.97
CA ALA A 189 4.18 -17.72 -4.99
C ALA A 189 5.52 -18.10 -5.63
N SER A 190 5.56 -19.32 -6.17
CA SER A 190 6.75 -19.87 -6.82
C SER A 190 7.42 -18.82 -7.74
N HIS A 191 8.73 -18.70 -7.64
CA HIS A 191 9.51 -17.77 -8.44
C HIS A 191 10.96 -18.26 -8.39
N LYS A 192 11.70 -18.07 -9.48
CA LYS A 192 13.12 -18.46 -9.54
C LYS A 192 13.83 -17.78 -8.39
N ASP A 193 13.60 -16.47 -8.29
CA ASP A 193 14.19 -15.63 -7.25
C ASP A 193 13.29 -15.73 -6.03
N LEU A 194 13.79 -16.29 -4.96
CA LEU A 194 13.02 -16.43 -3.73
C LEU A 194 12.71 -15.11 -3.01
N ARG A 195 13.43 -14.04 -3.34
CA ARG A 195 13.14 -12.72 -2.77
C ARG A 195 11.89 -12.26 -3.54
N ARG A 196 11.99 -12.24 -4.88
CA ARG A 196 10.87 -11.84 -5.74
C ARG A 196 9.64 -12.74 -5.70
N ALA A 197 9.69 -13.81 -4.92
CA ALA A 197 8.56 -14.72 -4.79
C ALA A 197 7.60 -14.16 -3.73
N ARG A 198 8.05 -13.15 -3.00
CA ARG A 198 7.23 -12.62 -1.92
C ARG A 198 6.33 -11.45 -2.30
N ALA A 199 5.19 -11.32 -1.62
CA ALA A 199 4.20 -10.26 -1.89
C ALA A 199 4.81 -8.87 -2.06
N ALA A 200 4.87 -8.42 -3.31
CA ALA A 200 5.46 -7.15 -3.74
C ALA A 200 5.11 -5.88 -3.00
N ALA A 201 3.82 -5.68 -2.72
CA ALA A 201 3.37 -4.48 -2.03
C ALA A 201 3.45 -4.51 -0.50
N GLU A 202 4.07 -5.55 0.06
CA GLU A 202 4.13 -5.68 1.52
C GLU A 202 5.52 -5.59 2.14
N SER A 203 6.57 -5.64 1.34
CA SER A 203 7.93 -5.65 1.87
C SER A 203 8.94 -4.87 1.04
N ILE A 204 10.13 -4.72 1.62
CA ILE A 204 11.29 -4.13 0.97
C ILE A 204 11.94 -5.47 0.58
N ILE A 205 12.24 -5.62 -0.69
CA ILE A 205 12.78 -6.87 -1.17
C ILE A 205 14.15 -6.74 -1.81
N PRO A 206 15.25 -7.03 -1.08
CA PRO A 206 16.56 -6.90 -1.72
C PRO A 206 16.60 -7.88 -2.89
N THR A 207 17.13 -7.46 -4.01
CA THR A 207 17.23 -8.33 -5.14
C THR A 207 18.53 -7.94 -5.85
N THR A 208 19.02 -8.81 -6.72
CA THR A 208 20.26 -8.55 -7.42
C THR A 208 20.02 -7.71 -8.65
N THR A 209 21.07 -7.06 -9.13
CA THR A 209 20.97 -6.26 -10.34
C THR A 209 22.33 -6.31 -11.01
N GLY A 210 22.32 -6.39 -12.32
CA GLY A 210 23.57 -6.41 -13.06
C GLY A 210 23.79 -5.01 -13.59
N ALA A 211 22.85 -4.11 -13.29
CA ALA A 211 22.89 -2.74 -13.77
C ALA A 211 24.17 -1.94 -13.54
N ALA A 212 24.90 -2.27 -12.49
CA ALA A 212 26.14 -1.55 -12.20
C ALA A 212 27.28 -2.14 -13.02
N LYS A 213 27.24 -3.46 -13.23
CA LYS A 213 28.26 -4.11 -14.04
C LYS A 213 28.09 -3.68 -15.51
N ALA A 214 26.83 -3.63 -15.94
CA ALA A 214 26.44 -3.26 -17.31
C ALA A 214 26.84 -1.87 -17.79
N VAL A 215 27.23 -0.98 -16.88
CA VAL A 215 27.64 0.36 -17.28
C VAL A 215 28.93 0.25 -18.05
N ALA A 216 29.72 -0.78 -17.76
CA ALA A 216 30.99 -1.00 -18.45
C ALA A 216 30.78 -1.30 -19.95
N LEU A 217 29.60 -1.78 -20.31
CA LEU A 217 29.25 -2.07 -21.70
C LEU A 217 29.16 -0.76 -22.49
N VAL A 218 28.76 0.32 -21.83
CA VAL A 218 28.65 1.62 -22.49
C VAL A 218 29.79 2.57 -22.14
N LEU A 219 30.49 2.29 -21.04
CA LEU A 219 31.64 3.08 -20.57
C LEU A 219 32.66 2.03 -20.11
N PRO A 220 33.42 1.47 -21.05
CA PRO A 220 34.44 0.44 -20.76
C PRO A 220 35.52 0.82 -19.75
N GLU A 221 35.84 2.11 -19.67
CA GLU A 221 36.85 2.60 -18.72
C GLU A 221 36.42 2.30 -17.29
N LEU A 222 35.14 1.97 -17.11
CA LEU A 222 34.60 1.69 -15.79
C LEU A 222 34.43 0.20 -15.56
N LYS A 223 35.00 -0.61 -16.44
CA LYS A 223 34.90 -2.06 -16.31
C LYS A 223 35.52 -2.46 -14.98
N GLY A 224 34.75 -3.25 -14.22
CA GLY A 224 35.20 -3.75 -12.93
C GLY A 224 35.30 -2.75 -11.79
N LYS A 225 34.74 -1.55 -11.97
CA LYS A 225 34.80 -0.52 -10.93
C LYS A 225 33.52 -0.32 -10.14
N LEU A 226 32.39 -0.77 -10.68
CA LEU A 226 31.11 -0.60 -9.99
C LEU A 226 30.37 -1.90 -9.72
N ASN A 227 29.53 -1.88 -8.71
CA ASN A 227 28.69 -3.02 -8.43
C ASN A 227 27.49 -2.52 -7.66
N GLY A 228 26.48 -3.35 -7.50
CA GLY A 228 25.32 -2.90 -6.78
C GLY A 228 24.24 -3.92 -6.63
N MET A 229 23.20 -3.54 -5.90
CA MET A 229 22.06 -4.39 -5.64
C MET A 229 20.80 -3.55 -5.82
N ALA A 230 19.64 -4.18 -5.63
CA ALA A 230 18.37 -3.51 -5.80
C ALA A 230 17.50 -3.80 -4.61
N MET A 231 16.54 -2.94 -4.39
CA MET A 231 15.58 -3.12 -3.32
C MET A 231 14.26 -2.70 -3.89
N ARG A 232 13.38 -3.67 -4.06
CA ARG A 232 12.05 -3.44 -4.59
C ARG A 232 11.19 -3.01 -3.43
N VAL A 233 10.36 -2.00 -3.64
CA VAL A 233 9.51 -1.45 -2.59
C VAL A 233 8.07 -1.26 -3.05
N PRO A 234 7.11 -1.10 -2.11
CA PRO A 234 5.68 -0.93 -2.42
C PRO A 234 5.17 0.30 -3.21
N THR A 235 5.83 0.65 -4.31
CA THR A 235 5.35 1.73 -5.16
C THR A 235 5.28 1.09 -6.53
N PRO A 236 4.26 1.48 -7.32
CA PRO A 236 4.01 0.96 -8.68
C PRO A 236 4.87 1.47 -9.83
N ASN A 237 5.51 2.62 -9.65
CA ASN A 237 6.36 3.22 -10.68
C ASN A 237 7.27 4.26 -10.06
N VAL A 238 8.39 4.51 -10.73
CA VAL A 238 9.44 5.45 -10.33
C VAL A 238 10.41 4.76 -9.38
N SER A 239 11.69 4.97 -9.64
CA SER A 239 12.74 4.36 -8.88
C SER A 239 13.81 5.43 -8.67
N VAL A 240 14.82 5.10 -7.87
CA VAL A 240 15.90 6.02 -7.57
C VAL A 240 17.24 5.27 -7.38
N VAL A 241 18.31 5.77 -8.00
CA VAL A 241 19.61 5.16 -7.86
C VAL A 241 20.40 5.92 -6.79
N ASP A 242 21.04 5.16 -5.91
CA ASP A 242 21.86 5.70 -4.82
C ASP A 242 23.29 5.23 -5.12
N LEU A 243 24.14 6.13 -5.59
CA LEU A 243 25.52 5.76 -5.94
C LEU A 243 26.55 6.34 -4.98
N VAL A 244 27.40 5.48 -4.43
CA VAL A 244 28.47 5.92 -3.53
C VAL A 244 29.79 5.60 -4.23
N ALA A 245 30.62 6.60 -4.46
CA ALA A 245 31.88 6.39 -5.14
C ALA A 245 33.11 7.06 -4.54
N GLU A 246 34.24 6.38 -4.70
CA GLU A 246 35.56 6.85 -4.28
C GLU A 246 36.07 7.55 -5.54
N LEU A 247 36.39 8.85 -5.42
CA LEU A 247 36.89 9.64 -6.52
C LEU A 247 38.41 9.77 -6.48
N GLU A 248 39.00 10.30 -7.55
CA GLU A 248 40.44 10.48 -7.59
C GLU A 248 40.81 11.85 -7.08
N LYS A 249 40.09 12.87 -7.53
CA LYS A 249 40.35 14.23 -7.08
C LYS A 249 39.52 14.48 -5.83
N GLU A 250 40.00 15.37 -4.97
CA GLU A 250 39.26 15.69 -3.76
C GLU A 250 38.27 16.74 -4.23
N VAL A 251 37.00 16.60 -3.85
CA VAL A 251 35.94 17.51 -4.28
C VAL A 251 35.10 18.01 -3.13
N THR A 252 34.18 18.91 -3.47
CA THR A 252 33.24 19.47 -2.52
C THR A 252 31.89 19.21 -3.15
N VAL A 253 30.83 19.30 -2.35
CA VAL A 253 29.50 19.09 -2.85
C VAL A 253 29.17 20.08 -3.96
N GLU A 254 29.57 21.33 -3.80
CA GLU A 254 29.27 22.33 -4.81
C GLU A 254 29.90 21.99 -6.16
N GLU A 255 31.13 21.50 -6.15
CA GLU A 255 31.81 21.11 -7.39
C GLU A 255 31.07 19.96 -8.06
N VAL A 256 30.73 18.95 -7.28
CA VAL A 256 30.01 17.81 -7.83
C VAL A 256 28.69 18.18 -8.48
N ASN A 257 27.89 19.00 -7.80
CA ASN A 257 26.58 19.42 -8.34
C ASN A 257 26.73 20.33 -9.56
N ALA A 258 27.73 21.23 -9.52
CA ALA A 258 27.97 22.15 -10.61
C ALA A 258 28.29 21.41 -11.92
N ALA A 259 29.08 20.34 -11.80
CA ALA A 259 29.44 19.52 -12.94
C ALA A 259 28.16 18.88 -13.44
N LEU A 260 27.40 18.28 -12.53
CA LEU A 260 26.14 17.62 -12.89
C LEU A 260 25.15 18.60 -13.53
N LYS A 261 25.02 19.78 -12.95
CA LYS A 261 24.12 20.79 -13.49
C LYS A 261 24.55 21.24 -14.88
N ALA A 262 25.86 21.40 -15.06
CA ALA A 262 26.39 21.83 -16.35
C ALA A 262 26.07 20.81 -17.45
N ALA A 263 26.30 19.53 -17.19
CA ALA A 263 26.01 18.49 -18.17
C ALA A 263 24.52 18.36 -18.47
N ALA A 264 23.68 18.57 -17.48
CA ALA A 264 22.23 18.48 -17.67
C ALA A 264 21.77 19.60 -18.58
N GLU A 265 22.55 20.68 -18.56
CA GLU A 265 22.28 21.86 -19.37
C GLU A 265 23.00 21.88 -20.69
N GLY A 266 23.95 20.96 -20.83
CA GLY A 266 24.73 20.88 -22.05
C GLY A 266 24.53 19.59 -22.83
N GLU A 267 25.63 18.87 -23.04
CA GLU A 267 25.66 17.62 -23.81
C GLU A 267 24.55 16.63 -23.48
N LEU A 268 24.31 16.42 -22.18
CA LEU A 268 23.30 15.50 -21.73
C LEU A 268 21.92 16.11 -21.55
N LYS A 269 21.70 17.29 -22.12
CA LYS A 269 20.41 17.93 -22.02
C LYS A 269 19.39 16.98 -22.59
N GLY A 270 18.30 16.74 -21.87
CA GLY A 270 17.25 15.83 -22.34
C GLY A 270 17.37 14.40 -21.85
N ILE A 271 18.55 14.04 -21.38
CA ILE A 271 18.83 12.71 -20.88
C ILE A 271 19.11 12.82 -19.38
N LEU A 272 19.94 13.77 -18.99
CA LEU A 272 20.21 13.99 -17.59
C LEU A 272 19.61 15.35 -17.22
N ALA A 273 18.79 15.39 -16.16
CA ALA A 273 18.17 16.62 -15.68
C ALA A 273 18.78 16.89 -14.31
N TYR A 274 18.42 18.02 -13.71
CA TYR A 274 19.00 18.39 -12.42
C TYR A 274 17.93 19.09 -11.57
N SER A 275 17.81 18.69 -10.30
CA SER A 275 16.80 19.29 -9.43
C SER A 275 17.30 19.64 -8.03
N GLU A 276 16.91 20.83 -7.59
CA GLU A 276 17.27 21.33 -6.26
C GLU A 276 16.02 21.48 -5.42
N GLU A 277 14.95 20.82 -5.85
CA GLU A 277 13.68 20.82 -5.16
C GLU A 277 13.56 19.56 -4.32
N PRO A 278 12.97 19.69 -3.12
CA PRO A 278 12.78 18.55 -2.22
C PRO A 278 11.55 17.74 -2.64
N LEU A 279 11.66 17.00 -3.74
CA LEU A 279 10.55 16.22 -4.24
C LEU A 279 10.55 14.76 -3.82
N VAL A 280 9.46 14.05 -4.11
CA VAL A 280 9.35 12.64 -3.78
C VAL A 280 9.04 11.88 -5.07
N SER A 281 9.17 10.56 -5.04
CA SER A 281 8.96 9.75 -6.23
C SER A 281 7.73 10.05 -7.06
N ARG A 282 6.58 10.17 -6.41
CA ARG A 282 5.35 10.44 -7.12
C ARG A 282 5.47 11.67 -8.06
N ASP A 283 6.45 12.54 -7.79
CA ASP A 283 6.64 13.74 -8.59
C ASP A 283 7.34 13.48 -9.91
N TYR A 284 8.03 12.36 -10.00
CA TYR A 284 8.76 12.03 -11.21
C TYR A 284 7.99 11.09 -12.12
N ASN A 285 6.76 10.77 -11.74
CA ASN A 285 5.91 9.90 -12.53
C ASN A 285 5.52 10.63 -13.80
N GLY A 286 6.13 10.25 -14.91
CA GLY A 286 5.82 10.89 -16.17
C GLY A 286 7.06 11.58 -16.70
N SER A 287 8.11 11.62 -15.91
CA SER A 287 9.35 12.25 -16.32
C SER A 287 9.86 11.47 -17.55
N THR A 288 10.36 12.17 -18.56
CA THR A 288 10.83 11.48 -19.76
C THR A 288 12.34 11.41 -19.88
N VAL A 289 13.06 12.06 -18.98
CA VAL A 289 14.51 12.04 -19.02
C VAL A 289 14.93 10.70 -18.47
N SER A 290 16.22 10.43 -18.47
CA SER A 290 16.70 9.16 -17.99
C SER A 290 17.20 9.21 -16.56
N SER A 291 17.66 10.38 -16.15
CA SER A 291 18.25 10.54 -14.82
C SER A 291 18.06 11.98 -14.35
N THR A 292 17.45 12.18 -13.19
CA THR A 292 17.26 13.53 -12.63
C THR A 292 17.97 13.60 -11.29
N ILE A 293 19.09 14.30 -11.26
CA ILE A 293 19.87 14.41 -10.03
C ILE A 293 19.12 15.12 -8.89
N ASP A 294 19.10 14.50 -7.72
CA ASP A 294 18.48 15.13 -6.55
C ASP A 294 19.66 15.84 -5.88
N ALA A 295 19.90 17.07 -6.33
CA ALA A 295 21.01 17.89 -5.85
C ALA A 295 21.05 18.07 -4.34
N LEU A 296 19.89 18.22 -3.72
CA LEU A 296 19.83 18.40 -2.28
C LEU A 296 20.36 17.19 -1.50
N SER A 297 20.59 16.09 -2.22
CA SER A 297 21.07 14.86 -1.59
C SER A 297 22.54 14.62 -1.69
N THR A 298 23.21 15.30 -2.61
CA THR A 298 24.65 15.10 -2.81
C THR A 298 25.40 15.28 -1.49
N MET A 299 26.29 14.35 -1.21
CA MET A 299 27.06 14.31 0.03
C MET A 299 28.51 13.92 -0.25
N VAL A 300 29.43 14.34 0.62
CA VAL A 300 30.84 14.01 0.47
C VAL A 300 31.54 13.85 1.82
N ILE A 301 32.34 12.79 1.98
CA ILE A 301 33.13 12.59 3.22
C ILE A 301 34.59 12.45 2.81
N ASP A 302 35.47 13.15 3.51
CA ASP A 302 36.91 13.13 3.24
C ASP A 302 37.30 13.64 1.87
N GLY A 303 36.44 14.45 1.28
CA GLY A 303 36.70 15.01 -0.03
C GLY A 303 36.88 14.00 -1.15
N LYS A 304 36.85 12.71 -0.83
CA LYS A 304 37.03 11.69 -1.86
C LYS A 304 35.85 10.73 -2.08
N MET A 305 35.01 10.54 -1.06
CA MET A 305 33.86 9.65 -1.21
C MET A 305 32.60 10.49 -1.40
N VAL A 306 31.91 10.30 -2.51
CA VAL A 306 30.71 11.08 -2.78
C VAL A 306 29.45 10.22 -2.87
N LYS A 307 28.31 10.82 -2.55
CA LYS A 307 27.04 10.13 -2.66
C LYS A 307 26.14 10.97 -3.59
N VAL A 308 25.66 10.34 -4.66
CA VAL A 308 24.80 10.99 -5.63
C VAL A 308 23.53 10.16 -5.75
N VAL A 309 22.38 10.83 -5.73
CA VAL A 309 21.07 10.19 -5.80
C VAL A 309 20.33 10.68 -7.05
N SER A 310 19.86 9.77 -7.90
CA SER A 310 19.16 10.16 -9.12
C SER A 310 17.81 9.44 -9.30
N TRP A 311 16.80 10.22 -9.72
CA TRP A 311 15.43 9.72 -9.91
C TRP A 311 15.19 9.23 -11.32
N TYR A 312 14.29 8.27 -11.47
CA TYR A 312 13.96 7.82 -12.81
C TYR A 312 12.63 7.12 -12.90
N ASP A 313 11.81 7.52 -13.86
CA ASP A 313 10.52 6.88 -14.08
C ASP A 313 10.87 5.66 -14.93
N ASN A 314 11.04 4.51 -14.27
CA ASN A 314 11.41 3.28 -14.97
C ASN A 314 10.57 2.92 -16.18
N GLU A 315 9.34 3.39 -16.24
CA GLU A 315 8.53 3.09 -17.40
C GLU A 315 8.62 4.16 -18.48
N THR A 316 8.34 5.40 -18.11
CA THR A 316 8.34 6.52 -19.05
C THR A 316 9.69 6.94 -19.61
N GLY A 317 10.70 7.03 -18.75
CA GLY A 317 12.01 7.45 -19.20
C GLY A 317 12.61 6.46 -20.16
N TYR A 318 12.57 5.19 -19.79
CA TYR A 318 13.09 4.12 -20.62
C TYR A 318 12.34 4.05 -21.96
N SER A 319 11.01 4.05 -21.91
CA SER A 319 10.18 4.01 -23.13
C SER A 319 10.49 5.12 -24.10
N HIS A 320 10.89 6.28 -23.58
CA HIS A 320 11.23 7.41 -24.42
C HIS A 320 12.60 7.17 -25.05
N ARG A 321 13.51 6.57 -24.29
CA ARG A 321 14.81 6.28 -24.84
C ARG A 321 14.69 5.25 -25.97
N VAL A 322 13.75 4.29 -25.86
CA VAL A 322 13.55 3.27 -26.89
C VAL A 322 13.18 3.96 -28.21
N VAL A 323 12.22 4.88 -28.11
CA VAL A 323 11.76 5.64 -29.25
C VAL A 323 12.90 6.50 -29.81
N ASP A 324 13.71 7.11 -28.94
CA ASP A 324 14.84 7.91 -29.40
C ASP A 324 15.84 7.06 -30.14
N LEU A 325 16.05 5.84 -29.67
CA LEU A 325 16.99 4.93 -30.30
C LEU A 325 16.48 4.49 -31.68
N ALA A 326 15.19 4.17 -31.76
CA ALA A 326 14.57 3.76 -33.01
C ALA A 326 14.76 4.89 -34.02
N ALA A 327 14.57 6.11 -33.54
CA ALA A 327 14.70 7.28 -34.39
C ALA A 327 16.14 7.52 -34.80
N TYR A 328 17.08 7.22 -33.92
CA TYR A 328 18.49 7.44 -34.23
C TYR A 328 19.05 6.39 -35.21
N ILE A 329 18.55 5.16 -35.14
CA ILE A 329 18.99 4.09 -36.03
C ILE A 329 18.47 4.40 -37.45
N ALA A 330 17.21 4.84 -37.50
CA ALA A 330 16.59 5.17 -38.76
C ALA A 330 17.37 6.25 -39.49
N SER A 331 17.81 7.26 -38.75
CA SER A 331 18.54 8.38 -39.31
C SER A 331 19.93 8.00 -39.80
N LYS A 332 20.44 6.86 -39.32
CA LYS A 332 21.75 6.39 -39.73
C LYS A 332 21.67 5.57 -41.01
N GLY A 333 20.45 5.27 -41.45
CA GLY A 333 20.24 4.49 -42.67
C GLY A 333 19.72 3.07 -42.51
N LEU A 334 18.52 2.82 -43.07
CA LEU A 334 17.88 1.50 -43.01
C LEU A 334 17.47 1.02 -44.42
N ALA B 1 11.32 -5.99 39.74
CA ALA B 1 12.10 -5.34 40.82
C ALA B 1 12.18 -3.83 40.58
N VAL B 2 12.93 -3.41 39.55
CA VAL B 2 13.06 -1.99 39.23
C VAL B 2 11.72 -1.46 38.68
N LYS B 3 11.18 -0.46 39.35
CA LYS B 3 9.91 0.12 38.93
C LYS B 3 10.15 1.14 37.83
N VAL B 4 9.50 0.93 36.70
CA VAL B 4 9.64 1.79 35.55
C VAL B 4 8.35 2.52 35.27
N GLY B 5 8.49 3.74 34.73
CA GLY B 5 7.36 4.59 34.37
C GLY B 5 7.60 4.98 32.93
N ILE B 6 6.55 5.05 32.12
CA ILE B 6 6.72 5.38 30.71
C ILE B 6 6.05 6.68 30.34
N ASN B 7 6.80 7.62 29.78
CA ASN B 7 6.21 8.88 29.37
C ASN B 7 6.00 8.88 27.86
N GLY B 8 4.74 8.80 27.45
CA GLY B 8 4.39 8.77 26.03
C GLY B 8 4.13 7.32 25.66
N PHE B 9 2.87 6.93 25.65
CA PHE B 9 2.47 5.55 25.36
C PHE B 9 2.13 5.42 23.87
N GLY B 10 3.11 5.71 23.01
CA GLY B 10 2.89 5.61 21.58
C GLY B 10 3.52 4.35 21.02
N ARG B 11 3.87 4.36 19.74
CA ARG B 11 4.46 3.17 19.14
C ARG B 11 5.63 2.62 19.97
N ILE B 12 6.54 3.48 20.41
CA ILE B 12 7.66 2.98 21.22
C ILE B 12 7.26 2.71 22.67
N GLY B 13 6.41 3.57 23.22
CA GLY B 13 5.99 3.39 24.59
C GLY B 13 5.25 2.10 24.79
N ARG B 14 4.35 1.78 23.85
CA ARG B 14 3.56 0.55 23.97
C ARG B 14 4.39 -0.69 23.73
N ASN B 15 5.35 -0.62 22.81
CA ASN B 15 6.22 -1.76 22.52
C ASN B 15 7.27 -2.01 23.59
N VAL B 16 7.57 -0.98 24.39
CA VAL B 16 8.50 -1.11 25.51
C VAL B 16 7.71 -1.85 26.58
N PHE B 17 6.43 -1.52 26.67
CA PHE B 17 5.55 -2.16 27.62
C PHE B 17 5.50 -3.66 27.26
N ARG B 18 5.20 -3.97 26.00
CA ARG B 18 5.13 -5.36 25.55
C ARG B 18 6.42 -6.09 25.85
N ALA B 19 7.55 -5.44 25.54
CA ALA B 19 8.87 -6.02 25.78
C ALA B 19 9.11 -6.28 27.26
N ALA B 20 8.68 -5.33 28.10
CA ALA B 20 8.83 -5.42 29.55
C ALA B 20 8.03 -6.56 30.09
N LEU B 21 6.89 -6.85 29.47
CA LEU B 21 6.04 -7.92 29.92
C LEU B 21 6.80 -9.22 30.17
N LYS B 22 7.61 -9.63 29.20
CA LYS B 22 8.36 -10.87 29.33
C LYS B 22 9.66 -10.77 30.14
N ASN B 23 9.92 -9.62 30.75
CA ASN B 23 11.13 -9.45 31.55
C ASN B 23 10.73 -9.22 32.99
N PRO B 24 11.14 -10.14 33.88
CA PRO B 24 10.86 -10.12 35.32
C PRO B 24 11.74 -9.17 36.14
N ASP B 25 12.82 -8.68 35.54
CA ASP B 25 13.70 -7.76 36.25
C ASP B 25 13.01 -6.42 36.38
N ILE B 26 12.48 -5.92 35.26
CA ILE B 26 11.79 -4.62 35.26
C ILE B 26 10.30 -4.80 35.47
N GLU B 27 9.63 -3.73 35.89
CA GLU B 27 8.21 -3.77 36.17
C GLU B 27 7.61 -2.41 35.91
N VAL B 28 6.75 -2.30 34.89
CA VAL B 28 6.12 -1.02 34.57
C VAL B 28 4.98 -0.79 35.55
N VAL B 29 5.06 0.29 36.32
CA VAL B 29 4.02 0.58 37.32
C VAL B 29 3.09 1.74 36.97
N ALA B 30 3.47 2.52 35.96
CA ALA B 30 2.69 3.67 35.54
C ALA B 30 3.03 4.15 34.13
N VAL B 31 2.05 4.79 33.51
CA VAL B 31 2.20 5.34 32.17
C VAL B 31 1.54 6.72 32.16
N ASN B 32 2.14 7.63 31.41
CA ASN B 32 1.60 8.98 31.25
C ASN B 32 1.50 9.20 29.75
N ASP B 33 0.37 9.75 29.32
CA ASP B 33 0.14 10.03 27.91
C ASP B 33 -1.03 10.98 27.86
N THR B 34 -1.19 11.65 26.72
CA THR B 34 -2.30 12.59 26.53
C THR B 34 -3.66 11.87 26.34
N GLY B 35 -3.65 10.61 25.91
CA GLY B 35 -4.90 9.90 25.72
C GLY B 35 -5.48 9.36 27.01
N GLY B 36 -6.74 8.94 26.96
CA GLY B 36 -7.39 8.39 28.15
C GLY B 36 -7.11 6.91 28.38
N ALA B 37 -7.46 6.41 29.56
CA ALA B 37 -7.21 5.01 29.92
C ALA B 37 -7.84 4.02 28.95
N ASN B 38 -9.10 4.22 28.59
CA ASN B 38 -9.81 3.32 27.68
C ASN B 38 -9.22 3.27 26.27
N THR B 39 -8.83 4.43 25.75
CA THR B 39 -8.23 4.54 24.44
C THR B 39 -6.88 3.83 24.48
N LEU B 40 -6.13 4.06 25.55
CA LEU B 40 -4.82 3.43 25.72
C LEU B 40 -4.94 1.90 25.84
N ALA B 41 -5.92 1.44 26.61
CA ALA B 41 -6.13 0.00 26.80
C ALA B 41 -6.43 -0.64 25.46
N HIS B 42 -7.20 0.03 24.63
CA HIS B 42 -7.52 -0.53 23.33
C HIS B 42 -6.29 -0.62 22.44
N LEU B 43 -5.49 0.44 22.39
CA LEU B 43 -4.28 0.45 21.56
C LEU B 43 -3.19 -0.49 22.06
N LEU B 44 -3.23 -0.84 23.34
CA LEU B 44 -2.21 -1.74 23.87
C LEU B 44 -2.54 -3.18 23.49
N LYS B 45 -3.83 -3.48 23.50
CA LYS B 45 -4.33 -4.81 23.16
C LYS B 45 -4.30 -5.18 21.67
N TYR B 46 -4.78 -4.29 20.80
CA TYR B 46 -4.81 -4.55 19.37
C TYR B 46 -3.78 -3.72 18.65
N ASP B 47 -2.85 -4.38 17.98
CA ASP B 47 -1.82 -3.67 17.24
C ASP B 47 -1.83 -4.17 15.79
N SER B 48 -1.97 -3.24 14.83
CA SER B 48 -2.00 -3.52 13.39
C SER B 48 -0.74 -4.16 12.84
N VAL B 49 0.36 -3.91 13.53
CA VAL B 49 1.65 -4.40 13.11
C VAL B 49 2.09 -5.62 13.88
N HIS B 50 1.85 -5.66 15.18
CA HIS B 50 2.30 -6.78 16.01
C HIS B 50 1.21 -7.66 16.59
N GLY B 51 -0.02 -7.53 16.10
CA GLY B 51 -1.10 -8.35 16.58
C GLY B 51 -1.59 -8.06 17.99
N ARG B 52 -2.48 -8.90 18.51
CA ARG B 52 -3.04 -8.74 19.83
C ARG B 52 -2.04 -9.05 20.92
N LEU B 53 -2.15 -8.35 22.04
CA LEU B 53 -1.29 -8.56 23.19
C LEU B 53 -1.86 -9.77 23.92
N ASP B 54 -1.01 -10.77 24.17
CA ASP B 54 -1.48 -11.93 24.92
C ASP B 54 -1.22 -11.64 26.40
N ALA B 55 -2.22 -11.00 26.99
CA ALA B 55 -2.22 -10.60 28.38
C ALA B 55 -3.62 -10.02 28.51
N GLU B 56 -4.25 -10.19 29.65
CA GLU B 56 -5.59 -9.63 29.81
C GLU B 56 -5.45 -8.16 30.19
N VAL B 57 -6.01 -7.29 29.36
CA VAL B 57 -5.96 -5.86 29.56
C VAL B 57 -7.34 -5.33 29.90
N SER B 58 -7.42 -4.54 30.96
CA SER B 58 -8.69 -3.99 31.38
C SER B 58 -8.48 -2.58 31.92
N VAL B 59 -9.59 -1.92 32.20
CA VAL B 59 -9.55 -0.59 32.75
C VAL B 59 -10.33 -0.63 34.05
N ASN B 60 -9.66 -0.24 35.12
CA ASN B 60 -10.30 -0.16 36.44
C ASN B 60 -10.24 1.31 36.82
N GLY B 61 -11.34 2.01 36.55
CA GLY B 61 -11.39 3.44 36.83
C GLY B 61 -10.55 4.18 35.81
N ASN B 62 -9.51 4.85 36.27
CA ASN B 62 -8.63 5.60 35.38
C ASN B 62 -7.35 4.83 35.16
N ASN B 63 -7.31 3.58 35.63
CA ASN B 63 -6.11 2.79 35.46
C ASN B 63 -6.27 1.54 34.63
N LEU B 64 -5.15 1.07 34.12
CA LEU B 64 -5.14 -0.14 33.30
C LEU B 64 -4.88 -1.31 34.22
N VAL B 65 -5.45 -2.46 33.88
CA VAL B 65 -5.25 -3.67 34.66
C VAL B 65 -4.73 -4.67 33.62
N VAL B 66 -3.48 -5.06 33.75
CA VAL B 66 -2.87 -6.01 32.83
C VAL B 66 -2.39 -7.20 33.63
N ASN B 67 -3.04 -8.35 33.42
CA ASN B 67 -2.72 -9.58 34.14
C ASN B 67 -2.87 -9.37 35.63
N GLY B 68 -3.94 -8.69 35.99
CA GLY B 68 -4.24 -8.43 37.38
C GLY B 68 -3.52 -7.30 38.09
N LYS B 69 -2.50 -6.72 37.46
CA LYS B 69 -1.75 -5.64 38.07
C LYS B 69 -2.30 -4.31 37.60
N GLU B 70 -2.48 -3.37 38.53
CA GLU B 70 -2.97 -2.04 38.18
C GLU B 70 -1.79 -1.12 37.81
N ILE B 71 -1.91 -0.50 36.64
CA ILE B 71 -0.91 0.41 36.12
C ILE B 71 -1.56 1.80 36.23
N ILE B 72 -0.88 2.72 36.88
CA ILE B 72 -1.44 4.06 37.04
C ILE B 72 -1.32 4.78 35.72
N VAL B 73 -2.33 5.59 35.40
CA VAL B 73 -2.35 6.36 34.17
C VAL B 73 -2.44 7.84 34.55
N LYS B 74 -1.44 8.60 34.15
CA LYS B 74 -1.42 10.03 34.39
C LYS B 74 -1.62 10.72 33.04
N ALA B 75 -2.12 11.94 33.05
CA ALA B 75 -2.34 12.71 31.82
C ALA B 75 -1.71 14.09 31.98
N GLU B 76 -0.44 14.09 32.37
CA GLU B 76 0.30 15.31 32.57
C GLU B 76 1.11 15.67 31.33
N ARG B 77 0.75 16.81 30.76
CA ARG B 77 1.43 17.30 29.59
C ARG B 77 2.81 17.79 30.00
N ASP B 78 2.92 18.34 31.21
CA ASP B 78 4.17 18.86 31.71
C ASP B 78 4.81 17.83 32.64
N PRO B 79 5.99 17.32 32.26
CA PRO B 79 6.78 16.32 32.99
C PRO B 79 7.03 16.70 34.44
N GLU B 80 7.20 17.99 34.67
CA GLU B 80 7.46 18.54 35.99
C GLU B 80 6.37 18.16 37.01
N ASN B 81 5.16 17.94 36.53
CA ASN B 81 4.04 17.60 37.42
C ASN B 81 3.79 16.12 37.63
N LEU B 82 4.69 15.26 37.15
CA LEU B 82 4.48 13.83 37.24
C LEU B 82 4.59 13.09 38.59
N ALA B 83 5.27 13.68 39.58
CA ALA B 83 5.38 13.05 40.89
C ALA B 83 5.81 11.59 40.88
N TRP B 84 6.82 11.25 40.09
CA TRP B 84 7.27 9.87 40.02
C TRP B 84 7.68 9.37 41.40
N GLY B 85 8.12 10.30 42.25
CA GLY B 85 8.56 9.98 43.59
C GLY B 85 7.52 9.31 44.47
N GLU B 86 6.29 9.80 44.40
CA GLU B 86 5.19 9.26 45.21
C GLU B 86 4.91 7.80 44.90
N ILE B 87 4.97 7.42 43.63
CA ILE B 87 4.70 6.06 43.24
C ILE B 87 5.92 5.14 43.22
N GLY B 88 7.07 5.69 43.55
CA GLY B 88 8.28 4.89 43.62
C GLY B 88 8.88 4.43 42.31
N VAL B 89 8.63 5.20 41.25
CA VAL B 89 9.18 4.88 39.93
C VAL B 89 10.67 5.27 39.96
N ASP B 90 11.53 4.28 39.71
CA ASP B 90 12.97 4.47 39.72
C ASP B 90 13.49 5.00 38.41
N ILE B 91 13.14 4.29 37.34
CA ILE B 91 13.57 4.65 36.00
C ILE B 91 12.39 5.07 35.15
N VAL B 92 12.59 6.14 34.39
CA VAL B 92 11.55 6.66 33.51
C VAL B 92 12.00 6.54 32.05
N VAL B 93 11.10 6.02 31.20
CA VAL B 93 11.34 5.89 29.76
C VAL B 93 10.69 7.13 29.11
N GLU B 94 11.51 8.01 28.59
CA GLU B 94 11.00 9.22 27.98
C GLU B 94 10.77 8.95 26.47
N SER B 95 9.51 8.66 26.13
CA SER B 95 9.14 8.36 24.76
C SER B 95 8.01 9.18 24.12
N THR B 96 7.95 10.47 24.43
CA THR B 96 6.93 11.33 23.83
C THR B 96 7.53 11.94 22.58
N GLY B 97 8.85 12.03 22.54
CA GLY B 97 9.49 12.63 21.37
C GLY B 97 9.47 14.15 21.51
N ARG B 98 8.96 14.67 22.63
CA ARG B 98 8.90 16.10 22.82
C ARG B 98 10.00 16.57 23.77
N PHE B 99 10.51 15.65 24.59
CA PHE B 99 11.52 15.98 25.60
C PHE B 99 12.88 15.33 25.46
N THR B 100 13.54 15.52 24.32
CA THR B 100 14.86 14.97 24.06
C THR B 100 16.01 15.90 24.50
N LYS B 101 15.65 17.14 24.83
CA LYS B 101 16.59 18.15 25.33
C LYS B 101 16.76 17.90 26.83
N ARG B 102 18.00 17.90 27.29
CA ARG B 102 18.31 17.69 28.69
C ARG B 102 17.48 18.53 29.65
N GLU B 103 17.27 19.79 29.32
CA GLU B 103 16.50 20.66 30.20
C GLU B 103 15.07 20.17 30.41
N ASP B 104 14.55 19.41 29.45
CA ASP B 104 13.19 18.88 29.55
C ASP B 104 13.16 17.53 30.22
N ALA B 105 14.03 16.63 29.77
CA ALA B 105 14.10 15.29 30.33
C ALA B 105 14.46 15.31 31.83
N ALA B 106 15.37 16.20 32.23
CA ALA B 106 15.79 16.33 33.62
C ALA B 106 14.63 16.65 34.55
N LYS B 107 13.57 17.25 34.00
CA LYS B 107 12.41 17.57 34.81
C LYS B 107 11.87 16.28 35.47
N HIS B 108 12.15 15.14 34.86
CA HIS B 108 11.72 13.85 35.43
C HIS B 108 12.52 13.58 36.70
N LEU B 109 13.82 13.83 36.66
CA LEU B 109 14.68 13.62 37.82
C LEU B 109 14.23 14.52 38.96
N GLU B 110 13.90 15.74 38.62
CA GLU B 110 13.45 16.68 39.62
C GLU B 110 12.08 16.26 40.15
N ALA B 111 11.34 15.46 39.39
CA ALA B 111 10.02 14.98 39.79
C ALA B 111 10.05 13.74 40.68
N GLY B 112 11.23 13.14 40.84
CA GLY B 112 11.32 11.96 41.68
C GLY B 112 12.00 10.72 41.15
N ALA B 113 12.26 10.65 39.84
CA ALA B 113 12.90 9.45 39.28
C ALA B 113 14.41 9.52 39.51
N LYS B 114 15.07 8.37 39.44
CA LYS B 114 16.52 8.33 39.63
C LYS B 114 17.33 8.28 38.34
N LYS B 115 16.69 7.85 37.26
CA LYS B 115 17.33 7.74 35.94
C LYS B 115 16.28 8.02 34.86
N VAL B 116 16.70 8.60 33.76
CA VAL B 116 15.80 8.87 32.64
C VAL B 116 16.48 8.26 31.41
N ILE B 117 15.69 7.52 30.64
CA ILE B 117 16.17 6.91 29.40
C ILE B 117 15.38 7.61 28.27
N ILE B 118 16.06 8.45 27.51
CA ILE B 118 15.40 9.14 26.40
C ILE B 118 15.45 8.18 25.22
N SER B 119 14.28 7.87 24.65
CA SER B 119 14.19 6.93 23.53
C SER B 119 14.42 7.57 22.16
N ALA B 120 15.53 8.28 22.02
CA ALA B 120 15.83 8.96 20.78
C ALA B 120 17.10 9.74 20.99
N PRO B 121 17.69 10.28 19.90
CA PRO B 121 18.92 11.07 20.06
C PRO B 121 18.52 12.24 20.96
N ALA B 122 19.45 12.70 21.78
CA ALA B 122 19.16 13.78 22.69
C ALA B 122 20.20 14.87 22.59
N LYS B 123 20.02 15.90 23.40
CA LYS B 123 20.95 17.02 23.46
C LYS B 123 21.26 17.22 24.94
N ASN B 124 22.54 17.43 25.25
CA ASN B 124 23.01 17.65 26.62
C ASN B 124 22.70 16.50 27.57
N GLU B 125 22.66 15.29 27.03
CA GLU B 125 22.41 14.11 27.84
C GLU B 125 23.75 13.78 28.50
N ASP B 126 23.73 13.02 29.57
CA ASP B 126 24.96 12.65 30.25
C ASP B 126 25.71 11.62 29.42
N ILE B 127 24.97 10.70 28.81
CA ILE B 127 25.59 9.69 27.97
C ILE B 127 24.60 9.02 27.01
N THR B 128 25.09 8.72 25.81
CA THR B 128 24.32 8.04 24.78
C THR B 128 24.87 6.62 24.76
N ILE B 129 24.02 5.64 24.99
CA ILE B 129 24.45 4.25 25.00
C ILE B 129 23.77 3.38 23.93
N VAL B 130 24.58 2.55 23.30
CA VAL B 130 24.10 1.58 22.32
C VAL B 130 24.54 0.25 22.93
N MET B 131 23.56 -0.55 23.36
CA MET B 131 23.83 -1.84 23.97
C MET B 131 24.62 -2.73 23.03
N GLY B 132 25.68 -3.30 23.58
CA GLY B 132 26.57 -4.16 22.84
C GLY B 132 27.80 -3.40 22.39
N VAL B 133 27.67 -2.08 22.27
CA VAL B 133 28.77 -1.26 21.83
C VAL B 133 29.50 -0.53 22.96
N ASN B 134 28.75 0.12 23.86
CA ASN B 134 29.43 0.87 24.91
C ASN B 134 28.74 0.98 26.25
N GLN B 135 27.89 0.03 26.61
CA GLN B 135 27.21 0.11 27.90
C GLN B 135 28.17 0.03 29.08
N ASP B 136 29.42 -0.35 28.81
CA ASP B 136 30.46 -0.43 29.83
C ASP B 136 30.93 0.95 30.30
N LYS B 137 30.79 1.95 29.43
CA LYS B 137 31.19 3.31 29.76
C LYS B 137 30.20 4.03 30.67
N TYR B 138 29.06 3.40 30.94
CA TYR B 138 28.06 3.98 31.82
C TYR B 138 28.59 4.00 33.27
N ASP B 139 28.44 5.13 33.94
CA ASP B 139 28.89 5.29 35.33
C ASP B 139 27.63 5.58 36.12
N PRO B 140 27.27 4.70 37.05
CA PRO B 140 26.08 4.82 37.90
C PRO B 140 26.03 6.11 38.71
N LYS B 141 27.21 6.57 39.10
CA LYS B 141 27.35 7.78 39.92
C LYS B 141 27.23 9.07 39.15
N ALA B 142 27.67 9.04 37.89
CA ALA B 142 27.69 10.22 37.05
C ALA B 142 26.57 10.42 36.02
N HIS B 143 25.96 9.33 35.56
CA HIS B 143 24.96 9.43 34.51
C HIS B 143 23.55 9.16 34.95
N HIS B 144 22.66 10.13 34.69
CA HIS B 144 21.25 10.01 35.12
C HIS B 144 20.24 10.27 34.01
N VAL B 145 20.64 11.05 33.02
CA VAL B 145 19.82 11.37 31.85
C VAL B 145 20.62 10.65 30.75
N ILE B 146 20.13 9.49 30.34
CA ILE B 146 20.79 8.66 29.31
C ILE B 146 20.01 8.62 28.00
N SER B 147 20.71 8.59 26.88
CA SER B 147 20.05 8.48 25.58
C SER B 147 20.31 7.08 25.04
N ASN B 148 19.30 6.46 24.42
CA ASN B 148 19.45 5.13 23.85
C ASN B 148 19.64 5.20 22.32
N ALA B 149 19.89 6.40 21.82
CA ALA B 149 20.11 6.67 20.40
C ALA B 149 18.89 6.37 19.52
N SER B 150 19.11 6.30 18.20
CA SER B 150 18.01 6.02 17.27
C SER B 150 18.01 4.53 16.92
N CYS B 151 16.90 4.07 16.35
CA CYS B 151 16.78 2.68 15.93
C CYS B 151 17.87 2.38 14.88
N THR B 152 18.16 3.36 14.02
CA THR B 152 19.18 3.20 12.99
C THR B 152 20.57 3.12 13.55
N THR B 153 20.88 3.94 14.55
CA THR B 153 22.21 3.90 15.14
C THR B 153 22.42 2.56 15.84
N ASN B 154 21.36 2.06 16.48
CA ASN B 154 21.40 0.77 17.15
C ASN B 154 21.62 -0.37 16.16
N CYS B 155 21.21 -0.15 14.91
CA CYS B 155 21.36 -1.15 13.88
C CYS B 155 22.75 -1.13 13.27
N LEU B 156 23.25 0.07 13.02
CA LEU B 156 24.58 0.30 12.41
C LEU B 156 25.79 0.13 13.33
N ALA B 157 25.76 0.76 14.48
CA ALA B 157 26.89 0.70 15.42
C ALA B 157 27.41 -0.73 15.71
N PRO B 158 26.54 -1.66 16.12
CA PRO B 158 26.99 -3.04 16.40
C PRO B 158 27.89 -3.64 15.31
N PHE B 159 27.52 -3.46 14.03
CA PHE B 159 28.34 -4.02 12.97
C PHE B 159 29.43 -3.08 12.44
N ALA B 160 29.29 -1.78 12.69
CA ALA B 160 30.32 -0.84 12.27
C ALA B 160 31.52 -1.11 13.20
N LYS B 161 31.22 -1.54 14.43
CA LYS B 161 32.25 -1.88 15.41
C LYS B 161 33.10 -3.03 14.89
N VAL B 162 32.46 -4.16 14.60
CA VAL B 162 33.17 -5.33 14.08
C VAL B 162 33.94 -5.01 12.79
N LEU B 163 33.34 -4.26 11.87
CA LEU B 163 34.01 -3.91 10.65
C LEU B 163 35.22 -3.06 10.97
N HIS B 164 35.09 -2.16 11.94
CA HIS B 164 36.22 -1.31 12.30
C HIS B 164 37.38 -2.04 12.98
N GLU B 165 37.07 -2.91 13.93
CA GLU B 165 38.07 -3.69 14.67
C GLU B 165 38.85 -4.67 13.81
N GLN B 166 38.12 -5.37 12.94
CA GLN B 166 38.70 -6.36 12.05
C GLN B 166 39.47 -5.82 10.85
N PHE B 167 38.91 -4.84 10.15
CA PHE B 167 39.55 -4.34 8.94
C PHE B 167 39.88 -2.87 8.91
N GLY B 168 39.16 -2.08 9.71
CA GLY B 168 39.41 -0.65 9.73
C GLY B 168 38.66 0.12 8.66
N ILE B 169 37.83 1.05 9.09
CA ILE B 169 37.03 1.88 8.20
C ILE B 169 37.76 3.19 8.02
N VAL B 170 37.91 3.60 6.77
CA VAL B 170 38.56 4.85 6.43
C VAL B 170 37.48 5.94 6.32
N ARG B 171 36.36 5.56 5.72
CA ARG B 171 35.19 6.42 5.55
C ARG B 171 34.09 5.56 4.98
N GLY B 172 32.85 5.98 5.19
CA GLY B 172 31.74 5.22 4.68
C GLY B 172 30.51 6.08 4.56
N MET B 173 29.60 5.66 3.69
CA MET B 173 28.33 6.33 3.44
C MET B 173 27.28 5.28 3.75
N MET B 174 26.12 5.71 4.23
CA MET B 174 25.06 4.76 4.51
C MET B 174 23.72 5.31 4.09
N THR B 175 22.78 4.40 3.90
CA THR B 175 21.42 4.76 3.54
C THR B 175 20.51 3.76 4.22
N THR B 176 19.51 4.27 4.94
CA THR B 176 18.55 3.42 5.57
C THR B 176 17.24 3.52 4.79
N VAL B 177 16.74 2.38 4.32
CA VAL B 177 15.48 2.32 3.59
C VAL B 177 14.59 1.95 4.76
N HIS B 178 13.85 2.95 5.20
CA HIS B 178 13.07 2.87 6.40
C HIS B 178 11.58 2.97 6.25
N SER B 179 10.87 2.22 7.08
CA SER B 179 9.43 2.21 7.13
C SER B 179 8.97 3.59 7.61
N TYR B 180 7.73 3.94 7.30
CA TYR B 180 7.22 5.24 7.71
C TYR B 180 6.86 5.23 9.21
N THR B 181 6.88 6.41 9.84
CA THR B 181 6.55 6.54 11.26
C THR B 181 5.49 7.62 11.50
N ASN B 182 5.12 7.83 12.75
CA ASN B 182 4.11 8.82 13.09
C ASN B 182 4.54 10.25 12.90
N ASP B 183 5.79 10.46 12.50
CA ASP B 183 6.28 11.81 12.23
C ASP B 183 5.93 12.22 10.79
N GLN B 184 5.45 11.27 10.00
CA GLN B 184 5.10 11.55 8.63
C GLN B 184 3.62 11.86 8.44
N ARG B 185 3.22 12.18 7.21
CA ARG B 185 1.82 12.50 6.94
C ARG B 185 1.12 11.43 6.08
N ILE B 186 -0.18 11.24 6.29
CA ILE B 186 -0.97 10.27 5.54
C ILE B 186 -1.18 10.84 4.14
N LEU B 187 -1.58 12.11 4.07
CA LEU B 187 -1.78 12.81 2.81
C LEU B 187 -1.07 14.14 2.91
N ASP B 188 -0.58 14.65 1.78
CA ASP B 188 0.14 15.92 1.73
C ASP B 188 -0.33 16.99 2.72
N ALA B 189 0.55 17.39 3.63
CA ALA B 189 0.21 18.40 4.63
C ALA B 189 1.49 19.05 5.18
N SER B 190 1.35 20.21 5.83
CA SER B 190 2.50 20.93 6.36
C SER B 190 3.35 20.04 7.25
N HIS B 191 4.66 20.23 7.15
CA HIS B 191 5.62 19.50 7.95
C HIS B 191 6.84 20.38 7.83
N LYS B 192 7.70 20.38 8.85
CA LYS B 192 8.91 21.20 8.81
C LYS B 192 9.91 20.66 7.77
N ASP B 193 9.72 19.41 7.37
CA ASP B 193 10.57 18.78 6.36
C ASP B 193 9.61 18.64 5.20
N LEU B 194 9.87 19.34 4.10
CA LEU B 194 8.98 19.28 2.93
C LEU B 194 8.90 17.92 2.24
N ARG B 195 9.81 17.00 2.58
CA ARG B 195 9.76 15.67 2.02
C ARG B 195 8.72 14.89 2.84
N ARG B 196 8.83 14.96 4.16
CA ARG B 196 7.91 14.24 5.04
C ARG B 196 6.49 14.79 5.05
N ALA B 197 6.29 15.89 4.33
CA ALA B 197 4.97 16.50 4.23
C ALA B 197 4.15 15.75 3.19
N ARG B 198 4.81 14.88 2.43
CA ARG B 198 4.16 14.14 1.36
C ARG B 198 3.57 12.79 1.79
N ALA B 199 2.43 12.42 1.21
CA ALA B 199 1.71 11.17 1.50
C ALA B 199 2.67 10.01 1.66
N ALA B 200 2.84 9.56 2.90
CA ALA B 200 3.79 8.52 3.24
C ALA B 200 3.72 7.18 2.51
N ALA B 201 2.50 6.69 2.33
CA ALA B 201 2.27 5.41 1.71
C ALA B 201 2.32 5.45 0.17
N GLU B 202 2.43 6.65 -0.40
CA GLU B 202 2.45 6.82 -1.87
C GLU B 202 3.80 6.97 -2.55
N SER B 203 4.86 7.26 -1.80
CA SER B 203 6.14 7.47 -2.45
C SER B 203 7.36 7.01 -1.69
N ILE B 204 8.49 7.05 -2.39
CA ILE B 204 9.79 6.79 -1.82
C ILE B 204 10.10 8.25 -1.45
N ILE B 205 10.40 8.50 -0.19
CA ILE B 205 10.66 9.85 0.31
C ILE B 205 12.03 10.02 0.93
N PRO B 206 12.99 10.61 0.19
CA PRO B 206 14.32 10.80 0.78
C PRO B 206 14.20 11.82 1.91
N THR B 207 15.02 11.64 2.93
CA THR B 207 15.03 12.54 4.06
C THR B 207 16.40 12.40 4.71
N THR B 208 16.71 13.31 5.63
CA THR B 208 18.01 13.27 6.28
C THR B 208 17.98 12.39 7.50
N THR B 209 19.17 11.94 7.89
CA THR B 209 19.33 11.08 9.07
C THR B 209 20.63 11.51 9.75
N GLY B 210 20.65 11.46 11.08
CA GLY B 210 21.85 11.81 11.81
C GLY B 210 22.48 10.57 12.40
N ALA B 211 21.84 9.43 12.18
CA ALA B 211 22.31 8.14 12.66
C ALA B 211 23.75 7.86 12.27
N ALA B 212 24.14 8.23 11.06
CA ALA B 212 25.50 7.99 10.61
C ALA B 212 26.47 8.70 11.52
N LYS B 213 26.26 10.00 11.70
CA LYS B 213 27.12 10.79 12.57
C LYS B 213 27.12 10.32 14.03
N ALA B 214 25.93 10.07 14.60
CA ALA B 214 25.76 9.62 15.99
C ALA B 214 26.59 8.42 16.39
N VAL B 215 27.00 7.60 15.44
CA VAL B 215 27.83 6.44 15.73
C VAL B 215 29.10 6.89 16.47
N ALA B 216 29.56 8.10 16.16
CA ALA B 216 30.75 8.65 16.82
C ALA B 216 30.51 8.80 18.32
N LEU B 217 29.27 9.01 18.72
CA LEU B 217 28.97 9.13 20.12
C LEU B 217 29.33 7.83 20.83
N VAL B 218 29.11 6.69 20.19
CA VAL B 218 29.40 5.42 20.84
C VAL B 218 30.67 4.72 20.36
N LEU B 219 31.20 5.17 19.23
CA LEU B 219 32.45 4.62 18.67
C LEU B 219 33.23 5.86 18.24
N PRO B 220 33.92 6.50 19.20
CA PRO B 220 34.70 7.71 18.98
C PRO B 220 35.72 7.64 17.87
N GLU B 221 36.26 6.46 17.60
CA GLU B 221 37.27 6.30 16.55
C GLU B 221 36.69 6.54 15.17
N LEU B 222 35.36 6.55 15.08
CA LEU B 222 34.70 6.75 13.79
C LEU B 222 34.19 8.16 13.58
N LYS B 223 34.59 9.09 14.44
CA LYS B 223 34.13 10.46 14.29
C LYS B 223 34.64 10.99 12.95
N GLY B 224 33.74 11.60 12.19
CA GLY B 224 34.07 12.17 10.89
C GLY B 224 34.32 11.20 9.75
N LYS B 225 34.03 9.92 9.94
CA LYS B 225 34.28 8.94 8.89
C LYS B 225 33.03 8.38 8.24
N LEU B 226 31.86 8.70 8.79
CA LEU B 226 30.60 8.19 8.26
C LEU B 226 29.54 9.25 8.15
N ASN B 227 28.71 9.13 7.11
CA ASN B 227 27.57 10.01 6.91
C ASN B 227 26.54 9.23 6.11
N GLY B 228 25.34 9.77 5.90
CA GLY B 228 24.36 9.01 5.15
C GLY B 228 23.02 9.67 5.09
N MET B 229 22.02 8.93 4.60
CA MET B 229 20.68 9.48 4.46
C MET B 229 19.66 8.39 4.65
N ALA B 230 18.40 8.77 4.60
CA ALA B 230 17.31 7.83 4.78
C ALA B 230 16.37 7.95 3.60
N MET B 231 15.70 6.85 3.30
CA MET B 231 14.69 6.83 2.27
C MET B 231 13.52 6.15 2.92
N ARG B 232 12.47 6.93 3.17
CA ARG B 232 11.25 6.45 3.80
C ARG B 232 10.41 5.83 2.69
N VAL B 233 9.92 4.61 2.92
CA VAL B 233 9.14 3.92 1.90
C VAL B 233 7.78 3.49 2.45
N PRO B 234 6.89 3.03 1.57
CA PRO B 234 5.53 2.61 1.98
C PRO B 234 5.35 1.30 2.76
N THR B 235 6.06 1.12 3.86
CA THR B 235 5.90 -0.07 4.70
C THR B 235 5.67 0.49 6.10
N PRO B 236 4.84 -0.17 6.90
CA PRO B 236 4.52 0.28 8.26
C PRO B 236 5.55 -0.04 9.32
N ASN B 237 6.41 -1.02 9.05
CA ASN B 237 7.41 -1.41 10.03
C ASN B 237 8.53 -2.25 9.42
N VAL B 238 9.69 -2.18 10.07
CA VAL B 238 10.93 -2.86 9.72
C VAL B 238 11.71 -1.99 8.73
N SER B 239 13.01 -1.90 8.91
CA SER B 239 13.87 -1.09 8.07
C SER B 239 15.16 -1.85 7.80
N VAL B 240 16.01 -1.29 6.94
CA VAL B 240 17.27 -1.94 6.58
C VAL B 240 18.37 -0.89 6.31
N VAL B 241 19.56 -1.13 6.84
CA VAL B 241 20.72 -0.25 6.64
C VAL B 241 21.60 -0.81 5.51
N ASP B 242 22.11 0.10 4.70
CA ASP B 242 22.97 -0.24 3.58
C ASP B 242 24.24 0.57 3.79
N LEU B 243 25.34 -0.09 4.15
CA LEU B 243 26.58 0.60 4.38
C LEU B 243 27.64 0.26 3.35
N VAL B 244 28.16 1.28 2.70
CA VAL B 244 29.21 1.08 1.73
C VAL B 244 30.38 1.76 2.45
N ALA B 245 31.50 1.05 2.61
CA ALA B 245 32.65 1.61 3.29
C ALA B 245 33.99 1.32 2.63
N GLU B 246 34.95 2.22 2.83
CA GLU B 246 36.30 2.04 2.33
C GLU B 246 37.02 1.44 3.51
N LEU B 247 37.60 0.27 3.30
CA LEU B 247 38.33 -0.44 4.34
C LEU B 247 39.84 -0.17 4.23
N GLU B 248 40.57 -0.41 5.33
CA GLU B 248 42.02 -0.22 5.33
C GLU B 248 42.65 -1.46 4.74
N LYS B 249 42.13 -2.62 5.13
CA LYS B 249 42.60 -3.92 4.68
C LYS B 249 41.92 -4.41 3.40
N GLU B 250 42.62 -5.28 2.67
CA GLU B 250 42.08 -5.89 1.46
C GLU B 250 41.26 -7.05 2.03
N VAL B 251 40.03 -7.23 1.55
CA VAL B 251 39.18 -8.29 2.07
C VAL B 251 38.38 -9.02 1.01
N THR B 252 37.69 -10.07 1.43
CA THR B 252 36.83 -10.85 0.57
C THR B 252 35.47 -10.91 1.24
N VAL B 253 34.45 -11.27 0.48
CA VAL B 253 33.11 -11.35 1.01
C VAL B 253 33.05 -12.41 2.10
N GLU B 254 33.83 -13.47 1.89
CA GLU B 254 33.95 -14.61 2.79
C GLU B 254 34.54 -14.19 4.14
N GLU B 255 35.62 -13.42 4.10
CA GLU B 255 36.27 -12.90 5.30
C GLU B 255 35.35 -11.98 6.09
N VAL B 256 34.66 -11.08 5.39
CA VAL B 256 33.74 -10.13 6.02
C VAL B 256 32.58 -10.87 6.66
N ASN B 257 31.93 -11.78 5.92
CA ASN B 257 30.80 -12.52 6.48
C ASN B 257 31.19 -13.36 7.69
N ALA B 258 32.34 -14.02 7.60
CA ALA B 258 32.85 -14.85 8.68
C ALA B 258 33.08 -14.04 9.96
N ALA B 259 33.57 -12.81 9.79
CA ALA B 259 33.84 -11.90 10.90
C ALA B 259 32.53 -11.50 11.58
N LEU B 260 31.55 -11.13 10.76
CA LEU B 260 30.22 -10.75 11.25
C LEU B 260 29.50 -11.92 11.92
N LYS B 261 29.61 -13.11 11.32
CA LYS B 261 28.99 -14.31 11.86
C LYS B 261 29.60 -14.65 13.23
N ALA B 262 30.90 -14.42 13.36
CA ALA B 262 31.62 -14.69 14.61
C ALA B 262 31.09 -13.79 15.75
N ALA B 263 31.00 -12.49 15.49
CA ALA B 263 30.52 -11.54 16.47
C ALA B 263 29.09 -11.85 16.87
N ALA B 264 28.26 -12.20 15.88
CA ALA B 264 26.85 -12.52 16.14
C ALA B 264 26.66 -13.75 17.00
N GLU B 265 27.64 -14.63 17.02
CA GLU B 265 27.55 -15.84 17.81
C GLU B 265 28.34 -15.70 19.11
N GLY B 266 29.25 -14.74 19.13
CA GLY B 266 30.06 -14.53 20.32
C GLY B 266 29.67 -13.31 21.11
N GLU B 267 30.55 -12.33 21.08
CA GLU B 267 30.40 -11.07 21.80
C GLU B 267 29.11 -10.25 21.62
N LEU B 268 28.60 -10.21 20.41
CA LEU B 268 27.40 -9.43 20.14
C LEU B 268 26.16 -10.27 20.03
N LYS B 269 26.27 -11.53 20.43
CA LYS B 269 25.15 -12.46 20.41
C LYS B 269 24.00 -11.75 21.13
N GLY B 270 22.82 -11.74 20.51
CA GLY B 270 21.66 -11.09 21.11
C GLY B 270 21.42 -9.67 20.58
N ILE B 271 22.49 -9.03 20.09
CA ILE B 271 22.41 -7.67 19.55
C ILE B 271 22.53 -7.80 18.04
N LEU B 272 23.62 -8.43 17.61
CA LEU B 272 23.90 -8.65 16.21
C LEU B 272 23.56 -10.09 15.82
N ALA B 273 22.88 -10.26 14.70
CA ALA B 273 22.52 -11.59 14.22
C ALA B 273 23.11 -11.77 12.83
N TYR B 274 22.98 -12.97 12.29
CA TYR B 274 23.55 -13.27 10.98
C TYR B 274 22.64 -14.25 10.23
N SER B 275 22.29 -13.91 9.00
CA SER B 275 21.39 -14.76 8.22
C SER B 275 21.88 -14.98 6.81
N GLU B 276 21.63 -16.19 6.32
CA GLU B 276 22.00 -16.49 4.96
C GLU B 276 20.78 -16.92 4.15
N GLU B 277 19.59 -16.59 4.64
CA GLU B 277 18.34 -16.91 3.96
C GLU B 277 17.95 -15.69 3.13
N PRO B 278 17.25 -15.90 2.00
CA PRO B 278 16.82 -14.81 1.12
C PRO B 278 15.46 -14.27 1.60
N LEU B 279 15.46 -13.64 2.76
CA LEU B 279 14.24 -13.15 3.34
C LEU B 279 13.91 -11.68 3.00
N VAL B 280 12.71 -11.25 3.37
CA VAL B 280 12.29 -9.89 3.09
C VAL B 280 11.84 -9.22 4.38
N SER B 281 11.55 -7.90 4.32
CA SER B 281 11.17 -7.16 5.52
C SER B 281 10.11 -7.76 6.39
N ARG B 282 9.02 -8.27 5.81
CA ARG B 282 7.95 -8.86 6.62
C ARG B 282 8.49 -9.96 7.53
N ASP B 283 9.52 -10.68 7.09
CA ASP B 283 10.09 -11.78 7.88
C ASP B 283 10.77 -11.32 9.17
N TYR B 284 11.13 -10.04 9.22
CA TYR B 284 11.79 -9.46 10.37
C TYR B 284 10.89 -8.72 11.36
N ASN B 285 9.61 -8.63 11.04
CA ASN B 285 8.68 -7.93 11.90
C ASN B 285 8.55 -8.78 13.16
N GLY B 286 9.10 -8.26 14.26
CA GLY B 286 9.03 -8.95 15.53
C GLY B 286 10.38 -9.43 16.04
N SER B 287 11.45 -9.32 15.24
CA SER B 287 12.77 -9.75 15.68
C SER B 287 13.29 -8.79 16.75
N THR B 288 13.75 -9.34 17.87
CA THR B 288 14.20 -8.51 18.97
C THR B 288 15.64 -8.05 18.93
N VAL B 289 16.43 -8.58 18.01
CA VAL B 289 17.82 -8.16 17.90
C VAL B 289 17.93 -6.75 17.36
N SER B 290 19.11 -6.18 17.39
CA SER B 290 19.29 -4.81 16.93
C SER B 290 19.67 -4.71 15.45
N SER B 291 20.34 -5.74 14.96
CA SER B 291 20.87 -5.71 13.61
C SER B 291 21.09 -7.16 13.11
N THR B 292 20.44 -7.54 12.02
CA THR B 292 20.63 -8.89 11.46
C THR B 292 21.30 -8.76 10.10
N ILE B 293 22.51 -9.30 9.96
CA ILE B 293 23.21 -9.22 8.69
C ILE B 293 22.55 -10.11 7.63
N ASP B 294 22.28 -9.51 6.48
CA ASP B 294 21.67 -10.24 5.37
C ASP B 294 22.93 -10.62 4.62
N ALA B 295 23.48 -11.78 4.97
CA ALA B 295 24.74 -12.27 4.43
C ALA B 295 24.83 -12.40 2.94
N LEU B 296 23.70 -12.69 2.32
CA LEU B 296 23.65 -12.85 0.89
C LEU B 296 23.91 -11.56 0.12
N SER B 297 23.72 -10.41 0.76
CA SER B 297 23.91 -9.11 0.09
C SER B 297 25.32 -8.55 0.14
N THR B 298 26.16 -9.16 0.98
CA THR B 298 27.54 -8.71 1.11
C THR B 298 28.35 -8.80 -0.19
N MET B 299 28.96 -7.68 -0.56
CA MET B 299 29.76 -7.58 -1.78
C MET B 299 31.03 -6.81 -1.50
N VAL B 300 32.01 -6.97 -2.39
CA VAL B 300 33.30 -6.27 -2.30
C VAL B 300 33.72 -5.90 -3.73
N ILE B 301 34.38 -4.76 -3.91
CA ILE B 301 34.91 -4.38 -5.22
C ILE B 301 36.33 -3.91 -4.92
N ASP B 302 37.29 -4.34 -5.73
CA ASP B 302 38.70 -3.97 -5.56
C ASP B 302 39.26 -4.33 -4.17
N GLY B 303 38.66 -5.31 -3.52
CA GLY B 303 39.12 -5.74 -2.21
C GLY B 303 39.10 -4.74 -1.07
N LYS B 304 38.85 -3.47 -1.36
CA LYS B 304 38.82 -2.45 -0.33
C LYS B 304 37.47 -1.77 -0.10
N MET B 305 36.57 -1.84 -1.07
CA MET B 305 35.25 -1.26 -0.89
C MET B 305 34.24 -2.36 -0.61
N VAL B 306 33.47 -2.20 0.44
CA VAL B 306 32.48 -3.21 0.83
C VAL B 306 31.05 -2.67 1.05
N LYS B 307 30.07 -3.57 0.88
CA LYS B 307 28.67 -3.24 1.10
C LYS B 307 28.15 -4.32 2.03
N VAL B 308 27.57 -3.90 3.15
CA VAL B 308 27.00 -4.80 4.13
C VAL B 308 25.58 -4.31 4.34
N VAL B 309 24.61 -5.23 4.30
CA VAL B 309 23.20 -4.89 4.47
C VAL B 309 22.67 -5.54 5.76
N SER B 310 22.07 -4.76 6.65
CA SER B 310 21.55 -5.30 7.89
C SER B 310 20.12 -4.90 8.19
N TRP B 311 19.30 -5.86 8.58
CA TRP B 311 17.88 -5.63 8.88
C TRP B 311 17.61 -5.25 10.33
N TYR B 312 16.53 -4.53 10.54
CA TYR B 312 16.14 -4.19 11.90
C TYR B 312 14.69 -3.79 12.03
N ASP B 313 14.03 -4.36 13.02
CA ASP B 313 12.64 -4.04 13.30
C ASP B 313 12.75 -2.76 14.16
N ASN B 314 12.50 -1.60 13.54
CA ASN B 314 12.61 -0.31 14.22
C ASN B 314 11.79 -0.13 15.49
N GLU B 315 10.69 -0.87 15.63
CA GLU B 315 9.89 -0.76 16.84
C GLU B 315 10.28 -1.79 17.90
N THR B 316 10.36 -3.06 17.49
CA THR B 316 10.66 -4.13 18.41
C THR B 316 12.11 -4.23 18.89
N GLY B 317 13.04 -4.23 17.95
CA GLY B 317 14.44 -4.32 18.32
C GLY B 317 14.77 -3.22 19.31
N TYR B 318 14.45 -1.99 18.91
CA TYR B 318 14.70 -0.82 19.74
C TYR B 318 14.06 -0.93 21.13
N SER B 319 12.77 -1.30 21.19
CA SER B 319 12.08 -1.44 22.47
C SER B 319 12.71 -2.49 23.37
N HIS B 320 13.34 -3.49 22.77
CA HIS B 320 13.98 -4.49 23.58
C HIS B 320 15.26 -3.92 24.14
N ARG B 321 15.97 -3.14 23.34
CA ARG B 321 17.18 -2.49 23.81
C ARG B 321 16.88 -1.51 24.97
N VAL B 322 15.75 -0.80 24.91
CA VAL B 322 15.40 0.11 26.00
C VAL B 322 15.26 -0.68 27.27
N VAL B 323 14.55 -1.81 27.21
CA VAL B 323 14.35 -2.63 28.39
C VAL B 323 15.66 -3.24 28.89
N ASP B 324 16.52 -3.66 27.98
CA ASP B 324 17.81 -4.23 28.34
C ASP B 324 18.63 -3.17 29.08
N LEU B 325 18.60 -1.95 28.55
CA LEU B 325 19.31 -0.81 29.11
C LEU B 325 18.82 -0.55 30.52
N ALA B 326 17.50 -0.57 30.69
CA ALA B 326 16.89 -0.34 31.99
C ALA B 326 17.39 -1.39 32.96
N ALA B 327 17.35 -2.65 32.54
CA ALA B 327 17.78 -3.73 33.40
C ALA B 327 19.28 -3.60 33.74
N TYR B 328 20.08 -3.17 32.77
CA TYR B 328 21.53 -3.00 32.99
C TYR B 328 21.79 -1.92 34.04
N ILE B 329 21.11 -0.79 33.88
CA ILE B 329 21.22 0.34 34.78
C ILE B 329 20.87 -0.11 36.20
N ALA B 330 19.74 -0.78 36.33
CA ALA B 330 19.27 -1.24 37.62
C ALA B 330 20.31 -2.09 38.32
N SER B 331 20.96 -2.96 37.55
CA SER B 331 21.97 -3.86 38.11
C SER B 331 23.25 -3.16 38.55
N LYS B 332 23.60 -2.07 37.87
CA LYS B 332 24.82 -1.36 38.21
C LYS B 332 24.67 -0.57 39.49
N GLY B 333 23.46 -0.56 40.05
CA GLY B 333 23.23 0.19 41.27
C GLY B 333 22.46 1.45 40.95
N LEU B 334 21.18 1.44 41.31
CA LEU B 334 20.28 2.55 41.04
C LEU B 334 20.48 3.78 41.93
N ALA C 1 -14.76 37.47 -10.55
CA ALA C 1 -15.64 38.57 -10.05
C ALA C 1 -15.73 38.54 -8.53
N VAL C 2 -16.49 37.59 -7.98
CA VAL C 2 -16.63 37.50 -6.53
C VAL C 2 -15.32 37.10 -5.88
N LYS C 3 -14.95 37.83 -4.83
CA LYS C 3 -13.72 37.59 -4.10
C LYS C 3 -13.94 36.56 -3.02
N VAL C 4 -13.11 35.52 -3.04
CA VAL C 4 -13.18 34.39 -2.13
C VAL C 4 -11.94 34.30 -1.25
N GLY C 5 -12.16 33.80 -0.04
CA GLY C 5 -11.09 33.60 0.92
C GLY C 5 -11.16 32.16 1.41
N ILE C 6 -10.03 31.48 1.47
CA ILE C 6 -10.02 30.09 1.93
C ILE C 6 -9.40 29.95 3.32
N ASN C 7 -10.17 29.46 4.27
CA ASN C 7 -9.66 29.26 5.61
C ASN C 7 -9.36 27.78 5.75
N GLY C 8 -8.08 27.43 5.81
CA GLY C 8 -7.70 26.03 5.90
C GLY C 8 -7.29 25.53 4.51
N PHE C 9 -6.00 25.64 4.21
CA PHE C 9 -5.45 25.26 2.92
C PHE C 9 -4.96 23.79 2.92
N GLY C 10 -5.84 22.87 3.26
CA GLY C 10 -5.46 21.47 3.28
C GLY C 10 -5.92 20.77 2.01
N ARG C 11 -6.20 19.48 2.09
CA ARG C 11 -6.62 18.75 0.91
C ARG C 11 -7.80 19.41 0.18
N ILE C 12 -8.84 19.80 0.91
CA ILE C 12 -9.98 20.45 0.27
C ILE C 12 -9.68 21.91 -0.12
N GLY C 13 -8.97 22.64 0.74
CA GLY C 13 -8.66 24.02 0.43
C GLY C 13 -7.81 24.22 -0.83
N ARG C 14 -6.76 23.41 -0.99
CA ARG C 14 -5.88 23.50 -2.15
C ARG C 14 -6.61 23.06 -3.41
N ASN C 15 -7.45 22.02 -3.29
CA ASN C 15 -8.22 21.55 -4.43
C ASN C 15 -9.35 22.50 -4.80
N VAL C 16 -9.84 23.27 -3.83
CA VAL C 16 -10.87 24.28 -4.11
C VAL C 16 -10.13 25.40 -4.85
N PHE C 17 -8.88 25.66 -4.46
CA PHE C 17 -8.08 26.68 -5.13
C PHE C 17 -7.89 26.28 -6.58
N ARG C 18 -7.41 25.06 -6.81
CA ARG C 18 -7.22 24.54 -8.16
C ARG C 18 -8.48 24.68 -9.04
N ALA C 19 -9.59 24.15 -8.56
CA ALA C 19 -10.86 24.26 -9.27
C ALA C 19 -11.18 25.73 -9.57
N ALA C 20 -10.99 26.58 -8.55
CA ALA C 20 -11.24 28.01 -8.65
C ALA C 20 -10.51 28.61 -9.81
N LEU C 21 -9.30 28.15 -10.07
CA LEU C 21 -8.51 28.67 -11.19
C LEU C 21 -9.28 28.52 -12.49
N LYS C 22 -9.97 27.40 -12.63
CA LYS C 22 -10.72 27.11 -13.84
C LYS C 22 -12.06 27.85 -13.95
N ASN C 23 -12.39 28.68 -12.97
CA ASN C 23 -13.64 29.43 -12.99
C ASN C 23 -13.38 30.93 -13.06
N PRO C 24 -13.83 31.59 -14.15
CA PRO C 24 -13.65 33.03 -14.34
C PRO C 24 -14.50 33.93 -13.43
N ASP C 25 -15.61 33.38 -12.93
CA ASP C 25 -16.50 34.14 -12.07
C ASP C 25 -15.97 34.35 -10.67
N ILE C 26 -15.14 33.43 -10.17
CA ILE C 26 -14.61 33.61 -8.82
C ILE C 26 -13.13 33.94 -8.80
N GLU C 27 -12.70 34.63 -7.76
CA GLU C 27 -11.31 35.05 -7.61
C GLU C 27 -10.86 34.85 -6.16
N VAL C 28 -9.98 33.87 -5.93
CA VAL C 28 -9.48 33.62 -4.58
C VAL C 28 -8.45 34.70 -4.34
N VAL C 29 -8.68 35.56 -3.35
CA VAL C 29 -7.74 36.64 -3.07
C VAL C 29 -6.86 36.41 -1.84
N ALA C 30 -7.24 35.48 -0.97
CA ALA C 30 -6.48 35.21 0.23
C ALA C 30 -6.70 33.79 0.73
N VAL C 31 -5.74 33.32 1.52
CA VAL C 31 -5.82 32.01 2.14
C VAL C 31 -5.32 32.16 3.54
N ASN C 32 -5.90 31.40 4.45
CA ASN C 32 -5.46 31.40 5.82
C ASN C 32 -5.16 29.94 6.20
N ASP C 33 -3.99 29.70 6.78
CA ASP C 33 -3.61 28.37 7.19
C ASP C 33 -2.55 28.47 8.29
N THR C 34 -2.25 27.34 8.91
CA THR C 34 -1.26 27.28 9.97
C THR C 34 0.17 27.27 9.40
N GLY C 35 0.32 26.91 8.13
CA GLY C 35 1.63 26.87 7.51
C GLY C 35 2.04 28.18 6.84
N GLY C 36 3.34 28.34 6.63
CA GLY C 36 3.86 29.56 6.03
C GLY C 36 3.82 29.50 4.51
N ALA C 37 3.88 30.68 3.89
CA ALA C 37 3.82 30.83 2.44
C ALA C 37 4.66 29.83 1.65
N ASN C 38 5.91 29.62 2.05
CA ASN C 38 6.76 28.69 1.32
C ASN C 38 6.19 27.29 1.39
N THR C 39 5.77 26.87 2.58
CA THR C 39 5.23 25.55 2.72
C THR C 39 3.99 25.41 1.87
N LEU C 40 3.14 26.43 1.91
CA LEU C 40 1.90 26.44 1.15
C LEU C 40 2.13 26.45 -0.35
N ALA C 41 3.13 27.20 -0.79
CA ALA C 41 3.44 27.31 -2.21
C ALA C 41 3.90 25.96 -2.74
N HIS C 42 4.74 25.30 -1.96
CA HIS C 42 5.28 23.99 -2.33
C HIS C 42 4.18 22.95 -2.44
N LEU C 43 3.33 22.86 -1.42
CA LEU C 43 2.24 21.92 -1.38
C LEU C 43 1.18 22.15 -2.47
N LEU C 44 1.10 23.38 -2.96
CA LEU C 44 0.13 23.71 -4.00
C LEU C 44 0.65 23.28 -5.38
N LYS C 45 1.95 23.46 -5.57
CA LYS C 45 2.61 23.10 -6.82
C LYS C 45 2.74 21.60 -7.06
N TYR C 46 3.08 20.85 -6.00
CA TYR C 46 3.27 19.40 -6.07
C TYR C 46 2.26 18.64 -5.25
N ASP C 47 1.46 17.82 -5.92
CA ASP C 47 0.45 17.02 -5.25
C ASP C 47 0.71 15.55 -5.56
N SER C 48 0.77 14.75 -4.49
CA SER C 48 1.01 13.31 -4.59
C SER C 48 -0.11 12.56 -5.30
N VAL C 49 -1.32 13.12 -5.28
CA VAL C 49 -2.48 12.48 -5.90
C VAL C 49 -2.87 13.13 -7.22
N HIS C 50 -2.80 14.44 -7.28
CA HIS C 50 -3.20 15.15 -8.47
C HIS C 50 -2.12 15.70 -9.40
N GLY C 51 -0.84 15.48 -9.07
CA GLY C 51 0.24 15.96 -9.91
C GLY C 51 0.57 17.44 -9.77
N ARG C 52 1.48 17.93 -10.61
CA ARG C 52 1.90 19.33 -10.57
C ARG C 52 0.80 20.24 -11.03
N LEU C 53 0.72 21.41 -10.38
CA LEU C 53 -0.27 22.41 -10.73
C LEU C 53 0.13 23.01 -12.07
N ASP C 54 -0.83 23.14 -12.97
CA ASP C 54 -0.54 23.70 -14.28
C ASP C 54 -0.58 25.23 -14.17
N ALA C 55 0.38 25.81 -13.46
CA ALA C 55 0.41 27.27 -13.28
C ALA C 55 1.76 27.75 -12.82
N GLU C 56 1.99 29.05 -12.94
CA GLU C 56 3.24 29.65 -12.52
C GLU C 56 3.06 30.07 -11.05
N VAL C 57 3.73 29.38 -10.12
CA VAL C 57 3.59 29.66 -8.68
C VAL C 57 4.90 30.09 -7.97
N SER C 58 4.83 31.16 -7.17
CA SER C 58 5.99 31.67 -6.43
C SER C 58 5.57 32.41 -5.16
N VAL C 59 6.51 32.63 -4.25
CA VAL C 59 6.19 33.32 -3.01
C VAL C 59 6.78 34.72 -3.06
N ASN C 60 5.91 35.71 -3.14
CA ASN C 60 6.40 37.08 -3.17
C ASN C 60 6.35 37.60 -1.75
N GLY C 61 7.47 37.48 -1.06
CA GLY C 61 7.57 37.93 0.31
C GLY C 61 6.82 36.94 1.18
N ASN C 62 5.64 37.35 1.64
CA ASN C 62 4.83 36.49 2.48
C ASN C 62 3.50 36.19 1.78
N ASN C 63 3.45 36.44 0.48
CA ASN C 63 2.25 36.18 -0.29
C ASN C 63 2.53 35.20 -1.41
N LEU C 64 1.46 34.61 -1.94
CA LEU C 64 1.59 33.68 -3.05
C LEU C 64 1.38 34.49 -4.31
N VAL C 65 2.06 34.09 -5.38
CA VAL C 65 1.87 34.74 -6.65
C VAL C 65 1.60 33.57 -7.58
N VAL C 66 0.40 33.53 -8.13
CA VAL C 66 -0.03 32.46 -9.02
C VAL C 66 -0.52 33.08 -10.32
N ASN C 67 0.30 32.96 -11.37
CA ASN C 67 -0.01 33.50 -12.69
C ASN C 67 -0.19 35.00 -12.65
N GLY C 68 0.70 35.66 -11.92
CA GLY C 68 0.60 37.11 -11.83
C GLY C 68 -0.23 37.59 -10.67
N LYS C 69 -1.32 36.88 -10.35
CA LYS C 69 -2.21 37.25 -9.25
C LYS C 69 -1.57 37.01 -7.89
N GLU C 70 -1.62 38.01 -7.01
CA GLU C 70 -1.06 37.85 -5.69
C GLU C 70 -2.16 37.43 -4.74
N ILE C 71 -1.86 36.44 -3.90
CA ILE C 71 -2.81 35.88 -2.95
C ILE C 71 -2.29 36.21 -1.54
N ILE C 72 -3.07 36.93 -0.75
CA ILE C 72 -2.62 37.25 0.60
C ILE C 72 -2.65 35.98 1.42
N VAL C 73 -1.57 35.71 2.13
CA VAL C 73 -1.49 34.53 2.98
C VAL C 73 -1.48 35.00 4.43
N LYS C 74 -2.42 34.51 5.24
CA LYS C 74 -2.54 34.88 6.65
C LYS C 74 -2.28 33.66 7.53
N ALA C 75 -1.91 33.88 8.79
CA ALA C 75 -1.65 32.77 9.69
C ALA C 75 -2.48 32.82 11.00
N GLU C 76 -3.72 33.26 10.89
CA GLU C 76 -4.60 33.36 12.02
C GLU C 76 -5.27 32.07 12.47
N ARG C 77 -5.04 31.71 13.71
CA ARG C 77 -5.67 30.53 14.26
C ARG C 77 -7.12 30.86 14.63
N ASP C 78 -7.39 32.10 15.04
CA ASP C 78 -8.74 32.51 15.43
C ASP C 78 -9.40 33.28 14.31
N PRO C 79 -10.49 32.73 13.75
CA PRO C 79 -11.21 33.39 12.66
C PRO C 79 -11.71 34.82 12.93
N GLU C 80 -11.91 35.14 14.19
CA GLU C 80 -12.38 36.47 14.57
C GLU C 80 -11.36 37.54 14.14
N ASN C 81 -10.08 37.17 14.16
CA ASN C 81 -9.02 38.11 13.83
C ASN C 81 -8.69 38.14 12.35
N LEU C 82 -9.47 37.43 11.54
CA LEU C 82 -9.19 37.36 10.12
C LEU C 82 -9.37 38.61 9.27
N ALA C 83 -10.27 39.51 9.67
CA ALA C 83 -10.49 40.77 8.94
C ALA C 83 -10.74 40.64 7.43
N TRP C 84 -11.69 39.81 7.06
CA TRP C 84 -12.00 39.60 5.65
C TRP C 84 -12.49 40.85 4.95
N GLY C 85 -13.29 41.65 5.65
CA GLY C 85 -13.83 42.86 5.06
C GLY C 85 -12.72 43.79 4.62
N GLU C 86 -11.69 43.88 5.45
CA GLU C 86 -10.54 44.74 5.20
C GLU C 86 -9.94 44.48 3.81
N ILE C 87 -9.93 43.22 3.39
CA ILE C 87 -9.37 42.86 2.11
C ILE C 87 -10.42 42.62 1.02
N GLY C 88 -11.68 42.75 1.40
CA GLY C 88 -12.76 42.59 0.43
C GLY C 88 -13.34 41.22 0.15
N VAL C 89 -12.90 40.20 0.89
CA VAL C 89 -13.40 38.85 0.70
C VAL C 89 -14.92 38.77 0.97
N ASP C 90 -15.69 38.40 -0.04
CA ASP C 90 -17.15 38.30 0.10
C ASP C 90 -17.57 36.95 0.63
N ILE C 91 -17.02 35.88 0.05
CA ILE C 91 -17.32 34.49 0.45
C ILE C 91 -16.10 33.81 1.05
N VAL C 92 -16.28 33.18 2.20
CA VAL C 92 -15.19 32.47 2.85
C VAL C 92 -15.49 30.99 2.81
N VAL C 93 -14.48 30.22 2.44
CA VAL C 93 -14.60 28.77 2.38
C VAL C 93 -13.93 28.28 3.65
N GLU C 94 -14.74 27.69 4.52
CA GLU C 94 -14.28 27.18 5.80
C GLU C 94 -13.93 25.70 5.65
N SER C 95 -12.64 25.45 5.49
CA SER C 95 -12.15 24.11 5.28
C SER C 95 -11.02 23.65 6.20
N THR C 96 -11.07 24.06 7.47
CA THR C 96 -10.07 23.66 8.47
C THR C 96 -10.54 22.33 9.08
N GLY C 97 -11.86 22.18 9.14
CA GLY C 97 -12.45 21.00 9.71
C GLY C 97 -12.71 21.26 11.18
N ARG C 98 -12.29 22.41 11.69
CA ARG C 98 -12.48 22.72 13.11
C ARG C 98 -13.60 23.69 13.43
N PHE C 99 -14.19 24.31 12.41
CA PHE C 99 -15.27 25.27 12.62
C PHE C 99 -16.55 24.96 11.87
N THR C 100 -17.12 23.78 12.13
CA THR C 100 -18.36 23.32 11.49
C THR C 100 -19.60 23.75 12.30
N LYS C 101 -19.38 24.20 13.53
CA LYS C 101 -20.48 24.65 14.38
C LYS C 101 -20.73 26.12 14.06
N ARG C 102 -22.00 26.48 13.90
CA ARG C 102 -22.37 27.84 13.55
C ARG C 102 -21.67 28.90 14.39
N GLU C 103 -21.45 28.60 15.65
CA GLU C 103 -20.79 29.51 16.56
C GLU C 103 -19.41 29.91 16.08
N ASP C 104 -18.70 28.98 15.46
CA ASP C 104 -17.33 29.25 14.98
C ASP C 104 -17.30 29.73 13.55
N ALA C 105 -18.07 29.07 12.69
CA ALA C 105 -18.18 29.42 11.28
C ALA C 105 -18.59 30.90 11.04
N ALA C 106 -19.52 31.39 11.86
CA ALA C 106 -20.02 32.76 11.76
C ALA C 106 -18.99 33.83 12.17
N LYS C 107 -17.90 33.41 12.79
CA LYS C 107 -16.87 34.35 13.20
C LYS C 107 -16.32 35.02 11.97
N HIS C 108 -16.48 34.35 10.84
CA HIS C 108 -16.05 34.89 9.55
C HIS C 108 -16.93 36.07 9.17
N LEU C 109 -18.23 35.94 9.43
CA LEU C 109 -19.18 36.99 9.10
C LEU C 109 -18.85 38.22 9.93
N GLU C 110 -18.56 37.99 11.21
CA GLU C 110 -18.20 39.06 12.12
C GLU C 110 -16.90 39.73 11.68
N ALA C 111 -15.97 38.95 11.14
CA ALA C 111 -14.72 39.53 10.68
C ALA C 111 -14.88 40.26 9.36
N GLY C 112 -16.11 40.37 8.87
CA GLY C 112 -16.35 41.09 7.63
C GLY C 112 -16.81 40.35 6.38
N ALA C 113 -16.78 39.03 6.36
CA ALA C 113 -17.21 38.31 5.16
C ALA C 113 -18.74 38.38 5.04
N LYS C 114 -19.27 38.17 3.84
CA LYS C 114 -20.72 38.21 3.65
C LYS C 114 -21.39 36.85 3.73
N LYS C 115 -20.71 35.81 3.25
CA LYS C 115 -21.23 34.46 3.29
C LYS C 115 -20.12 33.52 3.69
N VAL C 116 -20.49 32.37 4.23
CA VAL C 116 -19.52 31.37 4.63
C VAL C 116 -19.98 30.06 4.06
N ILE C 117 -19.06 29.32 3.45
CA ILE C 117 -19.37 28.00 2.93
C ILE C 117 -18.56 27.03 3.77
N ILE C 118 -19.26 26.14 4.47
CA ILE C 118 -18.60 25.13 5.28
C ILE C 118 -18.53 23.87 4.43
N SER C 119 -17.31 23.38 4.22
CA SER C 119 -17.04 22.20 3.41
C SER C 119 -17.16 20.90 4.19
N ALA C 120 -18.29 20.73 4.86
CA ALA C 120 -18.51 19.55 5.65
C ALA C 120 -19.88 19.72 6.24
N PRO C 121 -20.43 18.67 6.86
CA PRO C 121 -21.74 18.74 7.51
C PRO C 121 -21.55 19.77 8.61
N ALA C 122 -22.56 20.59 8.87
CA ALA C 122 -22.42 21.63 9.88
C ALA C 122 -23.43 21.44 11.00
N LYS C 123 -23.38 22.31 12.01
CA LYS C 123 -24.33 22.28 13.12
C LYS C 123 -24.88 23.70 13.19
N ASN C 124 -26.21 23.83 13.15
CA ASN C 124 -26.87 25.14 13.23
C ASN C 124 -26.56 26.10 12.07
N GLU C 125 -26.23 25.52 10.92
CA GLU C 125 -25.94 26.31 9.73
C GLU C 125 -27.31 26.79 9.24
N ASP C 126 -27.33 27.86 8.45
CA ASP C 126 -28.58 28.39 7.92
C ASP C 126 -29.18 27.41 6.90
N ILE C 127 -28.34 26.86 6.05
CA ILE C 127 -28.80 25.89 5.08
C ILE C 127 -27.68 24.97 4.59
N THR C 128 -28.06 23.73 4.31
CA THR C 128 -27.16 22.73 3.78
C THR C 128 -27.63 22.57 2.34
N ILE C 129 -26.70 22.66 1.40
CA ILE C 129 -27.05 22.53 0.00
C ILE C 129 -26.21 21.47 -0.75
N VAL C 130 -26.88 20.71 -1.62
CA VAL C 130 -26.19 19.77 -2.50
C VAL C 130 -26.59 20.28 -3.89
N MET C 131 -25.62 20.85 -4.61
CA MET C 131 -25.86 21.38 -5.95
C MET C 131 -26.54 20.34 -6.85
N GLY C 132 -27.52 20.77 -7.63
CA GLY C 132 -28.23 19.84 -8.50
C GLY C 132 -29.43 19.24 -7.79
N VAL C 133 -29.48 19.39 -6.48
CA VAL C 133 -30.60 18.85 -5.71
C VAL C 133 -31.48 19.96 -5.09
N ASN C 134 -30.93 20.81 -4.24
CA ASN C 134 -31.75 21.85 -3.61
C ASN C 134 -31.14 23.22 -3.57
N GLN C 135 -30.23 23.52 -4.50
CA GLN C 135 -29.62 24.84 -4.46
C GLN C 135 -30.66 25.97 -4.59
N ASP C 136 -31.80 25.66 -5.20
CA ASP C 136 -32.87 26.64 -5.39
C ASP C 136 -33.57 27.09 -4.09
N LYS C 137 -33.32 26.37 -3.00
CA LYS C 137 -33.90 26.72 -1.71
C LYS C 137 -33.04 27.79 -1.03
N TYR C 138 -31.95 28.17 -1.69
CA TYR C 138 -31.10 29.19 -1.12
C TYR C 138 -31.80 30.55 -1.12
N ASP C 139 -31.90 31.14 0.07
CA ASP C 139 -32.52 32.44 0.25
C ASP C 139 -31.39 33.37 0.62
N PRO C 140 -31.06 34.33 -0.26
CA PRO C 140 -29.97 35.31 -0.06
C PRO C 140 -30.06 36.27 1.14
N LYS C 141 -31.27 36.63 1.55
CA LYS C 141 -31.38 37.51 2.71
C LYS C 141 -31.35 36.72 4.01
N ALA C 142 -31.68 35.43 3.94
CA ALA C 142 -31.70 34.61 5.15
C ALA C 142 -30.48 33.74 5.36
N HIS C 143 -30.06 33.07 4.29
CA HIS C 143 -28.95 32.14 4.30
C HIS C 143 -27.57 32.73 4.14
N HIS C 144 -26.82 32.79 5.25
CA HIS C 144 -25.45 33.35 5.27
C HIS C 144 -24.39 32.34 5.68
N VAL C 145 -24.79 31.31 6.44
CA VAL C 145 -23.89 30.25 6.86
C VAL C 145 -24.43 28.98 6.21
N ILE C 146 -23.82 28.67 5.08
CA ILE C 146 -24.20 27.52 4.24
C ILE C 146 -23.22 26.36 4.39
N SER C 147 -23.75 25.14 4.36
CA SER C 147 -22.93 23.95 4.41
C SER C 147 -23.07 23.27 3.05
N ASN C 148 -21.96 22.80 2.51
CA ASN C 148 -21.99 22.13 1.21
C ASN C 148 -22.18 20.62 1.40
N ALA C 149 -22.44 20.24 2.66
CA ALA C 149 -22.64 18.84 3.06
C ALA C 149 -21.32 18.06 2.94
N SER C 150 -21.41 16.74 2.84
CA SER C 150 -20.22 15.92 2.72
C SER C 150 -20.01 15.40 1.31
N CYS C 151 -18.79 14.93 1.04
CA CYS C 151 -18.48 14.35 -0.27
C CYS C 151 -19.43 13.15 -0.56
N THR C 152 -19.69 12.31 0.45
CA THR C 152 -20.59 11.16 0.32
C THR C 152 -22.01 11.56 -0.04
N THR C 153 -22.53 12.56 0.68
CA THR C 153 -23.87 13.04 0.44
C THR C 153 -23.96 13.61 -0.97
N ASN C 154 -22.91 14.27 -1.42
CA ASN C 154 -22.91 14.82 -2.77
C ASN C 154 -22.94 13.73 -3.81
N CYS C 155 -22.46 12.55 -3.45
CA CYS C 155 -22.47 11.41 -4.37
C CYS C 155 -23.83 10.73 -4.40
N LEU C 156 -24.36 10.44 -3.21
CA LEU C 156 -25.63 9.74 -3.07
C LEU C 156 -26.87 10.53 -3.47
N ALA C 157 -27.04 11.72 -2.89
CA ALA C 157 -28.20 12.57 -3.14
C ALA C 157 -28.65 12.70 -4.58
N PRO C 158 -27.76 13.07 -5.51
CA PRO C 158 -28.17 13.21 -6.91
C PRO C 158 -28.85 11.98 -7.48
N PHE C 159 -28.35 10.78 -7.19
CA PHE C 159 -29.02 9.62 -7.72
C PHE C 159 -30.15 9.11 -6.81
N ALA C 160 -30.12 9.46 -5.53
CA ALA C 160 -31.21 9.03 -4.65
C ALA C 160 -32.47 9.76 -5.15
N LYS C 161 -32.28 11.01 -5.56
CA LYS C 161 -33.35 11.85 -6.10
C LYS C 161 -34.02 11.21 -7.33
N VAL C 162 -33.21 10.86 -8.33
CA VAL C 162 -33.72 10.23 -9.54
C VAL C 162 -34.44 8.92 -9.26
N LEU C 163 -33.87 8.06 -8.44
CA LEU C 163 -34.53 6.81 -8.13
C LEU C 163 -35.89 7.12 -7.50
N HIS C 164 -35.90 8.07 -6.56
CA HIS C 164 -37.12 8.42 -5.86
C HIS C 164 -38.21 8.93 -6.79
N GLU C 165 -37.89 9.95 -7.58
CA GLU C 165 -38.87 10.50 -8.50
C GLU C 165 -39.44 9.47 -9.46
N GLN C 166 -38.61 8.53 -9.89
CA GLN C 166 -39.03 7.52 -10.87
C GLN C 166 -39.66 6.21 -10.38
N PHE C 167 -39.19 5.68 -9.25
CA PHE C 167 -39.69 4.40 -8.75
C PHE C 167 -40.15 4.43 -7.29
N GLY C 168 -39.73 5.46 -6.56
CA GLY C 168 -40.12 5.56 -5.17
C GLY C 168 -39.28 4.69 -4.26
N ILE C 169 -38.48 5.33 -3.41
CA ILE C 169 -37.64 4.62 -2.47
C ILE C 169 -38.43 4.36 -1.21
N VAL C 170 -38.73 3.10 -0.95
CA VAL C 170 -39.43 2.71 0.27
C VAL C 170 -38.42 2.88 1.41
N ARG C 171 -37.21 2.35 1.20
CA ARG C 171 -36.11 2.43 2.17
C ARG C 171 -34.85 1.84 1.56
N GLY C 172 -33.69 2.23 2.09
CA GLY C 172 -32.42 1.71 1.56
C GLY C 172 -31.23 1.85 2.50
N MET C 173 -30.20 1.06 2.25
CA MET C 173 -28.98 1.08 3.07
C MET C 173 -27.81 1.34 2.14
N MET C 174 -26.85 2.13 2.60
CA MET C 174 -25.67 2.43 1.80
C MET C 174 -24.39 2.18 2.53
N THR C 175 -23.37 1.81 1.77
CA THR C 175 -22.05 1.62 2.31
C THR C 175 -21.15 2.36 1.37
N THR C 176 -20.24 3.16 1.91
CA THR C 176 -19.28 3.86 1.05
C THR C 176 -17.90 3.27 1.32
N VAL C 177 -17.26 2.75 0.26
CA VAL C 177 -15.91 2.19 0.37
C VAL C 177 -15.10 3.41 0.02
N HIS C 178 -14.65 4.06 1.07
CA HIS C 178 -13.95 5.32 1.01
C HIS C 178 -12.43 5.28 1.18
N SER C 179 -11.74 6.18 0.46
CA SER C 179 -10.31 6.32 0.58
C SER C 179 -10.00 6.97 1.95
N TYR C 180 -8.81 6.74 2.48
CA TYR C 180 -8.42 7.34 3.75
C TYR C 180 -8.20 8.84 3.59
N THR C 181 -8.47 9.63 4.64
CA THR C 181 -8.30 11.09 4.62
C THR C 181 -7.37 11.49 5.75
N ASN C 182 -7.00 12.76 5.77
CA ASN C 182 -6.11 13.27 6.82
C ASN C 182 -6.73 13.19 8.22
N ASP C 183 -7.97 12.71 8.34
CA ASP C 183 -8.57 12.53 9.64
C ASP C 183 -8.11 11.21 10.30
N GLN C 184 -7.48 10.32 9.54
CA GLN C 184 -7.02 9.05 10.06
C GLN C 184 -5.56 9.05 10.50
N ARG C 185 -5.09 7.92 11.03
CA ARG C 185 -3.71 7.80 11.52
C ARG C 185 -2.81 6.96 10.61
N ILE C 186 -1.55 7.36 10.47
CA ILE C 186 -0.59 6.65 9.63
C ILE C 186 -0.30 5.32 10.31
N LEU C 187 -0.09 5.37 11.63
CA LEU C 187 0.17 4.19 12.45
C LEU C 187 -0.72 4.32 13.70
N ASP C 188 -1.06 3.20 14.33
CA ASP C 188 -1.93 3.17 15.51
C ASP C 188 -1.62 4.32 16.46
N ALA C 189 -2.62 5.18 16.63
CA ALA C 189 -2.53 6.36 17.46
C ALA C 189 -3.91 6.75 17.99
N SER C 190 -3.90 7.57 19.03
CA SER C 190 -5.12 8.01 19.68
C SER C 190 -6.05 8.76 18.73
N HIS C 191 -7.35 8.50 18.86
CA HIS C 191 -8.36 9.14 18.02
C HIS C 191 -9.66 8.86 18.77
N LYS C 192 -10.62 9.77 18.70
CA LYS C 192 -11.90 9.58 19.40
C LYS C 192 -12.66 8.37 18.84
N ASP C 193 -12.38 8.06 17.58
CA ASP C 193 -12.97 6.93 16.90
C ASP C 193 -11.84 5.90 16.92
N LEU C 194 -12.06 4.83 17.68
CA LEU C 194 -11.11 3.73 17.84
C LEU C 194 -10.88 2.96 16.54
N ARG C 195 -11.78 3.12 15.58
CA ARG C 195 -11.60 2.47 14.30
C ARG C 195 -10.53 3.28 13.54
N ARG C 196 -10.72 4.59 13.45
CA ARG C 196 -9.80 5.49 12.74
C ARG C 196 -8.45 5.71 13.47
N ALA C 197 -8.32 5.13 14.66
CA ALA C 197 -7.10 5.21 15.42
C ALA C 197 -6.08 4.23 14.84
N ARG C 198 -6.55 3.36 13.94
CA ARG C 198 -5.70 2.32 13.37
C ARG C 198 -5.02 2.66 12.07
N ALA C 199 -3.83 2.11 11.87
CA ALA C 199 -2.99 2.33 10.66
C ALA C 199 -3.87 2.33 9.41
N ALA C 200 -4.01 3.51 8.82
CA ALA C 200 -4.88 3.73 7.67
C ALA C 200 -4.65 2.93 6.42
N ALA C 201 -3.39 2.69 6.08
CA ALA C 201 -3.05 1.96 4.86
C ALA C 201 -2.90 0.46 5.04
N GLU C 202 -3.16 -0.03 6.25
CA GLU C 202 -3.02 -1.44 6.53
C GLU C 202 -4.31 -2.21 6.65
N SER C 203 -5.44 -1.52 6.78
CA SER C 203 -6.69 -2.23 6.97
C SER C 203 -7.89 -1.66 6.30
N ILE C 204 -8.97 -2.45 6.33
CA ILE C 204 -10.29 -2.06 5.87
C ILE C 204 -10.83 -1.63 7.26
N ILE C 205 -11.11 -0.35 7.40
CA ILE C 205 -11.56 0.20 8.67
C ILE C 205 -13.02 0.62 8.63
N PRO C 206 -13.91 -0.18 9.25
CA PRO C 206 -15.32 0.20 9.25
C PRO C 206 -15.45 1.44 10.15
N THR C 207 -16.24 2.41 9.70
CA THR C 207 -16.45 3.60 10.48
C THR C 207 -17.86 4.11 10.20
N THR C 208 -18.25 5.15 10.91
CA THR C 208 -19.60 5.69 10.74
C THR C 208 -19.65 6.83 9.75
N THR C 209 -20.84 7.06 9.24
CA THR C 209 -21.10 8.15 8.32
C THR C 209 -22.52 8.61 8.58
N GLY C 210 -22.76 9.90 8.41
CA GLY C 210 -24.11 10.41 8.60
C GLY C 210 -24.63 10.87 7.25
N ALA C 211 -23.89 10.52 6.20
CA ALA C 211 -24.23 10.89 4.84
C ALA C 211 -25.55 10.37 4.33
N ALA C 212 -26.01 9.23 4.85
CA ALA C 212 -27.28 8.68 4.40
C ALA C 212 -28.44 9.46 5.03
N LYS C 213 -28.41 9.61 6.35
CA LYS C 213 -29.44 10.37 7.03
C LYS C 213 -29.42 11.85 6.55
N ALA C 214 -28.23 12.38 6.27
CA ALA C 214 -28.09 13.76 5.79
C ALA C 214 -28.78 14.05 4.46
N VAL C 215 -29.13 13.00 3.69
CA VAL C 215 -29.82 13.19 2.42
C VAL C 215 -31.19 13.85 2.70
N ALA C 216 -31.70 13.63 3.90
CA ALA C 216 -32.96 14.19 4.34
C ALA C 216 -32.91 15.72 4.35
N LEU C 217 -31.73 16.29 4.58
CA LEU C 217 -31.58 17.74 4.59
C LEU C 217 -31.85 18.32 3.23
N VAL C 218 -31.52 17.56 2.18
CA VAL C 218 -31.69 18.06 0.82
C VAL C 218 -32.88 17.46 0.05
N LEU C 219 -33.30 16.26 0.47
CA LEU C 219 -34.42 15.56 -0.13
C LEU C 219 -35.23 15.11 1.08
N PRO C 220 -35.98 16.05 1.69
CA PRO C 220 -36.82 15.86 2.87
C PRO C 220 -37.70 14.64 2.81
N GLU C 221 -38.16 14.34 1.60
CA GLU C 221 -39.04 13.19 1.37
C GLU C 221 -38.39 11.89 1.81
N LEU C 222 -37.07 11.81 1.74
CA LEU C 222 -36.36 10.60 2.11
C LEU C 222 -35.94 10.58 3.59
N LYS C 223 -36.54 11.45 4.40
CA LYS C 223 -36.21 11.50 5.82
C LYS C 223 -36.69 10.19 6.47
N GLY C 224 -35.78 9.51 7.15
CA GLY C 224 -36.12 8.25 7.79
C GLY C 224 -36.07 7.01 6.91
N LYS C 225 -35.87 7.18 5.60
CA LYS C 225 -35.82 6.04 4.69
C LYS C 225 -34.45 5.50 4.34
N LEU C 226 -33.40 6.20 4.75
CA LEU C 226 -32.04 5.78 4.43
C LEU C 226 -31.13 5.77 5.65
N ASN C 227 -30.06 5.01 5.54
CA ASN C 227 -29.05 4.90 6.59
C ASN C 227 -27.87 4.14 6.00
N GLY C 228 -26.73 4.18 6.65
CA GLY C 228 -25.59 3.47 6.11
C GLY C 228 -24.34 3.62 6.94
N MET C 229 -23.23 3.14 6.37
CA MET C 229 -21.94 3.17 7.03
C MET C 229 -20.83 3.39 6.00
N ALA C 230 -19.60 3.43 6.48
CA ALA C 230 -18.45 3.61 5.61
C ALA C 230 -17.35 2.63 5.94
N MET C 231 -16.55 2.35 4.93
CA MET C 231 -15.41 1.48 5.07
C MET C 231 -14.24 2.23 4.44
N ARG C 232 -13.29 2.63 5.27
CA ARG C 232 -12.11 3.33 4.82
C ARG C 232 -11.14 2.25 4.38
N VAL C 233 -10.54 2.41 3.21
CA VAL C 233 -9.61 1.41 2.71
C VAL C 233 -8.24 2.02 2.30
N PRO C 234 -7.19 1.19 2.10
CA PRO C 234 -5.87 1.72 1.73
C PRO C 234 -5.64 2.35 0.36
N THR C 235 -6.49 3.29 -0.05
CA THR C 235 -6.29 4.03 -1.30
C THR C 235 -6.31 5.50 -0.89
N PRO C 236 -5.45 6.37 -1.49
CA PRO C 236 -5.38 7.80 -1.13
C PRO C 236 -6.49 8.76 -1.58
N ASN C 237 -7.20 8.40 -2.64
CA ASN C 237 -8.26 9.25 -3.17
C ASN C 237 -9.21 8.44 -4.04
N VAL C 238 -10.47 8.87 -4.10
CA VAL C 238 -11.57 8.26 -4.86
C VAL C 238 -12.34 7.29 -3.97
N SER C 239 -13.67 7.39 -3.99
CA SER C 239 -14.53 6.55 -3.18
C SER C 239 -15.72 6.05 -4.01
N VAL C 240 -16.46 5.08 -3.48
CA VAL C 240 -17.59 4.51 -4.20
C VAL C 240 -18.76 4.28 -3.24
N VAL C 241 -19.96 4.69 -3.66
CA VAL C 241 -21.19 4.52 -2.87
C VAL C 241 -21.89 3.27 -3.37
N ASP C 242 -22.32 2.43 -2.44
CA ASP C 242 -23.03 1.18 -2.75
C ASP C 242 -24.40 1.28 -2.08
N LEU C 243 -25.44 1.50 -2.88
CA LEU C 243 -26.79 1.67 -2.37
C LEU C 243 -27.72 0.52 -2.68
N VAL C 244 -28.31 -0.04 -1.64
CA VAL C 244 -29.29 -1.13 -1.79
C VAL C 244 -30.60 -0.48 -1.36
N ALA C 245 -31.58 -0.46 -2.27
CA ALA C 245 -32.86 0.15 -1.95
C ALA C 245 -34.09 -0.67 -2.33
N GLU C 246 -35.13 -0.56 -1.48
CA GLU C 246 -36.43 -1.20 -1.68
C GLU C 246 -37.25 -0.19 -2.47
N LEU C 247 -37.66 -0.57 -3.67
CA LEU C 247 -38.44 0.32 -4.53
C LEU C 247 -39.93 -0.01 -4.43
N GLU C 248 -40.76 0.96 -4.80
CA GLU C 248 -42.21 0.80 -4.79
C GLU C 248 -42.67 0.11 -6.07
N LYS C 249 -42.01 0.45 -7.18
CA LYS C 249 -42.33 -0.12 -8.47
C LYS C 249 -41.56 -1.39 -8.81
N GLU C 250 -42.05 -2.09 -9.82
CA GLU C 250 -41.42 -3.28 -10.33
C GLU C 250 -40.45 -2.70 -11.35
N VAL C 251 -39.17 -3.07 -11.26
CA VAL C 251 -38.18 -2.55 -12.18
C VAL C 251 -37.28 -3.62 -12.76
N THR C 252 -36.57 -3.27 -13.81
CA THR C 252 -35.61 -4.16 -14.42
C THR C 252 -34.33 -3.34 -14.41
N VAL C 253 -33.19 -4.00 -14.52
CA VAL C 253 -31.92 -3.28 -14.52
C VAL C 253 -31.91 -2.22 -15.60
N GLU C 254 -32.41 -2.57 -16.78
CA GLU C 254 -32.46 -1.67 -17.94
C GLU C 254 -33.28 -0.44 -17.62
N GLU C 255 -34.39 -0.66 -16.92
CA GLU C 255 -35.26 0.42 -16.53
C GLU C 255 -34.47 1.36 -15.62
N VAL C 256 -33.83 0.79 -14.60
CA VAL C 256 -33.03 1.57 -13.64
C VAL C 256 -31.95 2.40 -14.35
N ASN C 257 -31.10 1.75 -15.13
CA ASN C 257 -30.03 2.47 -15.81
C ASN C 257 -30.51 3.52 -16.79
N ALA C 258 -31.61 3.24 -17.48
CA ALA C 258 -32.15 4.21 -18.44
C ALA C 258 -32.52 5.50 -17.74
N ALA C 259 -33.14 5.39 -16.56
CA ALA C 259 -33.50 6.56 -15.77
C ALA C 259 -32.23 7.36 -15.43
N LEU C 260 -31.24 6.66 -14.89
CA LEU C 260 -29.98 7.28 -14.51
C LEU C 260 -29.27 7.98 -15.67
N LYS C 261 -29.13 7.25 -16.78
CA LYS C 261 -28.47 7.74 -17.98
C LYS C 261 -29.12 9.02 -18.52
N ALA C 262 -30.45 9.06 -18.48
CA ALA C 262 -31.20 10.21 -18.94
C ALA C 262 -30.91 11.40 -18.08
N ALA C 263 -30.96 11.20 -16.77
CA ALA C 263 -30.69 12.27 -15.81
C ALA C 263 -29.28 12.82 -16.03
N ALA C 264 -28.30 11.92 -16.22
CA ALA C 264 -26.91 12.33 -16.44
C ALA C 264 -26.81 13.25 -17.64
N GLU C 265 -27.67 13.02 -18.64
CA GLU C 265 -27.63 13.85 -19.82
C GLU C 265 -28.69 14.96 -19.81
N GLY C 266 -29.51 14.98 -18.77
CA GLY C 266 -30.54 15.99 -18.66
C GLY C 266 -30.30 17.03 -17.58
N GLU C 267 -31.24 17.09 -16.63
CA GLU C 267 -31.19 18.05 -15.51
C GLU C 267 -29.87 18.02 -14.73
N LEU C 268 -29.48 16.83 -14.28
CA LEU C 268 -28.28 16.67 -13.49
C LEU C 268 -27.02 16.52 -14.31
N LYS C 269 -27.03 16.96 -15.56
CA LYS C 269 -25.83 16.85 -16.36
C LYS C 269 -24.79 17.71 -15.67
N GLY C 270 -23.56 17.20 -15.56
CA GLY C 270 -22.49 17.94 -14.91
C GLY C 270 -22.32 17.60 -13.43
N ILE C 271 -23.37 17.05 -12.84
CA ILE C 271 -23.36 16.65 -11.44
C ILE C 271 -23.35 15.12 -11.42
N LEU C 272 -24.25 14.52 -12.20
CA LEU C 272 -24.36 13.06 -12.30
C LEU C 272 -23.86 12.60 -13.67
N ALA C 273 -23.04 11.55 -13.68
CA ALA C 273 -22.50 11.00 -14.92
C ALA C 273 -22.88 9.52 -14.99
N TYR C 274 -22.71 8.90 -16.15
CA TYR C 274 -23.10 7.49 -16.36
C TYR C 274 -22.01 6.76 -17.13
N SER C 275 -21.63 5.58 -16.66
CA SER C 275 -20.58 4.85 -17.34
C SER C 275 -20.84 3.37 -17.52
N GLU C 276 -20.58 2.88 -18.72
CA GLU C 276 -20.75 1.47 -19.03
C GLU C 276 -19.40 0.82 -19.30
N GLU C 277 -18.32 1.48 -18.88
CA GLU C 277 -16.98 0.95 -19.06
C GLU C 277 -16.62 0.27 -17.75
N PRO C 278 -15.90 -0.87 -17.82
CA PRO C 278 -15.51 -1.57 -16.58
C PRO C 278 -14.26 -0.91 -15.99
N LEU C 279 -14.43 0.24 -15.35
CA LEU C 279 -13.30 0.95 -14.79
C LEU C 279 -13.02 0.68 -13.32
N VAL C 280 -11.89 1.19 -12.83
CA VAL C 280 -11.51 1.02 -11.45
C VAL C 280 -11.24 2.41 -10.85
N SER C 281 -11.08 2.49 -9.53
CA SER C 281 -10.90 3.78 -8.88
C SER C 281 -9.90 4.77 -9.45
N ARG C 282 -8.68 4.35 -9.75
CA ARG C 282 -7.72 5.30 -10.28
C ARG C 282 -8.26 6.00 -11.51
N ASP C 283 -9.13 5.33 -12.26
CA ASP C 283 -9.69 5.93 -13.47
C ASP C 283 -10.52 7.18 -13.19
N TYR C 284 -11.12 7.23 -12.00
CA TYR C 284 -11.93 8.37 -11.60
C TYR C 284 -11.18 9.49 -10.89
N ASN C 285 -9.87 9.28 -10.71
CA ASN C 285 -9.05 10.29 -10.04
C ASN C 285 -8.98 11.49 -10.99
N GLY C 286 -9.48 12.63 -10.53
CA GLY C 286 -9.50 13.83 -11.34
C GLY C 286 -10.89 14.16 -11.87
N SER C 287 -11.85 13.25 -11.67
CA SER C 287 -13.23 13.45 -12.11
C SER C 287 -13.89 14.65 -11.40
N THR C 288 -14.50 15.56 -12.16
CA THR C 288 -15.12 16.73 -11.57
C THR C 288 -16.61 16.61 -11.20
N VAL C 289 -17.30 15.61 -11.74
CA VAL C 289 -18.72 15.42 -11.41
C VAL C 289 -18.82 15.00 -9.95
N SER C 290 -20.03 14.94 -9.45
CA SER C 290 -20.25 14.57 -8.07
C SER C 290 -20.54 13.07 -7.90
N SER C 291 -21.03 12.42 -8.96
CA SER C 291 -21.44 11.03 -8.91
C SER C 291 -21.42 10.42 -10.32
N THR C 292 -20.82 9.24 -10.49
CA THR C 292 -20.77 8.57 -11.80
C THR C 292 -21.30 7.16 -11.66
N ILE C 293 -22.44 6.88 -12.28
CA ILE C 293 -23.03 5.56 -12.17
C ILE C 293 -22.21 4.49 -12.88
N ASP C 294 -21.87 3.43 -12.15
CA ASP C 294 -21.13 2.33 -12.74
C ASP C 294 -22.26 1.39 -13.21
N ALA C 295 -22.74 1.67 -14.42
CA ALA C 295 -23.83 0.94 -15.06
C ALA C 295 -23.70 -0.58 -15.05
N LEU C 296 -22.49 -1.09 -15.17
CA LEU C 296 -22.31 -2.52 -15.18
C LEU C 296 -22.65 -3.18 -13.83
N SER C 297 -22.68 -2.39 -12.77
CA SER C 297 -22.96 -2.93 -11.44
C SER C 297 -24.41 -2.92 -11.02
N THR C 298 -25.24 -2.17 -11.74
CA THR C 298 -26.65 -2.11 -11.40
C THR C 298 -27.20 -3.53 -11.39
N MET C 299 -27.88 -3.85 -10.30
CA MET C 299 -28.42 -5.16 -10.05
C MET C 299 -29.83 -5.00 -9.50
N VAL C 300 -30.65 -6.04 -9.65
CA VAL C 300 -32.04 -6.05 -9.16
C VAL C 300 -32.49 -7.48 -8.78
N ILE C 301 -33.09 -7.65 -7.60
CA ILE C 301 -33.61 -8.95 -7.16
C ILE C 301 -35.11 -8.77 -6.97
N ASP C 302 -35.92 -9.72 -7.44
CA ASP C 302 -37.38 -9.64 -7.31
C ASP C 302 -37.96 -8.37 -7.93
N GLY C 303 -37.25 -7.77 -8.87
CA GLY C 303 -37.73 -6.55 -9.49
C GLY C 303 -38.04 -5.42 -8.52
N LYS C 304 -37.81 -5.63 -7.23
CA LYS C 304 -38.11 -4.60 -6.24
C LYS C 304 -36.91 -4.03 -5.48
N MET C 305 -35.87 -4.84 -5.30
CA MET C 305 -34.68 -4.40 -4.59
C MET C 305 -33.59 -4.13 -5.60
N VAL C 306 -33.05 -2.92 -5.56
CA VAL C 306 -32.00 -2.53 -6.51
C VAL C 306 -30.68 -2.25 -5.82
N LYS C 307 -29.59 -2.43 -6.57
CA LYS C 307 -28.26 -2.12 -6.10
C LYS C 307 -27.72 -1.19 -7.18
N VAL C 308 -27.28 -0.01 -6.77
CA VAL C 308 -26.71 0.98 -7.68
C VAL C 308 -25.37 1.36 -7.07
N VAL C 309 -24.34 1.40 -7.92
CA VAL C 309 -22.96 1.73 -7.49
C VAL C 309 -22.50 3.02 -8.20
N SER C 310 -21.99 3.99 -7.44
CA SER C 310 -21.54 5.26 -8.02
C SER C 310 -20.16 5.71 -7.50
N TRP C 311 -19.29 6.09 -8.42
CA TRP C 311 -17.95 6.53 -8.09
C TRP C 311 -17.93 8.00 -7.79
N TYR C 312 -16.95 8.45 -7.01
CA TYR C 312 -16.80 9.87 -6.74
C TYR C 312 -15.40 10.23 -6.29
N ASP C 313 -14.83 11.24 -6.93
CA ASP C 313 -13.51 11.71 -6.52
C ASP C 313 -13.87 12.62 -5.33
N ASN C 314 -13.62 12.11 -4.12
CA ASN C 314 -13.92 12.83 -2.88
C ASN C 314 -13.25 14.20 -2.73
N GLU C 315 -12.09 14.40 -3.35
CA GLU C 315 -11.41 15.68 -3.28
C GLU C 315 -11.81 16.62 -4.44
N THR C 316 -11.71 16.14 -5.68
CA THR C 316 -11.99 16.95 -6.87
C THR C 316 -13.45 17.31 -7.15
N GLY C 317 -14.33 16.31 -7.15
CA GLY C 317 -15.74 16.56 -7.43
C GLY C 317 -16.31 17.51 -6.40
N TYR C 318 -15.94 17.30 -5.13
CA TYR C 318 -16.42 18.14 -4.04
C TYR C 318 -15.96 19.62 -4.15
N SER C 319 -14.66 19.81 -4.35
CA SER C 319 -14.06 21.15 -4.48
C SER C 319 -14.69 21.91 -5.63
N HIS C 320 -15.08 21.18 -6.67
CA HIS C 320 -15.71 21.80 -7.81
C HIS C 320 -17.10 22.26 -7.40
N ARG C 321 -17.79 21.45 -6.60
CA ARG C 321 -19.12 21.81 -6.13
C ARG C 321 -19.02 23.01 -5.21
N VAL C 322 -17.96 23.08 -4.42
CA VAL C 322 -17.77 24.20 -3.53
C VAL C 322 -17.67 25.49 -4.36
N VAL C 323 -16.87 25.44 -5.41
CA VAL C 323 -16.67 26.56 -6.33
C VAL C 323 -17.97 26.87 -7.11
N ASP C 324 -18.76 25.83 -7.42
CA ASP C 324 -20.02 25.99 -8.14
C ASP C 324 -21.03 26.68 -7.20
N LEU C 325 -20.98 26.32 -5.91
CA LEU C 325 -21.87 26.90 -4.92
C LEU C 325 -21.53 28.37 -4.72
N ALA C 326 -20.24 28.70 -4.66
CA ALA C 326 -19.79 30.07 -4.49
C ALA C 326 -20.24 30.91 -5.67
N ALA C 327 -20.08 30.38 -6.87
CA ALA C 327 -20.49 31.10 -8.08
C ALA C 327 -22.02 31.30 -8.13
N TYR C 328 -22.77 30.33 -7.63
CA TYR C 328 -24.24 30.37 -7.60
C TYR C 328 -24.77 31.40 -6.58
N ILE C 329 -24.26 31.34 -5.36
CA ILE C 329 -24.64 32.25 -4.29
C ILE C 329 -24.46 33.69 -4.76
N ALA C 330 -23.30 33.96 -5.34
CA ALA C 330 -22.96 35.26 -5.85
C ALA C 330 -23.96 35.75 -6.90
N SER C 331 -24.39 34.86 -7.79
CA SER C 331 -25.33 35.24 -8.84
C SER C 331 -26.65 35.77 -8.26
N LYS C 332 -26.96 35.34 -7.04
CA LYS C 332 -28.18 35.76 -6.37
C LYS C 332 -28.08 37.11 -5.66
N GLY C 333 -26.86 37.62 -5.51
CA GLY C 333 -26.66 38.89 -4.84
C GLY C 333 -26.09 38.71 -3.45
N LEU C 334 -24.95 39.34 -3.20
CA LEU C 334 -24.27 39.26 -1.92
C LEU C 334 -24.52 40.47 -1.00
N ALA D 1 -4.39 -39.42 11.40
CA ALA D 1 -5.11 -40.70 11.11
C ALA D 1 -5.36 -40.84 9.61
N VAL D 2 -6.34 -40.09 9.08
CA VAL D 2 -6.66 -40.13 7.66
C VAL D 2 -5.54 -39.42 6.87
N LYS D 3 -5.04 -40.09 5.83
CA LYS D 3 -3.96 -39.56 5.01
C LYS D 3 -4.51 -38.63 3.96
N VAL D 4 -3.88 -37.47 3.83
CA VAL D 4 -4.33 -36.44 2.91
C VAL D 4 -3.21 -36.01 1.98
N GLY D 5 -3.59 -35.67 0.75
CA GLY D 5 -2.64 -35.18 -0.22
C GLY D 5 -3.16 -33.82 -0.65
N ILE D 6 -2.26 -32.89 -0.95
CA ILE D 6 -2.66 -31.56 -1.38
C ILE D 6 -2.22 -31.35 -2.82
N ASN D 7 -3.15 -30.95 -3.68
CA ASN D 7 -2.81 -30.69 -5.08
C ASN D 7 -2.80 -29.18 -5.29
N GLY D 8 -1.59 -28.63 -5.42
CA GLY D 8 -1.40 -27.20 -5.60
C GLY D 8 -1.09 -26.56 -4.25
N PHE D 9 0.20 -26.36 -4.01
CA PHE D 9 0.71 -25.79 -2.77
C PHE D 9 0.75 -24.26 -2.86
N GLY D 10 -0.41 -23.65 -3.10
CA GLY D 10 -0.47 -22.21 -3.21
C GLY D 10 -0.81 -21.60 -1.87
N ARG D 11 -1.51 -20.48 -1.89
CA ARG D 11 -1.90 -19.83 -0.66
C ARG D 11 -2.81 -20.75 0.17
N ILE D 12 -3.85 -21.30 -0.44
CA ILE D 12 -4.78 -22.19 0.26
C ILE D 12 -4.14 -23.55 0.60
N GLY D 13 -3.34 -24.11 -0.32
CA GLY D 13 -2.70 -25.38 -0.06
C GLY D 13 -1.74 -25.34 1.12
N ARG D 14 -0.91 -24.28 1.17
CA ARG D 14 0.06 -24.10 2.26
C ARG D 14 -0.65 -23.74 3.56
N ASN D 15 -1.78 -23.05 3.48
CA ASN D 15 -2.52 -22.73 4.69
C ASN D 15 -3.37 -23.90 5.17
N VAL D 16 -3.73 -24.81 4.26
CA VAL D 16 -4.46 -26.01 4.64
C VAL D 16 -3.43 -26.89 5.37
N PHE D 17 -2.19 -26.90 4.88
CA PHE D 17 -1.12 -27.67 5.49
C PHE D 17 -0.90 -27.13 6.93
N ARG D 18 -0.75 -25.81 7.08
CA ARG D 18 -0.56 -25.18 8.39
C ARG D 18 -1.70 -25.53 9.34
N ALA D 19 -2.93 -25.44 8.86
CA ALA D 19 -4.07 -25.76 9.69
C ALA D 19 -4.05 -27.24 10.03
N ALA D 20 -3.53 -28.05 9.10
CA ALA D 20 -3.48 -29.49 9.30
C ALA D 20 -2.58 -29.87 10.47
N LEU D 21 -1.57 -29.04 10.72
CA LEU D 21 -0.63 -29.28 11.79
C LEU D 21 -1.24 -29.42 13.19
N LYS D 22 -2.30 -28.68 13.51
CA LYS D 22 -2.88 -28.83 14.84
C LYS D 22 -4.14 -29.68 14.90
N ASN D 23 -4.28 -30.58 13.94
CA ASN D 23 -5.44 -31.48 13.96
C ASN D 23 -4.86 -32.88 13.98
N PRO D 24 -5.17 -33.67 15.02
CA PRO D 24 -4.69 -35.04 15.20
C PRO D 24 -5.29 -36.06 14.26
N ASP D 25 -6.51 -35.80 13.81
CA ASP D 25 -7.22 -36.69 12.94
C ASP D 25 -6.70 -36.81 11.52
N ILE D 26 -6.37 -35.69 10.88
CA ILE D 26 -5.84 -35.82 9.53
C ILE D 26 -4.34 -35.75 9.56
N GLU D 27 -3.70 -36.14 8.46
CA GLU D 27 -2.26 -36.15 8.36
C GLU D 27 -1.89 -35.98 6.89
N VAL D 28 -1.20 -34.88 6.59
CA VAL D 28 -0.78 -34.60 5.23
C VAL D 28 0.45 -35.42 4.94
N VAL D 29 0.44 -36.19 3.86
CA VAL D 29 1.56 -37.06 3.52
C VAL D 29 2.20 -36.80 2.16
N ALA D 30 1.53 -36.01 1.33
CA ALA D 30 2.05 -35.69 0.01
C ALA D 30 1.46 -34.40 -0.57
N VAL D 31 2.28 -33.69 -1.34
CA VAL D 31 1.85 -32.46 -1.97
C VAL D 31 2.33 -32.54 -3.40
N ASN D 32 1.58 -31.92 -4.29
CA ASN D 32 1.94 -31.88 -5.70
C ASN D 32 1.83 -30.41 -6.12
N ASP D 33 2.86 -29.90 -6.78
CA ASP D 33 2.84 -28.53 -7.25
C ASP D 33 3.79 -28.37 -8.41
N THR D 34 3.73 -27.24 -9.07
CA THR D 34 4.60 -26.94 -10.19
C THR D 34 6.01 -26.64 -9.69
N GLY D 35 6.12 -26.15 -8.45
CA GLY D 35 7.42 -25.82 -7.87
C GLY D 35 8.29 -26.93 -7.27
N GLY D 36 9.58 -26.61 -7.13
CA GLY D 36 10.53 -27.55 -6.58
C GLY D 36 10.43 -27.64 -5.07
N ALA D 37 11.05 -28.65 -4.47
CA ALA D 37 11.01 -28.85 -3.04
C ALA D 37 11.61 -27.69 -2.25
N ASN D 38 12.77 -27.22 -2.68
CA ASN D 38 13.45 -26.13 -1.98
C ASN D 38 12.59 -24.87 -1.96
N THR D 39 11.87 -24.64 -3.05
CA THR D 39 11.01 -23.48 -3.11
C THR D 39 9.79 -23.69 -2.24
N LEU D 40 9.20 -24.86 -2.36
CA LEU D 40 8.02 -25.19 -1.59
C LEU D 40 8.31 -25.10 -0.10
N ALA D 41 9.49 -25.54 0.33
CA ALA D 41 9.88 -25.48 1.72
C ALA D 41 10.08 -24.03 2.19
N HIS D 42 10.68 -23.21 1.32
CA HIS D 42 10.91 -21.83 1.66
C HIS D 42 9.62 -21.07 1.88
N LEU D 43 8.65 -21.28 1.01
CA LEU D 43 7.35 -20.60 1.10
C LEU D 43 6.48 -21.17 2.21
N LEU D 44 6.73 -22.41 2.58
CA LEU D 44 5.96 -23.00 3.66
C LEU D 44 6.47 -22.39 4.96
N LYS D 45 7.79 -22.26 5.11
CA LYS D 45 8.36 -21.69 6.33
C LYS D 45 8.13 -20.18 6.53
N TYR D 46 8.38 -19.39 5.50
CA TYR D 46 8.18 -17.94 5.57
C TYR D 46 6.95 -17.49 4.80
N ASP D 47 6.06 -16.79 5.50
CA ASP D 47 4.84 -16.31 4.88
C ASP D 47 4.70 -14.83 5.17
N SER D 48 4.57 -14.02 4.13
CA SER D 48 4.43 -12.57 4.25
C SER D 48 3.19 -12.09 5.03
N VAL D 49 2.17 -12.93 5.13
CA VAL D 49 0.95 -12.55 5.82
C VAL D 49 0.77 -13.19 7.18
N HIS D 50 1.17 -14.45 7.32
CA HIS D 50 0.99 -15.17 8.57
C HIS D 50 2.24 -15.43 9.39
N GLY D 51 3.42 -15.07 8.87
CA GLY D 51 4.65 -15.27 9.60
C GLY D 51 5.34 -16.62 9.42
N ARG D 52 6.43 -16.80 10.16
CA ARG D 52 7.20 -18.01 10.10
C ARG D 52 6.37 -19.15 10.61
N LEU D 53 6.52 -20.30 9.99
CA LEU D 53 5.81 -21.48 10.42
C LEU D 53 6.56 -21.93 11.68
N ASP D 54 5.86 -22.05 12.79
CA ASP D 54 6.53 -22.50 14.01
C ASP D 54 6.63 -24.03 13.99
N ALA D 55 7.60 -24.50 13.19
CA ALA D 55 7.89 -25.92 13.01
C ALA D 55 9.19 -26.00 12.25
N GLU D 56 9.94 -27.06 12.49
CA GLU D 56 11.20 -27.22 11.80
C GLU D 56 10.86 -27.72 10.40
N VAL D 57 11.28 -26.98 9.37
CA VAL D 57 11.02 -27.36 8.00
C VAL D 57 12.33 -27.53 7.26
N SER D 58 12.44 -28.60 6.48
CA SER D 58 13.65 -28.84 5.70
C SER D 58 13.38 -29.73 4.50
N VAL D 59 14.35 -29.78 3.60
CA VAL D 59 14.25 -30.57 2.41
C VAL D 59 15.18 -31.77 2.47
N ASN D 60 14.61 -32.95 2.25
CA ASN D 60 15.37 -34.18 2.24
C ASN D 60 15.17 -34.81 0.87
N GLY D 61 16.16 -34.61 0.02
CA GLY D 61 16.10 -35.12 -1.33
C GLY D 61 15.15 -34.26 -2.16
N ASN D 62 14.11 -34.91 -2.67
CA ASN D 62 13.10 -34.22 -3.45
C ASN D 62 11.92 -34.02 -2.50
N ASN D 63 12.08 -34.50 -1.27
CA ASN D 63 11.03 -34.43 -0.29
C ASN D 63 11.18 -33.36 0.77
N LEU D 64 10.06 -33.09 1.44
CA LEU D 64 9.99 -32.13 2.52
C LEU D 64 10.01 -32.91 3.80
N VAL D 65 10.51 -32.27 4.85
CA VAL D 65 10.54 -32.87 6.16
C VAL D 65 10.03 -31.71 7.02
N VAL D 66 9.01 -32.01 7.82
CA VAL D 66 8.39 -31.02 8.68
C VAL D 66 8.16 -31.71 10.02
N ASN D 67 9.01 -31.36 10.98
CA ASN D 67 8.94 -31.93 12.32
C ASN D 67 9.10 -33.45 12.28
N GLY D 68 10.17 -33.88 11.62
CA GLY D 68 10.43 -35.31 11.52
C GLY D 68 9.72 -36.02 10.37
N LYS D 69 8.46 -35.69 10.12
CA LYS D 69 7.69 -36.31 9.04
C LYS D 69 8.19 -35.90 7.64
N GLU D 70 8.32 -36.88 6.76
CA GLU D 70 8.76 -36.63 5.39
C GLU D 70 7.51 -36.57 4.52
N ILE D 71 7.35 -35.47 3.81
CA ILE D 71 6.20 -35.26 2.96
C ILE D 71 6.67 -35.49 1.53
N ILE D 72 5.93 -36.31 0.79
CA ILE D 72 6.28 -36.62 -0.59
C ILE D 72 5.88 -35.51 -1.51
N VAL D 73 6.85 -34.99 -2.23
CA VAL D 73 6.64 -33.90 -3.18
C VAL D 73 6.70 -34.41 -4.61
N LYS D 74 5.65 -34.14 -5.37
CA LYS D 74 5.63 -34.57 -6.75
C LYS D 74 5.37 -33.35 -7.65
N ALA D 75 5.58 -33.53 -8.95
CA ALA D 75 5.36 -32.44 -9.91
C ALA D 75 4.67 -32.96 -11.17
N GLU D 76 3.41 -33.31 -11.03
CA GLU D 76 2.61 -33.81 -12.14
C GLU D 76 1.53 -32.79 -12.42
N ARG D 77 1.53 -32.23 -13.62
CA ARG D 77 0.51 -31.27 -14.01
C ARG D 77 -0.79 -32.01 -14.32
N ASP D 78 -0.66 -33.29 -14.68
CA ASP D 78 -1.83 -34.09 -15.01
C ASP D 78 -2.16 -34.94 -13.80
N PRO D 79 -3.25 -34.60 -13.09
CA PRO D 79 -3.68 -35.33 -11.90
C PRO D 79 -3.85 -36.83 -12.07
N GLU D 80 -3.96 -37.30 -13.30
CA GLU D 80 -4.11 -38.74 -13.56
C GLU D 80 -2.86 -39.53 -13.20
N ASN D 81 -1.71 -38.86 -13.19
CA ASN D 81 -0.45 -39.55 -12.88
C ASN D 81 0.05 -39.38 -11.45
N LEU D 82 -0.77 -38.88 -10.54
CA LEU D 82 -0.30 -38.64 -9.18
C LEU D 82 -0.09 -39.86 -8.28
N ALA D 83 -0.69 -40.99 -8.64
CA ALA D 83 -0.53 -42.24 -7.88
C ALA D 83 -0.75 -42.10 -6.39
N TRP D 84 -1.88 -41.50 -6.05
CA TRP D 84 -2.26 -41.25 -4.67
C TRP D 84 -2.30 -42.54 -3.91
N GLY D 85 -2.97 -43.53 -4.48
CA GLY D 85 -3.11 -44.85 -3.86
C GLY D 85 -1.84 -45.59 -3.49
N GLU D 86 -0.82 -45.53 -4.34
CA GLU D 86 0.42 -46.22 -4.05
C GLU D 86 0.95 -45.74 -2.72
N ILE D 87 0.79 -44.45 -2.44
CA ILE D 87 1.28 -43.86 -1.19
C ILE D 87 0.22 -43.77 -0.09
N GLY D 88 -0.94 -44.33 -0.36
CA GLY D 88 -2.00 -44.36 0.64
C GLY D 88 -2.86 -43.13 0.88
N VAL D 89 -2.81 -42.15 -0.02
CA VAL D 89 -3.61 -40.94 0.17
C VAL D 89 -5.11 -41.23 0.08
N ASP D 90 -5.81 -41.03 1.20
CA ASP D 90 -7.24 -41.27 1.25
C ASP D 90 -8.01 -40.11 0.66
N ILE D 91 -7.72 -38.91 1.11
CA ILE D 91 -8.42 -37.72 0.68
C ILE D 91 -7.48 -36.74 0.00
N VAL D 92 -7.95 -36.13 -1.10
CA VAL D 92 -7.15 -35.19 -1.86
C VAL D 92 -7.78 -33.81 -1.82
N VAL D 93 -6.95 -32.81 -1.54
CA VAL D 93 -7.39 -31.44 -1.48
C VAL D 93 -7.00 -30.82 -2.81
N GLU D 94 -8.00 -30.61 -3.66
CA GLU D 94 -7.78 -30.06 -4.98
C GLU D 94 -7.79 -28.54 -4.89
N SER D 95 -6.61 -27.94 -4.78
CA SER D 95 -6.51 -26.50 -4.67
C SER D 95 -5.61 -25.80 -5.69
N THR D 96 -5.60 -26.30 -6.92
CA THR D 96 -4.81 -25.69 -7.99
C THR D 96 -5.59 -24.58 -8.64
N GLY D 97 -6.92 -24.67 -8.55
CA GLY D 97 -7.79 -23.70 -9.20
C GLY D 97 -8.10 -24.09 -10.65
N ARG D 98 -7.44 -25.14 -11.14
CA ARG D 98 -7.62 -25.58 -12.52
C ARG D 98 -8.60 -26.73 -12.71
N PHE D 99 -8.75 -27.59 -11.70
CA PHE D 99 -9.65 -28.74 -11.85
C PHE D 99 -10.92 -28.63 -11.01
N THR D 100 -11.76 -27.64 -11.33
CA THR D 100 -13.02 -27.43 -10.61
C THR D 100 -14.21 -28.16 -11.25
N LYS D 101 -13.99 -28.78 -12.39
CA LYS D 101 -15.03 -29.56 -13.06
C LYS D 101 -14.93 -30.98 -12.50
N ARG D 102 -16.08 -31.62 -12.23
CA ARG D 102 -16.05 -32.99 -11.68
C ARG D 102 -15.22 -33.94 -12.51
N GLU D 103 -15.38 -33.87 -13.81
CA GLU D 103 -14.64 -34.72 -14.74
C GLU D 103 -13.15 -34.57 -14.54
N ASP D 104 -12.72 -33.38 -14.10
CA ASP D 104 -11.31 -33.12 -13.87
C ASP D 104 -10.86 -33.57 -12.49
N ALA D 105 -11.62 -33.20 -11.47
CA ALA D 105 -11.30 -33.57 -10.09
C ALA D 105 -11.35 -35.07 -9.90
N ALA D 106 -12.21 -35.73 -10.67
CA ALA D 106 -12.37 -37.18 -10.57
C ALA D 106 -11.13 -37.94 -11.03
N LYS D 107 -10.22 -37.25 -11.71
CA LYS D 107 -8.99 -37.92 -12.13
C LYS D 107 -8.21 -38.41 -10.90
N HIS D 108 -8.35 -37.72 -9.75
CA HIS D 108 -7.63 -38.12 -8.54
C HIS D 108 -8.17 -39.45 -8.03
N LEU D 109 -9.46 -39.67 -8.27
CA LEU D 109 -10.08 -40.91 -7.87
C LEU D 109 -9.54 -42.00 -8.79
N GLU D 110 -9.32 -41.65 -10.05
CA GLU D 110 -8.74 -42.60 -11.00
C GLU D 110 -7.32 -42.91 -10.56
N ALA D 111 -6.68 -41.91 -9.94
CA ALA D 111 -5.31 -42.01 -9.42
C ALA D 111 -5.18 -42.79 -8.09
N GLY D 112 -6.30 -43.19 -7.49
CA GLY D 112 -6.21 -43.95 -6.26
C GLY D 112 -6.72 -43.29 -5.00
N ALA D 113 -7.12 -42.03 -5.09
CA ALA D 113 -7.65 -41.35 -3.92
C ALA D 113 -9.05 -41.92 -3.71
N LYS D 114 -9.70 -41.58 -2.59
CA LYS D 114 -11.04 -42.09 -2.33
C LYS D 114 -12.06 -40.96 -2.34
N LYS D 115 -11.63 -39.76 -1.99
CA LYS D 115 -12.50 -38.60 -1.92
C LYS D 115 -11.67 -37.40 -2.37
N VAL D 116 -12.30 -36.46 -3.04
CA VAL D 116 -11.62 -35.26 -3.49
C VAL D 116 -12.41 -34.10 -2.92
N ILE D 117 -11.69 -33.08 -2.45
CA ILE D 117 -12.33 -31.89 -1.91
C ILE D 117 -11.82 -30.72 -2.77
N ILE D 118 -12.72 -30.08 -3.50
CA ILE D 118 -12.39 -28.94 -4.34
C ILE D 118 -12.45 -27.73 -3.42
N SER D 119 -11.34 -27.02 -3.30
CA SER D 119 -11.26 -25.85 -2.45
C SER D 119 -11.75 -24.60 -3.18
N ALA D 120 -12.98 -24.66 -3.71
CA ALA D 120 -13.58 -23.57 -4.47
C ALA D 120 -14.89 -24.06 -5.06
N PRO D 121 -15.66 -23.13 -5.67
CA PRO D 121 -16.92 -23.50 -6.30
C PRO D 121 -16.60 -24.45 -7.45
N ALA D 122 -17.47 -25.42 -7.69
CA ALA D 122 -17.23 -26.41 -8.73
C ALA D 122 -18.37 -26.53 -9.74
N LYS D 123 -18.15 -27.41 -10.71
CA LYS D 123 -19.13 -27.71 -11.73
C LYS D 123 -19.38 -29.21 -11.70
N ASN D 124 -20.64 -29.58 -11.58
CA ASN D 124 -21.04 -31.00 -11.56
C ASN D 124 -20.44 -31.76 -10.38
N GLU D 125 -20.27 -31.08 -9.25
CA GLU D 125 -19.72 -31.73 -8.07
C GLU D 125 -20.84 -32.60 -7.48
N ASP D 126 -20.47 -33.63 -6.72
CA ASP D 126 -21.47 -34.50 -6.12
C ASP D 126 -22.25 -33.77 -5.04
N ILE D 127 -21.58 -32.87 -4.32
CA ILE D 127 -22.25 -32.06 -3.31
C ILE D 127 -21.36 -30.90 -2.85
N THR D 128 -22.00 -29.77 -2.54
CA THR D 128 -21.29 -28.61 -2.05
C THR D 128 -21.67 -28.52 -0.57
N ILE D 129 -20.65 -28.59 0.29
CA ILE D 129 -20.85 -28.52 1.73
C ILE D 129 -20.25 -27.21 2.28
N VAL D 130 -20.90 -26.69 3.32
CA VAL D 130 -20.43 -25.52 4.06
C VAL D 130 -20.56 -26.02 5.50
N MET D 131 -19.43 -26.26 6.15
CA MET D 131 -19.43 -26.75 7.52
C MET D 131 -20.24 -25.86 8.46
N GLY D 132 -21.18 -26.47 9.16
CA GLY D 132 -22.03 -25.74 10.08
C GLY D 132 -23.38 -25.48 9.43
N VAL D 133 -23.46 -25.71 8.13
CA VAL D 133 -24.70 -25.49 7.42
C VAL D 133 -25.33 -26.77 6.97
N ASN D 134 -24.69 -27.47 6.04
CA ASN D 134 -25.27 -28.70 5.49
C ASN D 134 -24.33 -29.91 5.44
N GLN D 135 -23.28 -29.93 6.27
CA GLN D 135 -22.37 -31.05 6.22
C GLN D 135 -23.05 -32.36 6.52
N ASP D 136 -24.23 -32.28 7.13
CA ASP D 136 -24.99 -33.48 7.45
C ASP D 136 -25.60 -34.19 6.23
N LYS D 137 -25.48 -33.60 5.04
CA LYS D 137 -26.03 -34.23 3.85
C LYS D 137 -24.95 -35.08 3.16
N TYR D 138 -23.73 -35.09 3.68
CA TYR D 138 -22.70 -35.91 3.07
C TYR D 138 -23.07 -37.37 3.26
N ASP D 139 -22.90 -38.18 2.23
CA ASP D 139 -23.21 -39.59 2.24
C ASP D 139 -21.98 -40.23 1.64
N PRO D 140 -21.25 -41.02 2.43
CA PRO D 140 -20.03 -41.68 1.95
C PRO D 140 -20.18 -42.58 0.73
N LYS D 141 -21.41 -42.98 0.42
CA LYS D 141 -21.67 -43.83 -0.75
C LYS D 141 -21.91 -42.96 -1.97
N ALA D 142 -22.76 -41.94 -1.79
CA ALA D 142 -23.13 -41.03 -2.86
C ALA D 142 -22.16 -39.92 -3.28
N HIS D 143 -21.40 -39.40 -2.33
CA HIS D 143 -20.49 -38.29 -2.65
C HIS D 143 -19.01 -38.64 -2.61
N HIS D 144 -18.30 -38.36 -3.71
CA HIS D 144 -16.86 -38.65 -3.80
C HIS D 144 -16.06 -37.40 -4.10
N VAL D 145 -16.66 -36.52 -4.90
CA VAL D 145 -16.06 -35.27 -5.31
C VAL D 145 -16.91 -34.19 -4.65
N ILE D 146 -16.33 -33.55 -3.65
CA ILE D 146 -17.03 -32.54 -2.88
C ILE D 146 -16.47 -31.14 -3.04
N SER D 147 -17.33 -30.14 -2.91
CA SER D 147 -16.90 -28.75 -3.01
C SER D 147 -17.04 -28.13 -1.63
N ASN D 148 -16.07 -27.31 -1.25
CA ASN D 148 -16.14 -26.63 0.03
C ASN D 148 -16.63 -25.17 -0.16
N ALA D 149 -17.08 -24.86 -1.38
CA ALA D 149 -17.58 -23.53 -1.74
C ALA D 149 -16.49 -22.48 -1.67
N SER D 150 -16.88 -21.21 -1.69
CA SER D 150 -15.91 -20.13 -1.64
C SER D 150 -15.79 -19.57 -0.22
N CYS D 151 -14.72 -18.82 0.00
CA CYS D 151 -14.48 -18.19 1.30
C CYS D 151 -15.68 -17.31 1.64
N THR D 152 -16.17 -16.56 0.65
CA THR D 152 -17.32 -15.68 0.84
C THR D 152 -18.58 -16.43 1.19
N THR D 153 -18.83 -17.56 0.52
CA THR D 153 -20.03 -18.34 0.82
C THR D 153 -19.96 -18.92 2.23
N ASN D 154 -18.79 -19.38 2.65
CA ASN D 154 -18.62 -19.90 4.00
C ASN D 154 -18.86 -18.81 5.06
N CYS D 155 -18.58 -17.56 4.69
CA CYS D 155 -18.80 -16.44 5.59
C CYS D 155 -20.29 -16.05 5.65
N LEU D 156 -20.91 -15.96 4.48
CA LEU D 156 -22.32 -15.59 4.33
C LEU D 156 -23.34 -16.64 4.80
N ALA D 157 -23.14 -17.89 4.42
CA ALA D 157 -24.06 -18.97 4.77
C ALA D 157 -24.44 -19.10 6.25
N PRO D 158 -23.46 -19.30 7.15
CA PRO D 158 -23.78 -19.44 8.58
C PRO D 158 -24.72 -18.37 9.16
N PHE D 159 -24.46 -17.07 8.94
CA PHE D 159 -25.35 -16.06 9.50
C PHE D 159 -26.62 -15.80 8.67
N ALA D 160 -26.61 -16.17 7.39
CA ALA D 160 -27.78 -16.01 6.56
C ALA D 160 -28.77 -17.11 6.97
N LYS D 161 -28.23 -18.21 7.51
CA LYS D 161 -29.03 -19.33 7.97
C LYS D 161 -29.79 -18.85 9.20
N VAL D 162 -29.04 -18.39 10.19
CA VAL D 162 -29.59 -17.89 11.43
C VAL D 162 -30.66 -16.85 11.13
N LEU D 163 -30.28 -15.78 10.43
CA LEU D 163 -31.22 -14.73 10.11
C LEU D 163 -32.49 -15.24 9.45
N HIS D 164 -32.36 -16.16 8.51
CA HIS D 164 -33.52 -16.71 7.80
C HIS D 164 -34.45 -17.52 8.71
N GLU D 165 -33.89 -18.42 9.53
CA GLU D 165 -34.69 -19.24 10.45
C GLU D 165 -35.40 -18.33 11.44
N GLN D 166 -34.66 -17.36 11.96
CA GLN D 166 -35.19 -16.44 12.95
C GLN D 166 -36.21 -15.44 12.46
N PHE D 167 -35.91 -14.69 11.41
CA PHE D 167 -36.83 -13.67 10.95
C PHE D 167 -37.42 -13.83 9.56
N GLY D 168 -36.78 -14.65 8.73
CA GLY D 168 -37.28 -14.82 7.37
C GLY D 168 -36.72 -13.81 6.40
N ILE D 169 -35.80 -14.26 5.55
CA ILE D 169 -35.21 -13.41 4.53
C ILE D 169 -36.17 -13.40 3.35
N VAL D 170 -36.60 -12.20 2.98
CA VAL D 170 -37.50 -12.01 1.84
C VAL D 170 -36.59 -11.86 0.62
N ARG D 171 -35.53 -11.07 0.77
CA ARG D 171 -34.56 -10.84 -0.29
C ARG D 171 -33.44 -9.95 0.22
N GLY D 172 -32.25 -10.08 -0.37
CA GLY D 172 -31.13 -9.29 0.09
C GLY D 172 -29.96 -9.26 -0.86
N MET D 173 -29.15 -8.22 -0.73
CA MET D 173 -27.98 -8.00 -1.56
C MET D 173 -26.77 -8.01 -0.66
N MET D 174 -25.64 -8.43 -1.20
CA MET D 174 -24.41 -8.42 -0.42
C MET D 174 -23.29 -7.87 -1.27
N THR D 175 -22.29 -7.35 -0.59
CA THR D 175 -21.10 -6.83 -1.23
C THR D 175 -19.99 -7.30 -0.33
N THR D 176 -18.96 -7.89 -0.93
CA THR D 176 -17.82 -8.36 -0.15
C THR D 176 -16.64 -7.47 -0.54
N VAL D 177 -16.08 -6.79 0.46
CA VAL D 177 -14.92 -5.90 0.29
C VAL D 177 -13.83 -6.88 0.66
N HIS D 178 -13.21 -7.40 -0.39
CA HIS D 178 -12.22 -8.48 -0.34
C HIS D 178 -10.80 -8.08 -0.59
N SER D 179 -9.88 -8.71 0.13
CA SER D 179 -8.46 -8.49 -0.07
C SER D 179 -8.14 -9.04 -1.48
N TYR D 180 -7.02 -8.63 -2.05
CA TYR D 180 -6.68 -9.12 -3.37
C TYR D 180 -6.12 -10.54 -3.25
N THR D 181 -6.13 -11.26 -4.37
CA THR D 181 -5.66 -12.65 -4.41
C THR D 181 -4.73 -12.84 -5.58
N ASN D 182 -4.12 -14.02 -5.65
CA ASN D 182 -3.19 -14.34 -6.73
C ASN D 182 -3.87 -14.36 -8.11
N ASP D 183 -5.19 -14.20 -8.15
CA ASP D 183 -5.88 -14.15 -9.42
C ASP D 183 -5.75 -12.78 -10.10
N GLN D 184 -5.41 -11.76 -9.31
CA GLN D 184 -5.27 -10.40 -9.83
C GLN D 184 -3.87 -10.12 -10.37
N ARG D 185 -3.63 -8.88 -10.80
CA ARG D 185 -2.34 -8.49 -11.38
C ARG D 185 -1.65 -7.37 -10.56
N ILE D 186 -0.31 -7.35 -10.50
CA ILE D 186 0.41 -6.28 -9.76
C ILE D 186 0.31 -4.98 -10.52
N LEU D 187 0.56 -5.05 -11.82
CA LEU D 187 0.47 -3.89 -12.71
C LEU D 187 -0.47 -4.28 -13.84
N ASP D 188 -1.01 -3.29 -14.54
CA ASP D 188 -1.94 -3.53 -15.65
C ASP D 188 -1.50 -4.56 -16.67
N ALA D 189 -2.26 -5.64 -16.78
CA ALA D 189 -1.93 -6.72 -17.69
C ALA D 189 -3.19 -7.50 -18.08
N SER D 190 -3.05 -8.32 -19.11
CA SER D 190 -4.16 -9.13 -19.63
C SER D 190 -4.87 -9.98 -18.61
N HIS D 191 -6.20 -9.97 -18.66
CA HIS D 191 -7.02 -10.77 -17.78
C HIS D 191 -8.37 -10.94 -18.42
N LYS D 192 -9.02 -12.07 -18.17
CA LYS D 192 -10.34 -12.34 -18.73
C LYS D 192 -11.22 -11.19 -18.29
N ASP D 193 -11.13 -10.88 -17.01
CA ASP D 193 -11.89 -9.80 -16.38
C ASP D 193 -11.04 -8.54 -16.45
N LEU D 194 -11.58 -7.53 -17.14
CA LEU D 194 -10.90 -6.26 -17.33
C LEU D 194 -10.80 -5.44 -16.07
N ARG D 195 -11.59 -5.75 -15.05
CA ARG D 195 -11.48 -5.03 -13.80
C ARG D 195 -10.24 -5.59 -13.11
N ARG D 196 -10.17 -6.92 -13.01
CA ARG D 196 -9.04 -7.60 -12.34
C ARG D 196 -7.72 -7.55 -13.08
N ALA D 197 -7.71 -6.94 -14.26
CA ALA D 197 -6.49 -6.81 -15.04
C ALA D 197 -5.69 -5.61 -14.52
N ARG D 198 -6.32 -4.82 -13.65
CA ARG D 198 -5.71 -3.60 -13.14
C ARG D 198 -4.87 -3.76 -11.87
N ALA D 199 -3.83 -2.93 -11.75
CA ALA D 199 -2.93 -2.97 -10.59
C ALA D 199 -3.72 -3.15 -9.31
N ALA D 200 -3.61 -4.33 -8.74
CA ALA D 200 -4.31 -4.72 -7.54
C ALA D 200 -4.17 -3.85 -6.30
N ALA D 201 -2.96 -3.39 -6.02
CA ALA D 201 -2.72 -2.61 -4.81
C ALA D 201 -2.95 -1.12 -4.97
N GLU D 202 -3.41 -0.70 -6.14
CA GLU D 202 -3.62 0.71 -6.43
C GLU D 202 -5.06 1.17 -6.48
N SER D 203 -6.01 0.25 -6.45
CA SER D 203 -7.41 0.67 -6.58
C SER D 203 -8.41 -0.20 -5.86
N ILE D 204 -9.65 0.29 -5.90
CA ILE D 204 -10.82 -0.40 -5.38
C ILE D 204 -11.33 -0.90 -6.72
N ILE D 205 -11.34 -2.22 -6.87
CA ILE D 205 -11.75 -2.88 -8.10
C ILE D 205 -13.05 -3.67 -7.94
N PRO D 206 -14.16 -3.18 -8.53
CA PRO D 206 -15.45 -3.87 -8.46
C PRO D 206 -15.34 -5.12 -9.33
N THR D 207 -15.94 -6.22 -8.89
CA THR D 207 -15.89 -7.46 -9.65
C THR D 207 -17.06 -8.36 -9.24
N THR D 208 -17.37 -9.37 -10.05
CA THR D 208 -18.49 -10.26 -9.77
C THR D 208 -18.16 -11.32 -8.75
N THR D 209 -19.20 -11.98 -8.26
CA THR D 209 -19.08 -13.05 -7.29
C THR D 209 -20.35 -13.86 -7.37
N GLY D 210 -20.23 -15.17 -7.22
CA GLY D 210 -21.42 -16.00 -7.28
C GLY D 210 -21.76 -16.44 -5.88
N ALA D 211 -21.03 -15.92 -4.91
CA ALA D 211 -21.18 -16.24 -3.50
C ALA D 211 -22.60 -16.12 -2.97
N ALA D 212 -23.27 -15.03 -3.33
CA ALA D 212 -24.63 -14.81 -2.87
C ALA D 212 -25.57 -15.89 -3.41
N LYS D 213 -25.47 -16.17 -4.71
CA LYS D 213 -26.30 -17.20 -5.34
C LYS D 213 -25.93 -18.62 -4.88
N ALA D 214 -24.64 -18.87 -4.66
CA ALA D 214 -24.15 -20.18 -4.24
C ALA D 214 -24.63 -20.62 -2.88
N VAL D 215 -25.24 -19.69 -2.15
CA VAL D 215 -25.76 -20.02 -0.83
C VAL D 215 -26.96 -20.97 -1.00
N ALA D 216 -27.62 -20.87 -2.15
CA ALA D 216 -28.77 -21.73 -2.44
C ALA D 216 -28.40 -23.22 -2.46
N LEU D 217 -27.14 -23.53 -2.75
CA LEU D 217 -26.67 -24.90 -2.78
C LEU D 217 -26.70 -25.54 -1.40
N VAL D 218 -26.37 -24.75 -0.38
CA VAL D 218 -26.34 -25.24 0.97
C VAL D 218 -27.60 -24.87 1.73
N LEU D 219 -28.38 -23.93 1.18
CA LEU D 219 -29.64 -23.46 1.79
C LEU D 219 -30.67 -23.22 0.70
N PRO D 220 -31.34 -24.29 0.25
CA PRO D 220 -32.35 -24.18 -0.82
C PRO D 220 -33.44 -23.13 -0.59
N GLU D 221 -33.85 -22.93 0.66
CA GLU D 221 -34.89 -21.94 0.96
C GLU D 221 -34.50 -20.56 0.44
N LEU D 222 -33.20 -20.28 0.39
CA LEU D 222 -32.72 -18.97 -0.06
C LEU D 222 -32.50 -18.87 -1.56
N LYS D 223 -32.93 -19.89 -2.29
CA LYS D 223 -32.77 -19.87 -3.72
C LYS D 223 -33.52 -18.71 -4.33
N GLY D 224 -32.85 -17.96 -5.19
CA GLY D 224 -33.48 -16.83 -5.83
C GLY D 224 -33.71 -15.61 -4.95
N LYS D 225 -33.27 -15.64 -3.70
CA LYS D 225 -33.48 -14.50 -2.82
C LYS D 225 -32.28 -13.56 -2.64
N LEU D 226 -31.05 -14.07 -2.74
CA LEU D 226 -29.84 -13.26 -2.56
C LEU D 226 -29.04 -13.02 -3.83
N ASN D 227 -28.24 -11.96 -3.82
CA ASN D 227 -27.38 -11.62 -4.94
C ASN D 227 -26.33 -10.62 -4.46
N GLY D 228 -25.26 -10.45 -5.21
CA GLY D 228 -24.27 -9.52 -4.75
C GLY D 228 -23.12 -9.28 -5.68
N MET D 229 -22.13 -8.55 -5.17
CA MET D 229 -20.94 -8.20 -5.93
C MET D 229 -19.73 -8.14 -5.01
N ALA D 230 -18.57 -7.91 -5.60
CA ALA D 230 -17.34 -7.84 -4.82
C ALA D 230 -16.60 -6.56 -5.15
N MET D 231 -15.71 -6.20 -4.25
CA MET D 231 -14.87 -5.03 -4.40
C MET D 231 -13.54 -5.47 -3.82
N ARG D 232 -12.58 -5.67 -4.70
CA ARG D 232 -11.25 -6.10 -4.30
C ARG D 232 -10.49 -4.84 -3.89
N VAL D 233 -9.83 -4.86 -2.74
CA VAL D 233 -9.11 -3.69 -2.26
C VAL D 233 -7.66 -3.95 -1.91
N PRO D 234 -6.85 -2.89 -1.79
CA PRO D 234 -5.43 -3.03 -1.47
C PRO D 234 -4.94 -3.64 -0.15
N THR D 235 -5.60 -4.68 0.36
CA THR D 235 -5.11 -5.37 1.56
C THR D 235 -4.77 -6.78 1.05
N PRO D 236 -3.76 -7.44 1.65
CA PRO D 236 -3.43 -8.78 1.15
C PRO D 236 -4.19 -9.94 1.78
N ASN D 237 -5.03 -9.69 2.78
CA ASN D 237 -5.79 -10.78 3.39
C ASN D 237 -6.83 -10.22 4.33
N VAL D 238 -7.88 -11.01 4.59
CA VAL D 238 -9.04 -10.68 5.43
C VAL D 238 -10.04 -9.86 4.60
N SER D 239 -11.29 -10.24 4.70
CA SER D 239 -12.35 -9.62 3.94
C SER D 239 -13.56 -9.44 4.84
N VAL D 240 -14.55 -8.72 4.35
CA VAL D 240 -15.74 -8.52 5.13
C VAL D 240 -16.99 -8.60 4.24
N VAL D 241 -18.04 -9.22 4.76
CA VAL D 241 -19.28 -9.32 4.02
C VAL D 241 -20.24 -8.28 4.57
N ASP D 242 -20.89 -7.59 3.65
CA ASP D 242 -21.82 -6.56 3.99
C ASP D 242 -23.16 -7.01 3.42
N LEU D 243 -24.05 -7.51 4.27
CA LEU D 243 -25.36 -7.99 3.81
C LEU D 243 -26.51 -7.08 4.23
N VAL D 244 -27.28 -6.64 3.25
CA VAL D 244 -28.45 -5.80 3.48
C VAL D 244 -29.64 -6.67 3.11
N ALA D 245 -30.58 -6.89 4.03
CA ALA D 245 -31.72 -7.76 3.72
C ALA D 245 -33.07 -7.27 4.20
N GLU D 246 -34.09 -7.74 3.51
CA GLU D 246 -35.48 -7.46 3.81
C GLU D 246 -35.98 -8.69 4.57
N LEU D 247 -36.39 -8.51 5.81
CA LEU D 247 -36.91 -9.62 6.62
C LEU D 247 -38.45 -9.69 6.53
N GLU D 248 -39.01 -10.85 6.88
CA GLU D 248 -40.47 -11.03 6.87
C GLU D 248 -41.03 -10.48 8.18
N LYS D 249 -40.24 -10.61 9.24
CA LYS D 249 -40.62 -10.11 10.56
C LYS D 249 -39.99 -8.74 10.82
N GLU D 250 -40.55 -8.03 11.79
CA GLU D 250 -40.04 -6.73 12.19
C GLU D 250 -39.06 -7.00 13.32
N VAL D 251 -37.87 -6.42 13.22
CA VAL D 251 -36.82 -6.64 14.20
C VAL D 251 -36.18 -5.37 14.76
N THR D 252 -35.27 -5.59 15.69
CA THR D 252 -34.51 -4.52 16.31
C THR D 252 -33.06 -4.99 16.24
N VAL D 253 -32.13 -4.05 16.36
CA VAL D 253 -30.72 -4.39 16.33
C VAL D 253 -30.43 -5.38 17.44
N GLU D 254 -30.98 -5.10 18.62
CA GLU D 254 -30.80 -5.93 19.82
C GLU D 254 -31.16 -7.39 19.56
N GLU D 255 -32.35 -7.61 18.97
CA GLU D 255 -32.88 -8.93 18.61
C GLU D 255 -31.96 -9.63 17.60
N VAL D 256 -31.68 -8.93 16.51
CA VAL D 256 -30.81 -9.43 15.46
C VAL D 256 -29.49 -9.82 16.10
N ASN D 257 -28.96 -8.92 16.90
CA ASN D 257 -27.70 -9.18 17.58
C ASN D 257 -27.76 -10.31 18.58
N ALA D 258 -28.84 -10.39 19.34
CA ALA D 258 -28.99 -11.45 20.35
C ALA D 258 -29.09 -12.80 19.64
N ALA D 259 -29.79 -12.81 18.50
CA ALA D 259 -29.95 -14.01 17.69
C ALA D 259 -28.60 -14.53 17.20
N LEU D 260 -27.78 -13.62 16.69
CA LEU D 260 -26.46 -13.98 16.17
C LEU D 260 -25.49 -14.43 17.25
N LYS D 261 -25.50 -13.73 18.38
CA LYS D 261 -24.63 -14.06 19.51
C LYS D 261 -25.00 -15.44 20.06
N ALA D 262 -26.29 -15.66 20.21
CA ALA D 262 -26.83 -16.91 20.71
C ALA D 262 -26.35 -18.07 19.85
N ALA D 263 -26.37 -17.90 18.53
CA ALA D 263 -25.92 -18.96 17.62
C ALA D 263 -24.42 -19.18 17.71
N ALA D 264 -23.67 -18.10 17.86
CA ALA D 264 -22.21 -18.17 17.96
C ALA D 264 -21.74 -18.96 19.16
N GLU D 265 -22.51 -18.94 20.23
CA GLU D 265 -22.16 -19.69 21.45
C GLU D 265 -22.92 -20.98 21.50
N GLY D 266 -23.82 -21.16 20.54
CA GLY D 266 -24.63 -22.38 20.49
C GLY D 266 -24.20 -23.32 19.40
N GLU D 267 -25.14 -23.61 18.50
CA GLU D 267 -24.93 -24.52 17.38
C GLU D 267 -23.75 -24.20 16.44
N LEU D 268 -23.58 -22.92 16.13
CA LEU D 268 -22.53 -22.49 15.21
C LEU D 268 -21.21 -22.09 15.83
N LYS D 269 -20.93 -22.60 17.02
CA LYS D 269 -19.69 -22.28 17.71
C LYS D 269 -18.51 -22.83 16.93
N GLY D 270 -17.48 -22.02 16.76
CA GLY D 270 -16.30 -22.44 16.02
C GLY D 270 -16.40 -22.08 14.55
N ILE D 271 -17.61 -21.80 14.09
CA ILE D 271 -17.88 -21.42 12.70
C ILE D 271 -18.24 -19.96 12.72
N LEU D 272 -19.28 -19.62 13.50
CA LEU D 272 -19.74 -18.24 13.66
C LEU D 272 -19.20 -17.69 14.98
N ALA D 273 -18.65 -16.49 14.96
CA ALA D 273 -18.15 -15.83 16.17
C ALA D 273 -18.88 -14.49 16.21
N TYR D 274 -18.90 -13.83 17.37
CA TYR D 274 -19.63 -12.57 17.54
C TYR D 274 -18.71 -11.56 18.23
N SER D 275 -18.66 -10.32 17.76
CA SER D 275 -17.80 -9.32 18.36
C SER D 275 -18.42 -7.95 18.60
N GLU D 276 -18.23 -7.43 19.80
CA GLU D 276 -18.75 -6.11 20.14
C GLU D 276 -17.63 -5.07 20.24
N GLU D 277 -16.45 -5.47 19.78
CA GLU D 277 -15.29 -4.59 19.78
C GLU D 277 -15.19 -3.83 18.44
N PRO D 278 -14.63 -2.63 18.46
CA PRO D 278 -14.50 -1.85 17.24
C PRO D 278 -13.15 -2.20 16.59
N LEU D 279 -13.06 -3.41 16.03
CA LEU D 279 -11.84 -3.88 15.41
C LEU D 279 -11.76 -3.59 13.91
N VAL D 280 -10.58 -3.80 13.33
CA VAL D 280 -10.35 -3.54 11.92
C VAL D 280 -9.76 -4.80 11.29
N SER D 281 -9.74 -4.86 9.97
CA SER D 281 -9.29 -6.07 9.28
C SER D 281 -8.03 -6.77 9.80
N ARG D 282 -6.96 -6.03 10.02
CA ARG D 282 -5.74 -6.67 10.49
C ARG D 282 -5.90 -7.40 11.81
N ASP D 283 -6.96 -7.09 12.55
CA ASP D 283 -7.18 -7.75 13.82
C ASP D 283 -7.70 -9.17 13.59
N TYR D 284 -8.31 -9.39 12.44
CA TYR D 284 -8.84 -10.71 12.12
C TYR D 284 -7.88 -11.59 11.34
N ASN D 285 -6.67 -11.10 11.11
CA ASN D 285 -5.69 -11.88 10.37
C ASN D 285 -5.26 -13.02 11.24
N GLY D 286 -5.60 -14.24 10.83
CA GLY D 286 -5.26 -15.42 11.59
C GLY D 286 -6.48 -16.06 12.24
N SER D 287 -7.68 -15.50 12.08
CA SER D 287 -8.87 -16.11 12.68
C SER D 287 -9.28 -17.38 11.95
N THR D 288 -9.59 -18.41 12.73
CA THR D 288 -9.97 -19.69 12.18
C THR D 288 -11.47 -19.88 11.95
N VAL D 289 -12.29 -19.04 12.56
CA VAL D 289 -13.74 -19.15 12.36
C VAL D 289 -14.09 -18.73 10.93
N SER D 290 -15.31 -19.03 10.49
CA SER D 290 -15.74 -18.69 9.15
C SER D 290 -16.34 -17.32 9.06
N SER D 291 -17.01 -16.89 10.12
CA SER D 291 -17.70 -15.61 10.13
C SER D 291 -17.69 -15.04 11.54
N THR D 292 -17.35 -13.76 11.68
CA THR D 292 -17.37 -13.08 12.98
C THR D 292 -18.20 -11.84 12.81
N ILE D 293 -19.40 -11.87 13.35
CA ILE D 293 -20.30 -10.73 13.25
C ILE D 293 -19.70 -9.48 13.94
N ASP D 294 -19.65 -8.37 13.20
CA ASP D 294 -19.17 -7.11 13.75
C ASP D 294 -20.45 -6.49 14.34
N ALA D 295 -20.76 -6.88 15.58
CA ALA D 295 -21.96 -6.44 16.26
C ALA D 295 -22.27 -4.96 16.26
N LEU D 296 -21.25 -4.12 16.29
CA LEU D 296 -21.47 -2.67 16.32
C LEU D 296 -21.98 -2.12 15.00
N SER D 297 -21.91 -2.90 13.93
CA SER D 297 -22.33 -2.43 12.62
C SER D 297 -23.77 -2.73 12.25
N THR D 298 -24.42 -3.60 13.00
CA THR D 298 -25.80 -3.99 12.72
C THR D 298 -26.72 -2.78 12.77
N MET D 299 -27.50 -2.59 11.71
CA MET D 299 -28.44 -1.48 11.64
C MET D 299 -29.73 -2.05 11.11
N VAL D 300 -30.83 -1.33 11.36
CA VAL D 300 -32.14 -1.72 10.89
C VAL D 300 -32.89 -0.46 10.52
N ILE D 301 -33.62 -0.50 9.42
CA ILE D 301 -34.43 0.63 8.95
C ILE D 301 -35.86 0.13 8.79
N ASP D 302 -36.81 0.87 9.36
CA ASP D 302 -38.21 0.50 9.29
C ASP D 302 -38.46 -0.86 9.93
N GLY D 303 -37.58 -1.26 10.85
CA GLY D 303 -37.74 -2.54 11.51
C GLY D 303 -37.78 -3.75 10.58
N LYS D 304 -37.68 -3.50 9.27
CA LYS D 304 -37.75 -4.56 8.28
C LYS D 304 -36.49 -4.77 7.45
N MET D 305 -35.69 -3.73 7.28
CA MET D 305 -34.47 -3.87 6.51
C MET D 305 -33.27 -3.87 7.44
N VAL D 306 -32.48 -4.93 7.42
CA VAL D 306 -31.33 -5.06 8.30
C VAL D 306 -30.00 -5.02 7.54
N LYS D 307 -28.93 -4.67 8.25
CA LYS D 307 -27.58 -4.66 7.68
C LYS D 307 -26.71 -5.40 8.66
N VAL D 308 -26.03 -6.41 8.17
CA VAL D 308 -25.16 -7.22 9.01
C VAL D 308 -23.81 -7.32 8.31
N VAL D 309 -22.74 -7.14 9.10
CA VAL D 309 -21.37 -7.16 8.62
C VAL D 309 -20.55 -8.22 9.32
N SER D 310 -19.89 -9.10 8.55
CA SER D 310 -19.09 -10.18 9.13
C SER D 310 -17.70 -10.27 8.53
N TRP D 311 -16.69 -10.51 9.38
CA TRP D 311 -15.31 -10.57 8.95
C TRP D 311 -14.90 -11.98 8.68
N TYR D 312 -13.88 -12.13 7.84
CA TYR D 312 -13.37 -13.45 7.59
C TYR D 312 -11.99 -13.39 7.03
N ASP D 313 -11.12 -14.22 7.59
CA ASP D 313 -9.78 -14.32 7.09
C ASP D 313 -9.96 -15.34 5.96
N ASN D 314 -10.04 -14.86 4.72
CA ASN D 314 -10.23 -15.74 3.56
C ASN D 314 -9.23 -16.88 3.38
N GLU D 315 -8.06 -16.77 4.01
CA GLU D 315 -7.08 -17.84 3.90
C GLU D 315 -7.16 -18.82 5.07
N THR D 316 -7.20 -18.30 6.31
CA THR D 316 -7.24 -19.14 7.53
C THR D 316 -8.60 -19.74 7.83
N GLY D 317 -9.66 -18.95 7.78
CA GLY D 317 -10.97 -19.47 8.06
C GLY D 317 -11.28 -20.63 7.11
N TYR D 318 -11.03 -20.41 5.83
CA TYR D 318 -11.28 -21.39 4.78
C TYR D 318 -10.41 -22.66 4.94
N SER D 319 -9.10 -22.49 5.02
CA SER D 319 -8.21 -23.63 5.18
C SER D 319 -8.56 -24.47 6.39
N HIS D 320 -9.17 -23.86 7.39
CA HIS D 320 -9.55 -24.61 8.58
C HIS D 320 -10.84 -25.38 8.34
N ARG D 321 -11.72 -24.82 7.50
CA ARG D 321 -12.95 -25.50 7.18
C ARG D 321 -12.61 -26.71 6.31
N VAL D 322 -11.65 -26.54 5.39
CA VAL D 322 -11.21 -27.63 4.52
C VAL D 322 -10.73 -28.81 5.37
N VAL D 323 -9.85 -28.53 6.34
CA VAL D 323 -9.33 -29.55 7.25
C VAL D 323 -10.47 -30.20 8.05
N ASP D 324 -11.45 -29.38 8.46
CA ASP D 324 -12.61 -29.88 9.21
C ASP D 324 -13.45 -30.84 8.37
N LEU D 325 -13.67 -30.47 7.10
CA LEU D 325 -14.45 -31.28 6.18
C LEU D 325 -13.73 -32.62 6.01
N ALA D 326 -12.41 -32.58 5.78
CA ALA D 326 -11.63 -33.80 5.62
C ALA D 326 -11.83 -34.71 6.83
N ALA D 327 -11.78 -34.12 8.02
CA ALA D 327 -11.95 -34.86 9.25
C ALA D 327 -13.37 -35.41 9.38
N TYR D 328 -14.37 -34.61 9.02
CA TYR D 328 -15.77 -35.04 9.09
C TYR D 328 -16.04 -36.22 8.15
N ILE D 329 -15.66 -36.06 6.90
CA ILE D 329 -15.78 -37.09 5.88
C ILE D 329 -15.24 -38.43 6.43
N ALA D 330 -13.99 -38.42 6.86
CA ALA D 330 -13.35 -39.62 7.41
C ALA D 330 -14.13 -40.24 8.55
N SER D 331 -14.69 -39.42 9.45
CA SER D 331 -15.46 -39.95 10.55
C SER D 331 -16.73 -40.65 10.06
N LYS D 332 -17.21 -40.23 8.90
CA LYS D 332 -18.41 -40.78 8.29
C LYS D 332 -18.14 -42.04 7.50
N GLY D 333 -16.89 -42.26 7.12
CA GLY D 333 -16.56 -43.44 6.33
C GLY D 333 -15.99 -43.08 4.97
N LEU D 334 -14.96 -43.84 4.58
CA LEU D 334 -14.26 -43.65 3.31
C LEU D 334 -14.43 -44.84 2.35
S SO4 E . 11.93 -6.48 -14.56
O1 SO4 E . 13.06 -5.65 -14.78
O2 SO4 E . 10.81 -5.65 -14.79
O3 SO4 E . 11.92 -7.00 -13.25
O4 SO4 E . 11.78 -7.47 -15.54
S SO4 F . 18.78 -5.28 -13.81
O1 SO4 F . 19.68 -6.38 -14.01
O2 SO4 F . 17.74 -5.40 -14.74
O3 SO4 F . 18.23 -5.25 -12.51
O4 SO4 F . 19.40 -4.02 -14.06
PA NDP G . 4.99 -7.13 -19.04
O1A NDP G . 4.70 -8.46 -18.47
O2A NDP G . 4.12 -5.99 -18.68
O5B NDP G . 5.03 -7.19 -20.67
C5B NDP G . 5.47 -8.31 -21.46
C4B NDP G . 4.34 -8.64 -22.46
O4B NDP G . 4.74 -9.61 -23.45
C3B NDP G . 3.09 -9.24 -21.83
O3B NDP G . 1.90 -8.70 -22.37
C2B NDP G . 3.16 -10.67 -22.26
O2B NDP G . 1.88 -11.32 -22.24
C1B NDP G . 3.67 -10.54 -23.63
N9A NDP G . 4.22 -11.80 -24.15
C8A NDP G . 4.87 -12.76 -23.47
N7A NDP G . 5.35 -13.68 -24.30
C5A NDP G . 4.98 -13.27 -25.49
C6A NDP G . 5.26 -13.92 -26.68
N6A NDP G . 5.92 -15.06 -26.68
N1A NDP G . 4.81 -13.33 -27.80
C2A NDP G . 4.14 -12.17 -27.74
N3A NDP G . 3.87 -11.53 -26.59
C4A NDP G . 4.29 -12.08 -25.44
O3 NDP G . 6.45 -6.70 -18.69
PN NDP G . 7.28 -5.36 -18.79
O1N NDP G . 7.42 -4.72 -17.44
O2N NDP G . 6.71 -4.56 -19.89
O5D NDP G . 8.74 -5.76 -19.26
C5D NDP G . 8.95 -6.23 -20.59
C4D NDP G . 10.45 -6.28 -20.85
O4D NDP G . 11.02 -4.97 -20.73
C3D NDP G . 11.25 -7.12 -19.87
O3D NDP G . 12.49 -7.51 -20.51
C2D NDP G . 11.66 -6.14 -18.79
O2D NDP G . 12.83 -6.55 -18.07
C1D NDP G . 11.96 -4.94 -19.65
N1N NDP G . 11.87 -3.66 -18.93
C2N NDP G . 10.88 -3.44 -17.91
C3N NDP G . 10.83 -2.23 -17.22
C7N NDP G . 9.64 -1.81 -16.31
O7N NDP G . 9.75 -0.83 -15.58
N7N NDP G . 8.60 -2.65 -16.20
C4N NDP G . 11.80 -1.27 -17.53
C5N NDP G . 12.79 -1.49 -18.49
C6N NDP G . 12.83 -2.68 -19.21
P2B NDP G . 1.67 -12.45 -21.08
O1X NDP G . 2.58 -13.74 -21.36
O2X NDP G . 2.10 -11.84 -19.65
O3X NDP G . 0.24 -12.83 -21.05
S SO4 H . 10.91 9.28 13.98
O1 SO4 H . 12.07 8.42 14.17
O2 SO4 H . 9.75 8.59 14.36
O3 SO4 H . 10.85 9.63 12.61
O4 SO4 H . 10.96 10.46 14.76
S SO4 I . 17.75 9.16 12.81
O1 SO4 I . 17.91 10.14 11.81
O2 SO4 I . 17.20 9.86 13.93
O3 SO4 I . 16.96 8.05 12.35
O4 SO4 I . 19.03 8.64 13.17
PA NDP J . 4.18 8.35 18.71
O1A NDP J . 3.50 9.54 18.17
O2A NDP J . 3.55 7.08 18.36
O5B NDP J . 4.18 8.33 20.31
C5B NDP J . 4.47 9.44 21.17
C4B NDP J . 3.42 9.37 22.26
O4B NDP J . 3.68 10.39 23.22
C3B NDP J . 2.09 9.68 21.65
O3B NDP J . 1.08 8.85 22.21
C2B NDP J . 1.86 11.10 22.06
O2B NDP J . 0.48 11.46 21.96
C1B NDP J . 2.47 11.11 23.44
N9A NDP J . 2.79 12.45 24.04
C8A NDP J . 3.19 13.56 23.39
N7A NDP J . 3.37 14.60 24.22
C5A NDP J . 3.04 14.10 25.40
C6A NDP J . 3.13 14.79 26.63
N6A NDP J . 3.40 16.10 26.70
N1A NDP J . 2.93 14.06 27.74
C2A NDP J . 2.65 12.77 27.67
N3A NDP J . 2.52 12.13 26.51
C4A NDP J . 2.70 12.76 25.34
O3 NDP J . 5.69 8.20 18.27
PN NDP J . 6.85 7.11 18.43
O1N NDP J . 7.14 6.50 17.11
O2N NDP J . 6.57 6.22 19.57
O5D NDP J . 8.16 7.93 18.76
C5D NDP J . 8.41 8.34 20.12
C4D NDP J . 9.87 8.68 20.30
O4D NDP J . 10.59 7.46 20.02
C3D NDP J . 10.34 9.72 19.30
O3D NDP J . 11.31 10.61 19.88
C2D NDP J . 10.99 8.87 18.21
O2D NDP J . 11.94 9.61 17.42
C1D NDP J . 11.62 7.76 19.06
N1N NDP J . 11.87 6.50 18.33
C2N NDP J . 10.90 6.03 17.40
C3N NDP J . 11.07 4.79 16.76
C7N NDP J . 9.98 4.22 15.81
O7N NDP J . 10.30 3.45 14.90
N7N NDP J . 8.72 4.62 15.93
C4N NDP J . 12.23 4.04 17.04
C5N NDP J . 13.19 4.52 17.94
C6N NDP J . 13.02 5.74 18.60
P2B NDP J . 0.08 12.59 20.82
O1X NDP J . -1.11 11.97 19.91
O2X NDP J . 1.23 12.87 19.67
O3X NDP J . -0.31 13.89 21.43
S SO4 K . -12.95 13.52 6.91
O1 SO4 K . -12.56 14.34 7.99
O2 SO4 K . -12.21 14.04 5.82
O3 SO4 K . -12.58 12.21 7.17
O4 SO4 K . -14.34 13.62 6.71
S SO4 L . -19.78 11.52 6.71
O1 SO4 L . -19.00 10.33 6.64
O2 SO4 L . -18.91 12.60 6.53
O3 SO4 L . -20.77 11.58 5.67
O4 SO4 L . -20.38 11.63 8.00
PA NDP M . -6.77 18.73 6.04
O1A NDP M . -6.29 18.35 7.37
O2A NDP M . -5.86 18.38 4.92
O5B NDP M . -7.13 20.31 5.94
C5B NDP M . -7.28 21.18 7.08
C4B NDP M . -6.37 22.39 6.96
O4B NDP M . -6.74 23.46 7.86
C3B NDP M . -4.91 22.09 7.27
O3B NDP M . -4.00 22.74 6.37
C2B NDP M . -4.80 22.58 8.71
O2B NDP M . -3.48 22.81 9.20
C1B NDP M . -5.60 23.83 8.64
N9A NDP M . -5.98 24.36 9.95
C8A NDP M . -6.28 23.67 11.06
N7A NDP M . -6.67 24.46 12.06
C5A NDP M . -6.58 25.67 11.53
C6A NDP M . -6.81 26.87 12.21
N6A NDP M . -7.15 26.94 13.50
N1A NDP M . -6.58 27.99 11.49
C2A NDP M . -6.22 27.95 10.21
N3A NDP M . -6.05 26.80 9.57
C4A NDP M . -6.17 25.64 10.22
O3 NDP M . -8.17 18.10 5.82
PN NDP M . -9.26 18.14 4.68
O1N NDP M . -9.52 16.75 4.23
O2N NDP M . -8.90 19.19 3.70
O5D NDP M . -10.63 18.53 5.39
C5D NDP M . -11.06 19.88 5.59
C4D NDP M . -12.53 19.74 5.90
O4D NDP M . -13.24 19.38 4.68
C3D NDP M . -12.96 18.69 6.95
O3D NDP M . -14.13 19.23 7.57
C2D NDP M . -13.46 17.50 6.12
O2D NDP M . -14.46 16.74 6.80
C1D NDP M . -14.05 18.19 4.90
N1N NDP M . -14.01 17.40 3.64
C2N NDP M . -12.92 16.56 3.30
C3N NDP M . -12.93 15.78 2.13
C7N NDP M . -11.76 14.88 1.65
O7N NDP M . -11.96 13.87 0.99
N7N NDP M . -10.55 15.13 2.15
C4N NDP M . -14.08 15.85 1.36
C5N NDP M . -15.17 16.64 1.71
C6N NDP M . -15.14 17.43 2.84
P2B NDP M . -2.77 21.64 10.10
O1X NDP M . -3.69 21.13 11.33
O2X NDP M . -1.44 22.19 10.84
O3X NDP M . -2.37 20.52 9.19
S SO4 N . -9.82 -16.20 -6.31
O1 SO4 N . -10.82 -16.40 -5.33
O2 SO4 N . -8.58 -16.36 -5.71
O3 SO4 N . -9.97 -14.90 -6.84
O4 SO4 N . -9.94 -17.16 -7.32
S SO4 O . -16.65 -15.80 -5.61
O1 SO4 O . -17.57 -16.20 -6.59
O2 SO4 O . -15.53 -16.66 -5.60
O3 SO4 O . -16.25 -14.46 -5.91
O4 SO4 O . -17.18 -15.87 -4.28
PA NDP P . -2.49 -19.95 -5.73
O1A NDP P . -2.05 -19.42 -7.02
O2A NDP P . -1.83 -19.43 -4.52
O5B NDP P . -2.29 -21.55 -5.64
C5B NDP P . -2.48 -22.41 -6.76
C4B NDP P . -1.33 -23.38 -6.79
O4B NDP P . -1.61 -24.47 -7.68
C3B NDP P . -0.10 -22.69 -7.32
O3B NDP P . 1.07 -22.84 -6.50
C2B NDP P . 0.09 -23.35 -8.66
O2B NDP P . 1.43 -23.34 -9.14
C1B NDP P . -0.43 -24.71 -8.42
N9A NDP P . -0.76 -25.36 -9.67
C8A NDP P . -1.43 -24.85 -10.70
N7A NDP P . -1.57 -25.73 -11.69
C5A NDP P . -0.96 -26.78 -11.23
C6A NDP P . -0.93 -28.00 -11.87
N6A NDP P . -1.52 -28.19 -13.05
N1A NDP P . -0.31 -28.99 -11.21
C2A NDP P . 0.22 -28.79 -10.01
N3A NDP P . 0.14 -27.64 -9.36
C4A NDP P . -0.46 -26.60 -9.97
O3 NDP P . -4.04 -19.83 -5.54
PN NDP P . -4.92 -19.80 -4.23
O1N NDP P . -5.30 -18.42 -3.80
O2N NDP P . -4.19 -20.69 -3.27
O5D NDP P . -6.28 -20.49 -4.63
C5D NDP P . -6.21 -21.75 -5.32
C4D NDP P . -7.63 -22.22 -5.50
O4D NDP P . -8.23 -22.09 -4.20
C3D NDP P . -8.40 -21.28 -6.43
O3D NDP P . -9.46 -22.04 -6.97
C2D NDP P . -9.14 -20.31 -5.52
O2D NDP P . -10.32 -19.72 -6.06
C1D NDP P . -9.40 -21.18 -4.31
N1N NDP P . -9.65 -20.33 -3.13
C2N NDP P . -8.83 -19.22 -2.82
C3N NDP P . -9.03 -18.51 -1.62
C7N NDP P . -8.16 -17.33 -1.20
O7N NDP P . -8.63 -16.40 -0.53
N7N NDP P . -6.90 -17.33 -1.66
C4N NDP P . -10.04 -18.93 -0.75
C5N NDP P . -10.84 -20.03 -1.06
C6N NDP P . -10.66 -20.73 -2.26
P2B NDP P . 1.80 -22.31 -10.34
O1X NDP P . 1.25 -22.74 -11.80
O2X NDP P . 3.43 -22.39 -10.44
O3X NDP P . 1.33 -20.93 -10.05
#